data_1DY3
# 
_entry.id   1DY3 
# 
_audit_conform.dict_name       mmcif_pdbx.dic 
_audit_conform.dict_version    5.391 
_audit_conform.dict_location   http://mmcif.pdb.org/dictionaries/ascii/mmcif_pdbx.dic 
# 
loop_
_database_2.database_id 
_database_2.database_code 
_database_2.pdbx_database_accession 
_database_2.pdbx_DOI 
PDB   1DY3         pdb_00001dy3 10.2210/pdb1dy3/pdb 
PDBE  EBI-4524     ?            ?                   
WWPDB D_1290004524 ?            ?                   
# 
loop_
_pdbx_audit_revision_history.ordinal 
_pdbx_audit_revision_history.data_content_type 
_pdbx_audit_revision_history.major_revision 
_pdbx_audit_revision_history.minor_revision 
_pdbx_audit_revision_history.revision_date 
1 'Structure model' 1 0 2000-08-18 
2 'Structure model' 1 1 2011-05-07 
3 'Structure model' 1 2 2011-07-13 
4 'Structure model' 1 3 2024-05-08 
# 
_pdbx_audit_revision_details.ordinal             1 
_pdbx_audit_revision_details.revision_ordinal    1 
_pdbx_audit_revision_details.data_content_type   'Structure model' 
_pdbx_audit_revision_details.provider            repository 
_pdbx_audit_revision_details.type                'Initial release' 
_pdbx_audit_revision_details.description         ? 
_pdbx_audit_revision_details.details             ? 
# 
loop_
_pdbx_audit_revision_group.ordinal 
_pdbx_audit_revision_group.revision_ordinal 
_pdbx_audit_revision_group.data_content_type 
_pdbx_audit_revision_group.group 
1 2 'Structure model' 'Version format compliance' 
2 3 'Structure model' 'Version format compliance' 
3 4 'Structure model' 'Data collection'           
4 4 'Structure model' 'Database references'       
5 4 'Structure model' 'Derived calculations'      
6 4 'Structure model' 'Source and taxonomy'       
7 4 'Structure model' 'Structure summary'         
# 
loop_
_pdbx_audit_revision_category.ordinal 
_pdbx_audit_revision_category.revision_ordinal 
_pdbx_audit_revision_category.data_content_type 
_pdbx_audit_revision_category.category 
1  4 'Structure model' chem_comp_atom         
2  4 'Structure model' chem_comp_bond         
3  4 'Structure model' database_2             
4  4 'Structure model' entity                 
5  4 'Structure model' entity_name_com        
6  4 'Structure model' entity_src_gen         
7  4 'Structure model' pdbx_struct_conn_angle 
8  4 'Structure model' struct_conn            
9  4 'Structure model' struct_ref             
10 4 'Structure model' struct_ref_seq         
11 4 'Structure model' struct_site            
# 
loop_
_pdbx_audit_revision_item.ordinal 
_pdbx_audit_revision_item.revision_ordinal 
_pdbx_audit_revision_item.data_content_type 
_pdbx_audit_revision_item.item 
1  4 'Structure model' '_database_2.pdbx_DOI'                          
2  4 'Structure model' '_database_2.pdbx_database_accession'           
3  4 'Structure model' '_entity.pdbx_description'                      
4  4 'Structure model' '_entity_name_com.name'                         
5  4 'Structure model' '_entity_src_gen.pdbx_beg_seq_num'              
6  4 'Structure model' '_entity_src_gen.pdbx_end_seq_num'              
7  4 'Structure model' '_entity_src_gen.pdbx_gene_src_gene'            
8  4 'Structure model' '_entity_src_gen.pdbx_gene_src_scientific_name' 
9  4 'Structure model' '_entity_src_gen.pdbx_seq_type'                 
10 4 'Structure model' '_pdbx_struct_conn_angle.ptnr1_auth_comp_id'    
11 4 'Structure model' '_pdbx_struct_conn_angle.ptnr1_auth_seq_id'     
12 4 'Structure model' '_pdbx_struct_conn_angle.ptnr1_label_asym_id'   
13 4 'Structure model' '_pdbx_struct_conn_angle.ptnr1_label_atom_id'   
14 4 'Structure model' '_pdbx_struct_conn_angle.ptnr1_label_comp_id'   
15 4 'Structure model' '_pdbx_struct_conn_angle.ptnr1_label_seq_id'    
16 4 'Structure model' '_pdbx_struct_conn_angle.ptnr3_auth_comp_id'    
17 4 'Structure model' '_pdbx_struct_conn_angle.ptnr3_auth_seq_id'     
18 4 'Structure model' '_pdbx_struct_conn_angle.ptnr3_label_asym_id'   
19 4 'Structure model' '_pdbx_struct_conn_angle.ptnr3_label_atom_id'   
20 4 'Structure model' '_pdbx_struct_conn_angle.ptnr3_label_comp_id'   
21 4 'Structure model' '_pdbx_struct_conn_angle.ptnr3_label_seq_id'    
22 4 'Structure model' '_pdbx_struct_conn_angle.value'                 
23 4 'Structure model' '_struct_conn.pdbx_dist_value'                  
24 4 'Structure model' '_struct_conn.ptnr1_auth_comp_id'               
25 4 'Structure model' '_struct_conn.ptnr1_auth_seq_id'                
26 4 'Structure model' '_struct_conn.ptnr1_label_asym_id'              
27 4 'Structure model' '_struct_conn.ptnr1_label_atom_id'              
28 4 'Structure model' '_struct_conn.ptnr1_label_comp_id'              
29 4 'Structure model' '_struct_conn.ptnr1_label_seq_id'               
30 4 'Structure model' '_struct_conn.ptnr2_auth_comp_id'               
31 4 'Structure model' '_struct_conn.ptnr2_auth_seq_id'                
32 4 'Structure model' '_struct_conn.ptnr2_label_asym_id'              
33 4 'Structure model' '_struct_conn.ptnr2_label_atom_id'              
34 4 'Structure model' '_struct_conn.ptnr2_label_comp_id'              
35 4 'Structure model' '_struct_conn.ptnr2_label_seq_id'               
36 4 'Structure model' '_struct_ref.pdbx_align_begin'                  
37 4 'Structure model' '_struct_ref.pdbx_seq_one_letter_code'          
38 4 'Structure model' '_struct_ref_seq.db_align_beg'                  
39 4 'Structure model' '_struct_ref_seq.db_align_end'                  
40 4 'Structure model' '_struct_site.pdbx_auth_asym_id'                
41 4 'Structure model' '_struct_site.pdbx_auth_comp_id'                
42 4 'Structure model' '_struct_site.pdbx_auth_seq_id'                 
# 
_pdbx_database_status.status_code                     REL 
_pdbx_database_status.entry_id                        1DY3 
_pdbx_database_status.deposit_site                    PDBE 
_pdbx_database_status.process_site                    PDBE 
_pdbx_database_status.SG_entry                        . 
_pdbx_database_status.recvd_initial_deposition_date   2000-01-21 
_pdbx_database_status.pdb_format_compatible           Y 
_pdbx_database_status.status_code_sf                  ? 
_pdbx_database_status.status_code_mr                  ? 
_pdbx_database_status.status_code_cs                  ? 
_pdbx_database_status.methods_development_category    ? 
_pdbx_database_status.status_code_nmr_data            ? 
# 
_pdbx_database_related.db_name        PDB 
_pdbx_database_related.db_id          1HKA 
_pdbx_database_related.content_type   unspecified 
_pdbx_database_related.details        '6-HYDROXYMETHYL-7,8-DIHYDROPTERIN PYROPHOSPHOKINASE' 
# 
loop_
_audit_author.name 
_audit_author.pdbx_ordinal 
'Stammers, D.K.'  1 
'Achari, A.'      2 
'Somers, D.O.'    3 
'Bryant, P.K.'    4 
'Rosemond, J.'    5 
'Scott, D.L.'     6 
'Champness, J.N.' 7 
# 
_citation.id                        primary 
_citation.title                     
;2.0A X-Ray Structure of the Ternary Complex of 7,8-Dihydro-6-Hydroxymethylpterinpyrophosphokinase from Escherichia Coli with ATP and a Substrate Analogue
;
_citation.journal_abbrev            'FEBS Lett.' 
_citation.journal_volume            456 
_citation.page_first                49 
_citation.page_last                 ? 
_citation.year                      1999 
_citation.journal_id_ASTM           FEBLAL 
_citation.country                   NE 
_citation.journal_id_ISSN           0014-5793 
_citation.journal_id_CSD            0165 
_citation.book_publisher            ? 
_citation.pdbx_database_id_PubMed   10452528 
_citation.pdbx_database_id_DOI      '10.1016/S0014-5793(99)00860-1' 
# 
loop_
_citation_author.citation_id 
_citation_author.name 
_citation_author.ordinal 
_citation_author.identifier_ORCID 
primary 'Stammers, D.K.'  1 ? 
primary 'Achari, A.'      2 ? 
primary 'Somers, D.O.'    3 ? 
primary 'Bryant, P.K.'    4 ? 
primary 'Rosemond, J.'    5 ? 
primary 'Scott, D.L.'     6 ? 
primary 'Champness, J.N.' 7 ? 
# 
loop_
_entity.id 
_entity.type 
_entity.src_method 
_entity.pdbx_description 
_entity.formula_weight 
_entity.pdbx_number_of_molecules 
_entity.pdbx_ec 
_entity.pdbx_mutation 
_entity.pdbx_fragment 
_entity.details 
1 polymer     man '2-amino-4-hydroxy-6-hydroxymethyldihydropteridine pyrophosphokinase' 17966.535 1   2.7.6.3 ? ? ? 
2 non-polymer syn "ADENOSINE-5'-TRIPHOSPHATE"                                           507.181   1   ?       ? ? ? 
3 non-polymer syn '7,8-DIHYDRO-6-HYDROXYMETHYL-7-METHYL-7-[2-PHENYLETHYL]-PTERIN'       313.354   1   ?       ? ? ? 
4 non-polymer syn 'MAGNESIUM ION'                                                       24.305    2   ?       ? ? ? 
5 water       nat water                                                                 18.015    141 ?       ? ? ? 
# 
_entity_name_com.entity_id   1 
_entity_name_com.name        
'6-hydroxymethyl-7,8-dihydropterin pyrophosphokinase,PPPK,7,8-dihydro-6-hydroxymethylpterin-pyrophosphokinase,HPPK' 
# 
_entity_poly.entity_id                      1 
_entity_poly.type                           'polypeptide(L)' 
_entity_poly.nstd_linkage                   no 
_entity_poly.nstd_monomer                   no 
_entity_poly.pdbx_seq_one_letter_code       
;TVAYIAIGSNLASPLEQVNAALKALGDIPESHILTVSSFYRTPPLGPQDQPDYLNAAVALETSLAPEELLNHTQRIELQQ
GRVRKAERWGPRTLDLDIMLFGNEVINTERLTVPHYDMKNRGFMLWPLFEIAPELVFPDGEMLRQILHTRAFDKLNKW
;
_entity_poly.pdbx_seq_one_letter_code_can   
;TVAYIAIGSNLASPLEQVNAALKALGDIPESHILTVSSFYRTPPLGPQDQPDYLNAAVALETSLAPEELLNHTQRIELQQ
GRVRKAERWGPRTLDLDIMLFGNEVINTERLTVPHYDMKNRGFMLWPLFEIAPELVFPDGEMLRQILHTRAFDKLNKW
;
_entity_poly.pdbx_strand_id                 A 
_entity_poly.pdbx_target_identifier         ? 
# 
loop_
_pdbx_entity_nonpoly.entity_id 
_pdbx_entity_nonpoly.name 
_pdbx_entity_nonpoly.comp_id 
2 "ADENOSINE-5'-TRIPHOSPHATE"                                     ATP 
3 '7,8-DIHYDRO-6-HYDROXYMETHYL-7-METHYL-7-[2-PHENYLETHYL]-PTERIN' 87Y 
4 'MAGNESIUM ION'                                                 MG  
5 water                                                           HOH 
# 
loop_
_entity_poly_seq.entity_id 
_entity_poly_seq.num 
_entity_poly_seq.mon_id 
_entity_poly_seq.hetero 
1 1   THR n 
1 2   VAL n 
1 3   ALA n 
1 4   TYR n 
1 5   ILE n 
1 6   ALA n 
1 7   ILE n 
1 8   GLY n 
1 9   SER n 
1 10  ASN n 
1 11  LEU n 
1 12  ALA n 
1 13  SER n 
1 14  PRO n 
1 15  LEU n 
1 16  GLU n 
1 17  GLN n 
1 18  VAL n 
1 19  ASN n 
1 20  ALA n 
1 21  ALA n 
1 22  LEU n 
1 23  LYS n 
1 24  ALA n 
1 25  LEU n 
1 26  GLY n 
1 27  ASP n 
1 28  ILE n 
1 29  PRO n 
1 30  GLU n 
1 31  SER n 
1 32  HIS n 
1 33  ILE n 
1 34  LEU n 
1 35  THR n 
1 36  VAL n 
1 37  SER n 
1 38  SER n 
1 39  PHE n 
1 40  TYR n 
1 41  ARG n 
1 42  THR n 
1 43  PRO n 
1 44  PRO n 
1 45  LEU n 
1 46  GLY n 
1 47  PRO n 
1 48  GLN n 
1 49  ASP n 
1 50  GLN n 
1 51  PRO n 
1 52  ASP n 
1 53  TYR n 
1 54  LEU n 
1 55  ASN n 
1 56  ALA n 
1 57  ALA n 
1 58  VAL n 
1 59  ALA n 
1 60  LEU n 
1 61  GLU n 
1 62  THR n 
1 63  SER n 
1 64  LEU n 
1 65  ALA n 
1 66  PRO n 
1 67  GLU n 
1 68  GLU n 
1 69  LEU n 
1 70  LEU n 
1 71  ASN n 
1 72  HIS n 
1 73  THR n 
1 74  GLN n 
1 75  ARG n 
1 76  ILE n 
1 77  GLU n 
1 78  LEU n 
1 79  GLN n 
1 80  GLN n 
1 81  GLY n 
1 82  ARG n 
1 83  VAL n 
1 84  ARG n 
1 85  LYS n 
1 86  ALA n 
1 87  GLU n 
1 88  ARG n 
1 89  TRP n 
1 90  GLY n 
1 91  PRO n 
1 92  ARG n 
1 93  THR n 
1 94  LEU n 
1 95  ASP n 
1 96  LEU n 
1 97  ASP n 
1 98  ILE n 
1 99  MET n 
1 100 LEU n 
1 101 PHE n 
1 102 GLY n 
1 103 ASN n 
1 104 GLU n 
1 105 VAL n 
1 106 ILE n 
1 107 ASN n 
1 108 THR n 
1 109 GLU n 
1 110 ARG n 
1 111 LEU n 
1 112 THR n 
1 113 VAL n 
1 114 PRO n 
1 115 HIS n 
1 116 TYR n 
1 117 ASP n 
1 118 MET n 
1 119 LYS n 
1 120 ASN n 
1 121 ARG n 
1 122 GLY n 
1 123 PHE n 
1 124 MET n 
1 125 LEU n 
1 126 TRP n 
1 127 PRO n 
1 128 LEU n 
1 129 PHE n 
1 130 GLU n 
1 131 ILE n 
1 132 ALA n 
1 133 PRO n 
1 134 GLU n 
1 135 LEU n 
1 136 VAL n 
1 137 PHE n 
1 138 PRO n 
1 139 ASP n 
1 140 GLY n 
1 141 GLU n 
1 142 MET n 
1 143 LEU n 
1 144 ARG n 
1 145 GLN n 
1 146 ILE n 
1 147 LEU n 
1 148 HIS n 
1 149 THR n 
1 150 ARG n 
1 151 ALA n 
1 152 PHE n 
1 153 ASP n 
1 154 LYS n 
1 155 LEU n 
1 156 ASN n 
1 157 LYS n 
1 158 TRP n 
# 
_entity_src_gen.entity_id                          1 
_entity_src_gen.pdbx_src_id                        1 
_entity_src_gen.pdbx_alt_source_flag               sample 
_entity_src_gen.pdbx_seq_type                      'Biological sequence' 
_entity_src_gen.pdbx_beg_seq_num                   1 
_entity_src_gen.pdbx_end_seq_num                   158 
_entity_src_gen.gene_src_common_name               ? 
_entity_src_gen.gene_src_genus                     ? 
_entity_src_gen.pdbx_gene_src_gene                 'folK, b0142, JW0138' 
_entity_src_gen.gene_src_species                   ? 
_entity_src_gen.gene_src_strain                    ? 
_entity_src_gen.gene_src_tissue                    ? 
_entity_src_gen.gene_src_tissue_fraction           ? 
_entity_src_gen.gene_src_details                   ? 
_entity_src_gen.pdbx_gene_src_fragment             ? 
_entity_src_gen.pdbx_gene_src_scientific_name      'Escherichia coli' 
_entity_src_gen.pdbx_gene_src_ncbi_taxonomy_id     562 
_entity_src_gen.pdbx_gene_src_variant              ? 
_entity_src_gen.pdbx_gene_src_cell_line            ? 
_entity_src_gen.pdbx_gene_src_atcc                 ? 
_entity_src_gen.pdbx_gene_src_organ                ? 
_entity_src_gen.pdbx_gene_src_organelle            ? 
_entity_src_gen.pdbx_gene_src_cell                 ? 
_entity_src_gen.pdbx_gene_src_cellular_location    ? 
_entity_src_gen.host_org_common_name               ? 
_entity_src_gen.pdbx_host_org_scientific_name      'ESCHERICHIA COLI' 
_entity_src_gen.pdbx_host_org_ncbi_taxonomy_id     562 
_entity_src_gen.host_org_genus                     ? 
_entity_src_gen.pdbx_host_org_gene                 ? 
_entity_src_gen.pdbx_host_org_organ                ? 
_entity_src_gen.host_org_species                   ? 
_entity_src_gen.pdbx_host_org_tissue               ? 
_entity_src_gen.pdbx_host_org_tissue_fraction      ? 
_entity_src_gen.pdbx_host_org_strain               ? 
_entity_src_gen.pdbx_host_org_variant              ? 
_entity_src_gen.pdbx_host_org_cell_line            ? 
_entity_src_gen.pdbx_host_org_atcc                 ? 
_entity_src_gen.pdbx_host_org_culture_collection   ? 
_entity_src_gen.pdbx_host_org_cell                 ? 
_entity_src_gen.pdbx_host_org_organelle            ? 
_entity_src_gen.pdbx_host_org_cellular_location    CYTOPLASM 
_entity_src_gen.pdbx_host_org_vector_type          PLASMID 
_entity_src_gen.pdbx_host_org_vector               ? 
_entity_src_gen.host_org_details                   ? 
_entity_src_gen.expression_system_id               ? 
_entity_src_gen.plasmid_name                       ? 
_entity_src_gen.plasmid_details                    ? 
_entity_src_gen.pdbx_description                   ? 
# 
loop_
_chem_comp.id 
_chem_comp.type 
_chem_comp.mon_nstd_flag 
_chem_comp.name 
_chem_comp.pdbx_synonyms 
_chem_comp.formula 
_chem_comp.formula_weight 
87Y non-polymer         . '7,8-DIHYDRO-6-HYDROXYMETHYL-7-METHYL-7-[2-PHENYLETHYL]-PTERIN' 
;2-AMINO-6-HYDROXYMETHYL-7-METHYL-7-PHENETHYL-7,8-DIHYDRO-3H-PTERIDIN-4-ONE; 7,8-DIHYDRO-6-HYDROXYMETHYL-7-METHYL-7-[2-PHENYLETHYL]-PTERIN
;
'C16 H19 N5 O2'     313.354 
ALA 'L-peptide linking' y ALANINE                                                         ? 'C3 H7 N O2'        89.093  
ARG 'L-peptide linking' y ARGININE                                                        ? 'C6 H15 N4 O2 1'    175.209 
ASN 'L-peptide linking' y ASPARAGINE                                                      ? 'C4 H8 N2 O3'       132.118 
ASP 'L-peptide linking' y 'ASPARTIC ACID'                                                 ? 'C4 H7 N O4'        133.103 
ATP non-polymer         . "ADENOSINE-5'-TRIPHOSPHATE"                                     ? 'C10 H16 N5 O13 P3' 507.181 
GLN 'L-peptide linking' y GLUTAMINE                                                       ? 'C5 H10 N2 O3'      146.144 
GLU 'L-peptide linking' y 'GLUTAMIC ACID'                                                 ? 'C5 H9 N O4'        147.129 
GLY 'peptide linking'   y GLYCINE                                                         ? 'C2 H5 N O2'        75.067  
HIS 'L-peptide linking' y HISTIDINE                                                       ? 'C6 H10 N3 O2 1'    156.162 
HOH non-polymer         . WATER                                                           ? 'H2 O'              18.015  
ILE 'L-peptide linking' y ISOLEUCINE                                                      ? 'C6 H13 N O2'       131.173 
LEU 'L-peptide linking' y LEUCINE                                                         ? 'C6 H13 N O2'       131.173 
LYS 'L-peptide linking' y LYSINE                                                          ? 'C6 H15 N2 O2 1'    147.195 
MET 'L-peptide linking' y METHIONINE                                                      ? 'C5 H11 N O2 S'     149.211 
MG  non-polymer         . 'MAGNESIUM ION'                                                 ? 'Mg 2'              24.305  
PHE 'L-peptide linking' y PHENYLALANINE                                                   ? 'C9 H11 N O2'       165.189 
PRO 'L-peptide linking' y PROLINE                                                         ? 'C5 H9 N O2'        115.130 
SER 'L-peptide linking' y SERINE                                                          ? 'C3 H7 N O3'        105.093 
THR 'L-peptide linking' y THREONINE                                                       ? 'C4 H9 N O3'        119.119 
TRP 'L-peptide linking' y TRYPTOPHAN                                                      ? 'C11 H12 N2 O2'     204.225 
TYR 'L-peptide linking' y TYROSINE                                                        ? 'C9 H11 N O3'       181.189 
VAL 'L-peptide linking' y VALINE                                                          ? 'C5 H11 N O2'       117.146 
# 
loop_
_pdbx_poly_seq_scheme.asym_id 
_pdbx_poly_seq_scheme.entity_id 
_pdbx_poly_seq_scheme.seq_id 
_pdbx_poly_seq_scheme.mon_id 
_pdbx_poly_seq_scheme.ndb_seq_num 
_pdbx_poly_seq_scheme.pdb_seq_num 
_pdbx_poly_seq_scheme.auth_seq_num 
_pdbx_poly_seq_scheme.pdb_mon_id 
_pdbx_poly_seq_scheme.auth_mon_id 
_pdbx_poly_seq_scheme.pdb_strand_id 
_pdbx_poly_seq_scheme.pdb_ins_code 
_pdbx_poly_seq_scheme.hetero 
A 1 1   THR 1   1   1   THR THR A . n 
A 1 2   VAL 2   2   2   VAL VAL A . n 
A 1 3   ALA 3   3   3   ALA ALA A . n 
A 1 4   TYR 4   4   4   TYR TYR A . n 
A 1 5   ILE 5   5   5   ILE ILE A . n 
A 1 6   ALA 6   6   6   ALA ALA A . n 
A 1 7   ILE 7   7   7   ILE ILE A . n 
A 1 8   GLY 8   8   8   GLY GLY A . n 
A 1 9   SER 9   9   9   SER SER A . n 
A 1 10  ASN 10  10  10  ASN ASN A . n 
A 1 11  LEU 11  11  11  LEU LEU A . n 
A 1 12  ALA 12  12  12  ALA ALA A . n 
A 1 13  SER 13  13  13  SER SER A . n 
A 1 14  PRO 14  14  14  PRO PRO A . n 
A 1 15  LEU 15  15  15  LEU LEU A . n 
A 1 16  GLU 16  16  16  GLU GLU A . n 
A 1 17  GLN 17  17  17  GLN GLN A . n 
A 1 18  VAL 18  18  18  VAL VAL A . n 
A 1 19  ASN 19  19  19  ASN ASN A . n 
A 1 20  ALA 20  20  20  ALA ALA A . n 
A 1 21  ALA 21  21  21  ALA ALA A . n 
A 1 22  LEU 22  22  22  LEU LEU A . n 
A 1 23  LYS 23  23  23  LYS LYS A . n 
A 1 24  ALA 24  24  24  ALA ALA A . n 
A 1 25  LEU 25  25  25  LEU LEU A . n 
A 1 26  GLY 26  26  26  GLY GLY A . n 
A 1 27  ASP 27  27  27  ASP ASP A . n 
A 1 28  ILE 28  28  28  ILE ILE A . n 
A 1 29  PRO 29  29  29  PRO PRO A . n 
A 1 30  GLU 30  30  30  GLU GLU A . n 
A 1 31  SER 31  31  31  SER SER A . n 
A 1 32  HIS 32  32  32  HIS HIS A . n 
A 1 33  ILE 33  33  33  ILE ILE A . n 
A 1 34  LEU 34  34  34  LEU LEU A . n 
A 1 35  THR 35  35  35  THR THR A . n 
A 1 36  VAL 36  36  36  VAL VAL A . n 
A 1 37  SER 37  37  37  SER SER A . n 
A 1 38  SER 38  38  38  SER SER A . n 
A 1 39  PHE 39  39  39  PHE PHE A . n 
A 1 40  TYR 40  40  40  TYR TYR A . n 
A 1 41  ARG 41  41  41  ARG ARG A . n 
A 1 42  THR 42  42  42  THR THR A . n 
A 1 43  PRO 43  43  43  PRO PRO A . n 
A 1 44  PRO 44  44  44  PRO PRO A . n 
A 1 45  LEU 45  45  45  LEU LEU A . n 
A 1 46  GLY 46  46  46  GLY GLY A . n 
A 1 47  PRO 47  47  47  PRO PRO A . n 
A 1 48  GLN 48  48  48  GLN GLN A . n 
A 1 49  ASP 49  49  49  ASP ASP A . n 
A 1 50  GLN 50  50  50  GLN GLN A . n 
A 1 51  PRO 51  51  51  PRO PRO A . n 
A 1 52  ASP 52  52  52  ASP ASP A . n 
A 1 53  TYR 53  53  53  TYR TYR A . n 
A 1 54  LEU 54  54  54  LEU LEU A . n 
A 1 55  ASN 55  55  55  ASN ASN A . n 
A 1 56  ALA 56  56  56  ALA ALA A . n 
A 1 57  ALA 57  57  57  ALA ALA A . n 
A 1 58  VAL 58  58  58  VAL VAL A . n 
A 1 59  ALA 59  59  59  ALA ALA A . n 
A 1 60  LEU 60  60  60  LEU LEU A . n 
A 1 61  GLU 61  61  61  GLU GLU A . n 
A 1 62  THR 62  62  62  THR THR A . n 
A 1 63  SER 63  63  63  SER SER A . n 
A 1 64  LEU 64  64  64  LEU LEU A . n 
A 1 65  ALA 65  65  65  ALA ALA A . n 
A 1 66  PRO 66  66  66  PRO PRO A . n 
A 1 67  GLU 67  67  67  GLU GLU A . n 
A 1 68  GLU 68  68  68  GLU GLU A . n 
A 1 69  LEU 69  69  69  LEU LEU A . n 
A 1 70  LEU 70  70  70  LEU LEU A . n 
A 1 71  ASN 71  71  71  ASN ASN A . n 
A 1 72  HIS 72  72  72  HIS HIS A . n 
A 1 73  THR 73  73  73  THR THR A . n 
A 1 74  GLN 74  74  74  GLN GLN A . n 
A 1 75  ARG 75  75  75  ARG ARG A . n 
A 1 76  ILE 76  76  76  ILE ILE A . n 
A 1 77  GLU 77  77  77  GLU GLU A . n 
A 1 78  LEU 78  78  78  LEU LEU A . n 
A 1 79  GLN 79  79  79  GLN GLN A . n 
A 1 80  GLN 80  80  80  GLN GLN A . n 
A 1 81  GLY 81  81  81  GLY GLY A . n 
A 1 82  ARG 82  82  82  ARG ARG A . n 
A 1 83  VAL 83  83  83  VAL VAL A . n 
A 1 84  ARG 84  84  84  ARG ARG A . n 
A 1 85  LYS 85  85  85  LYS LYS A . n 
A 1 86  ALA 86  86  86  ALA ALA A . n 
A 1 87  GLU 87  87  87  GLU GLU A . n 
A 1 88  ARG 88  88  88  ARG ARG A . n 
A 1 89  TRP 89  89  89  TRP TRP A . n 
A 1 90  GLY 90  90  90  GLY GLY A . n 
A 1 91  PRO 91  91  91  PRO PRO A . n 
A 1 92  ARG 92  92  92  ARG ARG A . n 
A 1 93  THR 93  93  93  THR THR A . n 
A 1 94  LEU 94  94  94  LEU LEU A . n 
A 1 95  ASP 95  95  95  ASP ASP A . n 
A 1 96  LEU 96  96  96  LEU LEU A . n 
A 1 97  ASP 97  97  97  ASP ASP A . n 
A 1 98  ILE 98  98  98  ILE ILE A . n 
A 1 99  MET 99  99  99  MET MET A . n 
A 1 100 LEU 100 100 100 LEU LEU A . n 
A 1 101 PHE 101 101 101 PHE PHE A . n 
A 1 102 GLY 102 102 102 GLY GLY A . n 
A 1 103 ASN 103 103 103 ASN ASN A . n 
A 1 104 GLU 104 104 104 GLU GLU A . n 
A 1 105 VAL 105 105 105 VAL VAL A . n 
A 1 106 ILE 106 106 106 ILE ILE A . n 
A 1 107 ASN 107 107 107 ASN ASN A . n 
A 1 108 THR 108 108 108 THR THR A . n 
A 1 109 GLU 109 109 109 GLU GLU A . n 
A 1 110 ARG 110 110 110 ARG ARG A . n 
A 1 111 LEU 111 111 111 LEU LEU A . n 
A 1 112 THR 112 112 112 THR THR A . n 
A 1 113 VAL 113 113 113 VAL VAL A . n 
A 1 114 PRO 114 114 114 PRO PRO A . n 
A 1 115 HIS 115 115 115 HIS HIS A . n 
A 1 116 TYR 116 116 116 TYR TYR A . n 
A 1 117 ASP 117 117 117 ASP ASP A . n 
A 1 118 MET 118 118 118 MET MET A . n 
A 1 119 LYS 119 119 119 LYS LYS A . n 
A 1 120 ASN 120 120 120 ASN ASN A . n 
A 1 121 ARG 121 121 121 ARG ARG A . n 
A 1 122 GLY 122 122 122 GLY GLY A . n 
A 1 123 PHE 123 123 123 PHE PHE A . n 
A 1 124 MET 124 124 124 MET MET A . n 
A 1 125 LEU 125 125 125 LEU LEU A . n 
A 1 126 TRP 126 126 126 TRP TRP A . n 
A 1 127 PRO 127 127 127 PRO PRO A . n 
A 1 128 LEU 128 128 128 LEU LEU A . n 
A 1 129 PHE 129 129 129 PHE PHE A . n 
A 1 130 GLU 130 130 130 GLU GLU A . n 
A 1 131 ILE 131 131 131 ILE ILE A . n 
A 1 132 ALA 132 132 132 ALA ALA A . n 
A 1 133 PRO 133 133 133 PRO PRO A . n 
A 1 134 GLU 134 134 134 GLU GLU A . n 
A 1 135 LEU 135 135 135 LEU LEU A . n 
A 1 136 VAL 136 136 136 VAL VAL A . n 
A 1 137 PHE 137 137 137 PHE PHE A . n 
A 1 138 PRO 138 138 138 PRO PRO A . n 
A 1 139 ASP 139 139 139 ASP ASP A . n 
A 1 140 GLY 140 140 140 GLY GLY A . n 
A 1 141 GLU 141 141 141 GLU GLU A . n 
A 1 142 MET 142 142 142 MET MET A . n 
A 1 143 LEU 143 143 143 LEU LEU A . n 
A 1 144 ARG 144 144 144 ARG ARG A . n 
A 1 145 GLN 145 145 145 GLN GLN A . n 
A 1 146 ILE 146 146 146 ILE ILE A . n 
A 1 147 LEU 147 147 147 LEU LEU A . n 
A 1 148 HIS 148 148 148 HIS HIS A . n 
A 1 149 THR 149 149 149 THR THR A . n 
A 1 150 ARG 150 150 150 ARG ARG A . n 
A 1 151 ALA 151 151 151 ALA ALA A . n 
A 1 152 PHE 152 152 152 PHE PHE A . n 
A 1 153 ASP 153 153 153 ASP ASP A . n 
A 1 154 LYS 154 154 154 LYS LYS A . n 
A 1 155 LEU 155 155 155 LEU LEU A . n 
A 1 156 ASN 156 156 156 ASN ASN A . n 
A 1 157 LYS 157 157 157 LYS LYS A . n 
A 1 158 TRP 158 158 158 TRP TRP A . n 
# 
loop_
_pdbx_nonpoly_scheme.asym_id 
_pdbx_nonpoly_scheme.entity_id 
_pdbx_nonpoly_scheme.mon_id 
_pdbx_nonpoly_scheme.ndb_seq_num 
_pdbx_nonpoly_scheme.pdb_seq_num 
_pdbx_nonpoly_scheme.auth_seq_num 
_pdbx_nonpoly_scheme.pdb_mon_id 
_pdbx_nonpoly_scheme.auth_mon_id 
_pdbx_nonpoly_scheme.pdb_strand_id 
_pdbx_nonpoly_scheme.pdb_ins_code 
B 2 ATP 1   200  200  ATP ATP A . 
C 3 87Y 1   201  201  87Y 87Y A . 
D 4 MG  1   202  202  MG  MG  A . 
E 4 MG  1   203  203  MG  MG  A . 
F 5 HOH 1   2001 2001 HOH HOH A . 
F 5 HOH 2   2002 2002 HOH HOH A . 
F 5 HOH 3   2003 2003 HOH HOH A . 
F 5 HOH 4   2004 2004 HOH HOH A . 
F 5 HOH 5   2005 2005 HOH HOH A . 
F 5 HOH 6   2006 2006 HOH HOH A . 
F 5 HOH 7   2007 2007 HOH HOH A . 
F 5 HOH 8   2008 2008 HOH HOH A . 
F 5 HOH 9   2009 2009 HOH HOH A . 
F 5 HOH 10  2010 2010 HOH HOH A . 
F 5 HOH 11  2011 2011 HOH HOH A . 
F 5 HOH 12  2012 2012 HOH HOH A . 
F 5 HOH 13  2013 2013 HOH HOH A . 
F 5 HOH 14  2014 2014 HOH HOH A . 
F 5 HOH 15  2015 2015 HOH HOH A . 
F 5 HOH 16  2016 2016 HOH HOH A . 
F 5 HOH 17  2017 2017 HOH HOH A . 
F 5 HOH 18  2018 2018 HOH HOH A . 
F 5 HOH 19  2019 2019 HOH HOH A . 
F 5 HOH 20  2020 2020 HOH HOH A . 
F 5 HOH 21  2021 2021 HOH HOH A . 
F 5 HOH 22  2022 2022 HOH HOH A . 
F 5 HOH 23  2023 2023 HOH HOH A . 
F 5 HOH 24  2024 2024 HOH HOH A . 
F 5 HOH 25  2025 2025 HOH HOH A . 
F 5 HOH 26  2026 2026 HOH HOH A . 
F 5 HOH 27  2027 2027 HOH HOH A . 
F 5 HOH 28  2028 2028 HOH HOH A . 
F 5 HOH 29  2029 2029 HOH HOH A . 
F 5 HOH 30  2030 2030 HOH HOH A . 
F 5 HOH 31  2031 2031 HOH HOH A . 
F 5 HOH 32  2032 2032 HOH HOH A . 
F 5 HOH 33  2033 2033 HOH HOH A . 
F 5 HOH 34  2034 2034 HOH HOH A . 
F 5 HOH 35  2035 2035 HOH HOH A . 
F 5 HOH 36  2036 2036 HOH HOH A . 
F 5 HOH 37  2037 2037 HOH HOH A . 
F 5 HOH 38  2038 2038 HOH HOH A . 
F 5 HOH 39  2039 2039 HOH HOH A . 
F 5 HOH 40  2040 2040 HOH HOH A . 
F 5 HOH 41  2041 2041 HOH HOH A . 
F 5 HOH 42  2042 2042 HOH HOH A . 
F 5 HOH 43  2043 2043 HOH HOH A . 
F 5 HOH 44  2044 2044 HOH HOH A . 
F 5 HOH 45  2045 2045 HOH HOH A . 
F 5 HOH 46  2046 2046 HOH HOH A . 
F 5 HOH 47  2047 2047 HOH HOH A . 
F 5 HOH 48  2048 2048 HOH HOH A . 
F 5 HOH 49  2049 2049 HOH HOH A . 
F 5 HOH 50  2050 2050 HOH HOH A . 
F 5 HOH 51  2051 2051 HOH HOH A . 
F 5 HOH 52  2052 2052 HOH HOH A . 
F 5 HOH 53  2053 2053 HOH HOH A . 
F 5 HOH 54  2054 2054 HOH HOH A . 
F 5 HOH 55  2055 2055 HOH HOH A . 
F 5 HOH 56  2056 2056 HOH HOH A . 
F 5 HOH 57  2057 2057 HOH HOH A . 
F 5 HOH 58  2058 2058 HOH HOH A . 
F 5 HOH 59  2059 2059 HOH HOH A . 
F 5 HOH 60  2060 2060 HOH HOH A . 
F 5 HOH 61  2061 2061 HOH HOH A . 
F 5 HOH 62  2062 2062 HOH HOH A . 
F 5 HOH 63  2063 2063 HOH HOH A . 
F 5 HOH 64  2064 2064 HOH HOH A . 
F 5 HOH 65  2065 2065 HOH HOH A . 
F 5 HOH 66  2066 2066 HOH HOH A . 
F 5 HOH 67  2067 2067 HOH HOH A . 
F 5 HOH 68  2068 2068 HOH HOH A . 
F 5 HOH 69  2069 2069 HOH HOH A . 
F 5 HOH 70  2070 2070 HOH HOH A . 
F 5 HOH 71  2071 2071 HOH HOH A . 
F 5 HOH 72  2072 2072 HOH HOH A . 
F 5 HOH 73  2073 2073 HOH HOH A . 
F 5 HOH 74  2074 2074 HOH HOH A . 
F 5 HOH 75  2075 2075 HOH HOH A . 
F 5 HOH 76  2076 2076 HOH HOH A . 
F 5 HOH 77  2077 2077 HOH HOH A . 
F 5 HOH 78  2078 2078 HOH HOH A . 
F 5 HOH 79  2079 2079 HOH HOH A . 
F 5 HOH 80  2080 2080 HOH HOH A . 
F 5 HOH 81  2081 2081 HOH HOH A . 
F 5 HOH 82  2082 2082 HOH HOH A . 
F 5 HOH 83  2083 2083 HOH HOH A . 
F 5 HOH 84  2084 2084 HOH HOH A . 
F 5 HOH 85  2085 2085 HOH HOH A . 
F 5 HOH 86  2086 2086 HOH HOH A . 
F 5 HOH 87  2087 2087 HOH HOH A . 
F 5 HOH 88  2088 2088 HOH HOH A . 
F 5 HOH 89  2089 2089 HOH HOH A . 
F 5 HOH 90  2090 2090 HOH HOH A . 
F 5 HOH 91  2091 2091 HOH HOH A . 
F 5 HOH 92  2092 2092 HOH HOH A . 
F 5 HOH 93  2093 2093 HOH HOH A . 
F 5 HOH 94  2094 2094 HOH HOH A . 
F 5 HOH 95  2095 2095 HOH HOH A . 
F 5 HOH 96  2096 2096 HOH HOH A . 
F 5 HOH 97  2097 2097 HOH HOH A . 
F 5 HOH 98  2098 2098 HOH HOH A . 
F 5 HOH 99  2099 2099 HOH HOH A . 
F 5 HOH 100 2100 2100 HOH HOH A . 
F 5 HOH 101 2101 2101 HOH HOH A . 
F 5 HOH 102 2102 2102 HOH HOH A . 
F 5 HOH 103 2103 2103 HOH HOH A . 
F 5 HOH 104 2104 2104 HOH HOH A . 
F 5 HOH 105 2105 2105 HOH HOH A . 
F 5 HOH 106 2106 2106 HOH HOH A . 
F 5 HOH 107 2107 2107 HOH HOH A . 
F 5 HOH 108 2108 2108 HOH HOH A . 
F 5 HOH 109 2109 2109 HOH HOH A . 
F 5 HOH 110 2110 2110 HOH HOH A . 
F 5 HOH 111 2111 2111 HOH HOH A . 
F 5 HOH 112 2112 2112 HOH HOH A . 
F 5 HOH 113 2113 2113 HOH HOH A . 
F 5 HOH 114 2114 2114 HOH HOH A . 
F 5 HOH 115 2115 2115 HOH HOH A . 
F 5 HOH 116 2116 2116 HOH HOH A . 
F 5 HOH 117 2117 2117 HOH HOH A . 
F 5 HOH 118 2118 2118 HOH HOH A . 
F 5 HOH 119 2119 2119 HOH HOH A . 
F 5 HOH 120 2120 2120 HOH HOH A . 
F 5 HOH 121 2121 2121 HOH HOH A . 
F 5 HOH 122 2122 2122 HOH HOH A . 
F 5 HOH 123 2123 2123 HOH HOH A . 
F 5 HOH 124 2124 2124 HOH HOH A . 
F 5 HOH 125 2125 2125 HOH HOH A . 
F 5 HOH 126 2126 2126 HOH HOH A . 
F 5 HOH 127 2127 2127 HOH HOH A . 
F 5 HOH 128 2128 2128 HOH HOH A . 
F 5 HOH 129 2129 2129 HOH HOH A . 
F 5 HOH 130 2130 2130 HOH HOH A . 
F 5 HOH 131 2131 2131 HOH HOH A . 
F 5 HOH 132 2132 2132 HOH HOH A . 
F 5 HOH 133 2133 2133 HOH HOH A . 
F 5 HOH 134 2134 2134 HOH HOH A . 
F 5 HOH 135 2135 2135 HOH HOH A . 
F 5 HOH 136 2136 2136 HOH HOH A . 
F 5 HOH 137 2137 2137 HOH HOH A . 
F 5 HOH 138 2138 2138 HOH HOH A . 
F 5 HOH 139 2139 2139 HOH HOH A . 
F 5 HOH 140 2140 2140 HOH HOH A . 
F 5 HOH 141 2141 2141 HOH HOH A . 
# 
loop_
_software.name 
_software.classification 
_software.version 
_software.citation_id 
_software.pdbx_ordinal 
REFMAC    refinement       . ? 1 
DENZO     'data reduction' . ? 2 
SCALEPACK 'data scaling'   . ? 3 
# 
_cell.entry_id           1DY3 
_cell.length_a           40.960 
_cell.length_b           69.010 
_cell.length_c           115.490 
_cell.angle_alpha        90.00 
_cell.angle_beta         90.00 
_cell.angle_gamma        90.00 
_cell.Z_PDB              8 
_cell.pdbx_unique_axis   ? 
# 
_symmetry.entry_id                         1DY3 
_symmetry.space_group_name_H-M             'C 2 2 21' 
_symmetry.pdbx_full_space_group_name_H-M   ? 
_symmetry.cell_setting                     ? 
_symmetry.Int_Tables_number                20 
# 
_exptl.entry_id          1DY3 
_exptl.method            'X-RAY DIFFRACTION' 
_exptl.crystals_number   1 
# 
_exptl_crystal.id                    1 
_exptl_crystal.density_meas          ? 
_exptl_crystal.density_Matthews      2.27 
_exptl_crystal.density_percent_sol   45.84 
_exptl_crystal.description           ? 
# 
_exptl_crystal_grow.crystal_id      1 
_exptl_crystal_grow.method          ? 
_exptl_crystal_grow.temp            ? 
_exptl_crystal_grow.temp_details    ? 
_exptl_crystal_grow.pH              5.60 
_exptl_crystal_grow.pdbx_pH_range   ? 
_exptl_crystal_grow.pdbx_details    'pH 5.60' 
# 
_diffrn.id                     1 
_diffrn.ambient_temp           290.0 
_diffrn.ambient_temp_details   ? 
_diffrn.crystal_id             1 
# 
_diffrn_detector.diffrn_id              1 
_diffrn_detector.detector               'IMAGE PLATE' 
_diffrn_detector.type                   R-AXIS 
_diffrn_detector.pdbx_collection_date   ? 
_diffrn_detector.details                ? 
# 
_diffrn_radiation.diffrn_id                        1 
_diffrn_radiation.wavelength_id                    1 
_diffrn_radiation.pdbx_monochromatic_or_laue_m_l   M 
_diffrn_radiation.monochromator                    'NI FILTER' 
_diffrn_radiation.pdbx_diffrn_protocol             'SINGLE WAVELENGTH' 
_diffrn_radiation.pdbx_scattering_type             x-ray 
# 
_diffrn_radiation_wavelength.id           1 
_diffrn_radiation_wavelength.wavelength   1.5418 
_diffrn_radiation_wavelength.wt           1.0 
# 
_diffrn_source.diffrn_id                   1 
_diffrn_source.source                      'ROTATING ANODE' 
_diffrn_source.type                        RIGAKU 
_diffrn_source.pdbx_synchrotron_site       ? 
_diffrn_source.pdbx_synchrotron_beamline   ? 
_diffrn_source.pdbx_wavelength             1.5418 
_diffrn_source.pdbx_wavelength_list        ? 
# 
_reflns.pdbx_diffrn_id               1 
_reflns.pdbx_ordinal                 1 
_reflns.entry_id                     1DY3 
_reflns.observed_criterion_sigma_I   ? 
_reflns.observed_criterion_sigma_F   ? 
_reflns.d_resolution_low             40.000 
_reflns.d_resolution_high            2.000 
_reflns.number_obs                   10879 
_reflns.number_all                   ? 
_reflns.percent_possible_obs         94.4 
_reflns.pdbx_Rmerge_I_obs            ? 
_reflns.pdbx_Rsym_value              0.05000 
_reflns.pdbx_netI_over_sigmaI        20.5000 
_reflns.B_iso_Wilson_estimate        15.3 
_reflns.pdbx_redundancy              4.400 
# 
_reflns_shell.pdbx_diffrn_id         1 
_reflns_shell.pdbx_ordinal           1 
_reflns_shell.d_res_high             2.00 
_reflns_shell.d_res_low              2.07 
_reflns_shell.percent_possible_all   92.8 
_reflns_shell.Rmerge_I_obs           ? 
_reflns_shell.pdbx_Rsym_value        0.10200 
_reflns_shell.meanI_over_sigI_obs    10.600 
_reflns_shell.pdbx_redundancy        ? 
# 
_refine.pdbx_refine_id                           'X-RAY DIFFRACTION' 
_refine.entry_id                                 1DY3 
_refine.pdbx_diffrn_id                           1 
_refine.pdbx_TLS_residual_ADP_flag               ? 
_refine.ls_number_reflns_obs                     10829 
_refine.ls_number_reflns_all                     ? 
_refine.pdbx_ls_sigma_I                          ? 
_refine.pdbx_ls_sigma_F                          0.0 
_refine.pdbx_data_cutoff_high_absF               ? 
_refine.pdbx_data_cutoff_low_absF                ? 
_refine.pdbx_data_cutoff_high_rms_absF           ? 
_refine.ls_d_res_low                             10.0 
_refine.ls_d_res_high                            2.0 
_refine.ls_percent_reflns_obs                    94.9 
_refine.ls_R_factor_obs                          ? 
_refine.ls_R_factor_all                          ? 
_refine.ls_R_factor_R_work                       0.165 
_refine.ls_R_factor_R_free                       ? 
_refine.ls_R_factor_R_free_error                 ? 
_refine.ls_R_factor_R_free_error_details         ? 
_refine.ls_percent_reflns_R_free                 ? 
_refine.ls_number_reflns_R_free                  ? 
_refine.ls_number_parameters                     ? 
_refine.ls_number_restraints                     ? 
_refine.occupancy_min                            ? 
_refine.occupancy_max                            ? 
_refine.correlation_coeff_Fo_to_Fc               ? 
_refine.correlation_coeff_Fo_to_Fc_free          ? 
_refine.B_iso_mean                               19.7 
_refine.aniso_B[1][1]                            ? 
_refine.aniso_B[2][2]                            ? 
_refine.aniso_B[3][3]                            ? 
_refine.aniso_B[1][2]                            ? 
_refine.aniso_B[1][3]                            ? 
_refine.aniso_B[2][3]                            ? 
_refine.solvent_model_details                    ? 
_refine.solvent_model_param_ksol                 ? 
_refine.solvent_model_param_bsol                 ? 
_refine.pdbx_solvent_vdw_probe_radii             ? 
_refine.pdbx_solvent_ion_probe_radii             ? 
_refine.pdbx_solvent_shrinkage_radii             ? 
_refine.pdbx_ls_cross_valid_method               ? 
_refine.details                                  ? 
_refine.pdbx_starting_model                      ? 
_refine.pdbx_method_to_determine_struct          MIR 
_refine.pdbx_isotropic_thermal_model             ? 
_refine.pdbx_stereochemistry_target_values       ? 
_refine.pdbx_stereochem_target_val_spec_case     ? 
_refine.pdbx_R_Free_selection_details            ? 
_refine.pdbx_overall_ESU_R                       ? 
_refine.pdbx_overall_ESU_R_Free                  ? 
_refine.overall_SU_ML                            ? 
_refine.pdbx_overall_phase_error                 ? 
_refine.overall_SU_B                             ? 
_refine.overall_SU_R_Cruickshank_DPI             ? 
_refine.pdbx_overall_SU_R_free_Cruickshank_DPI   ? 
_refine.pdbx_overall_SU_R_Blow_DPI               ? 
_refine.pdbx_overall_SU_R_free_Blow_DPI          ? 
# 
_refine_hist.pdbx_refine_id                   'X-RAY DIFFRACTION' 
_refine_hist.cycle_id                         LAST 
_refine_hist.pdbx_number_atoms_protein        1267 
_refine_hist.pdbx_number_atoms_nucleic_acid   0 
_refine_hist.pdbx_number_atoms_ligand         56 
_refine_hist.number_atoms_solvent             141 
_refine_hist.number_atoms_total               1464 
_refine_hist.d_res_high                       2.0 
_refine_hist.d_res_low                        10.0 
# 
loop_
_refine_ls_restr.type 
_refine_ls_restr.dev_ideal 
_refine_ls_restr.dev_ideal_target 
_refine_ls_restr.weight 
_refine_ls_restr.number 
_refine_ls_restr.pdbx_refine_id 
_refine_ls_restr.pdbx_restraint_function 
p_bond_d            0.013 ? ? ? 'X-RAY DIFFRACTION' ? 
p_angle_d           0.03  ? ? ? 'X-RAY DIFFRACTION' ? 
p_angle_deg         ?     ? ? ? 'X-RAY DIFFRACTION' ? 
p_planar_d          0.027 ? ? ? 'X-RAY DIFFRACTION' ? 
p_hb_or_metal_coord ?     ? ? ? 'X-RAY DIFFRACTION' ? 
p_mcbond_it         ?     ? ? ? 'X-RAY DIFFRACTION' ? 
p_mcangle_it        ?     ? ? ? 'X-RAY DIFFRACTION' ? 
p_scbond_it         ?     ? ? ? 'X-RAY DIFFRACTION' ? 
p_scangle_it        ?     ? ? ? 'X-RAY DIFFRACTION' ? 
p_plane_restr       ?     ? ? ? 'X-RAY DIFFRACTION' ? 
p_chiral_restr      ?     ? ? ? 'X-RAY DIFFRACTION' ? 
p_singtor_nbd       ?     ? ? ? 'X-RAY DIFFRACTION' ? 
p_multtor_nbd       ?     ? ? ? 'X-RAY DIFFRACTION' ? 
p_xhyhbond_nbd      ?     ? ? ? 'X-RAY DIFFRACTION' ? 
p_xyhbond_nbd       ?     ? ? ? 'X-RAY DIFFRACTION' ? 
p_planar_tor        ?     ? ? ? 'X-RAY DIFFRACTION' ? 
p_staggered_tor     ?     ? ? ? 'X-RAY DIFFRACTION' ? 
p_orthonormal_tor   ?     ? ? ? 'X-RAY DIFFRACTION' ? 
p_transverse_tor    ?     ? ? ? 'X-RAY DIFFRACTION' ? 
p_special_tor       ?     ? ? ? 'X-RAY DIFFRACTION' ? 
# 
_struct.entry_id                  1DY3 
_struct.title                     
'Ternary complex of 7,8-dihydro-6-hydroxymethylpterinpyrophosphokinase from Escherichia coli with ATP and a substrate analogue.' 
_struct.pdbx_model_details        ? 
_struct.pdbx_CASP_flag            ? 
_struct.pdbx_model_type_details   ? 
# 
_struct_keywords.entry_id        1DY3 
_struct_keywords.pdbx_keywords   PYROPHOSPHORYLASE 
_struct_keywords.text            'PYROPHOSPHORYLASE, DE NOVO FOLATE BIOSYNTHESIS' 
# 
loop_
_struct_asym.id 
_struct_asym.pdbx_blank_PDB_chainid_flag 
_struct_asym.pdbx_modified 
_struct_asym.entity_id 
_struct_asym.details 
A N N 1 ? 
B N N 2 ? 
C N N 3 ? 
D N N 4 ? 
E N N 4 ? 
F N N 5 ? 
# 
_struct_ref.id                         1 
_struct_ref.db_name                    UNP 
_struct_ref.db_code                    HPPK_ECOLI 
_struct_ref.pdbx_db_accession          P26281 
_struct_ref.pdbx_db_isoform            ? 
_struct_ref.entity_id                  1 
_struct_ref.pdbx_seq_one_letter_code   
;TVAYIAIGSNLASPLEQVNAALKALGDIPESHILTVSSFYRTPPLGPQDQPDYLNAAVALETSLAPEELLNHTQRIELQQ
GRVRKAERWGPRTLDLDIMLFGNEVINTERLTVPHYDMKNRGFMLWPLFEIAPELVFPDGEMLRQILHTRAFDKLNKW
;
_struct_ref.pdbx_align_begin           2 
# 
_struct_ref_seq.align_id                      1 
_struct_ref_seq.ref_id                        1 
_struct_ref_seq.pdbx_PDB_id_code              1DY3 
_struct_ref_seq.pdbx_strand_id                A 
_struct_ref_seq.seq_align_beg                 1 
_struct_ref_seq.pdbx_seq_align_beg_ins_code   ? 
_struct_ref_seq.seq_align_end                 158 
_struct_ref_seq.pdbx_seq_align_end_ins_code   ? 
_struct_ref_seq.pdbx_db_accession             P26281 
_struct_ref_seq.db_align_beg                  2 
_struct_ref_seq.pdbx_db_align_beg_ins_code    ? 
_struct_ref_seq.db_align_end                  159 
_struct_ref_seq.pdbx_db_align_end_ins_code    ? 
_struct_ref_seq.pdbx_auth_seq_align_beg       1 
_struct_ref_seq.pdbx_auth_seq_align_end       158 
# 
_pdbx_struct_assembly.id                   1 
_pdbx_struct_assembly.details              author_and_software_defined_assembly 
_pdbx_struct_assembly.method_details       PQS 
_pdbx_struct_assembly.oligomeric_details   monomeric 
_pdbx_struct_assembly.oligomeric_count     1 
# 
_pdbx_struct_assembly_gen.assembly_id       1 
_pdbx_struct_assembly_gen.oper_expression   1 
_pdbx_struct_assembly_gen.asym_id_list      A,B,C,D,E,F 
# 
_pdbx_struct_oper_list.id                   1 
_pdbx_struct_oper_list.type                 'identity operation' 
_pdbx_struct_oper_list.name                 1_555 
_pdbx_struct_oper_list.symmetry_operation   x,y,z 
_pdbx_struct_oper_list.matrix[1][1]         1.0000000000 
_pdbx_struct_oper_list.matrix[1][2]         0.0000000000 
_pdbx_struct_oper_list.matrix[1][3]         0.0000000000 
_pdbx_struct_oper_list.vector[1]            0.0000000000 
_pdbx_struct_oper_list.matrix[2][1]         0.0000000000 
_pdbx_struct_oper_list.matrix[2][2]         1.0000000000 
_pdbx_struct_oper_list.matrix[2][3]         0.0000000000 
_pdbx_struct_oper_list.vector[2]            0.0000000000 
_pdbx_struct_oper_list.matrix[3][1]         0.0000000000 
_pdbx_struct_oper_list.matrix[3][2]         0.0000000000 
_pdbx_struct_oper_list.matrix[3][3]         1.0000000000 
_pdbx_struct_oper_list.vector[3]            0.0000000000 
# 
_struct_biol.id   1 
# 
loop_
_struct_conf.conf_type_id 
_struct_conf.id 
_struct_conf.pdbx_PDB_helix_id 
_struct_conf.beg_label_comp_id 
_struct_conf.beg_label_asym_id 
_struct_conf.beg_label_seq_id 
_struct_conf.pdbx_beg_PDB_ins_code 
_struct_conf.end_label_comp_id 
_struct_conf.end_label_asym_id 
_struct_conf.end_label_seq_id 
_struct_conf.pdbx_end_PDB_ins_code 
_struct_conf.beg_auth_comp_id 
_struct_conf.beg_auth_asym_id 
_struct_conf.beg_auth_seq_id 
_struct_conf.end_auth_comp_id 
_struct_conf.end_auth_asym_id 
_struct_conf.end_auth_seq_id 
_struct_conf.pdbx_PDB_helix_class 
_struct_conf.details 
_struct_conf.pdbx_PDB_helix_length 
HELX_P HELX_P1 1 SER A 13  ? ASP A 27  ? SER A 13  ASP A 27  1 ? 15 
HELX_P HELX_P2 2 ALA A 65  ? GLN A 80  ? ALA A 65  GLN A 80  1 ? 16 
HELX_P HELX_P3 3 ASP A 117 ? ASN A 120 ? ASP A 117 ASN A 120 5 ? 4  
HELX_P HELX_P4 4 ARG A 121 ? ALA A 132 ? ARG A 121 ALA A 132 1 ? 12 
HELX_P HELX_P5 5 MET A 142 ? ALA A 151 ? MET A 142 ALA A 151 1 ? 10 
# 
_struct_conf_type.id          HELX_P 
_struct_conf_type.criteria    ? 
_struct_conf_type.reference   ? 
# 
loop_
_struct_conn.id 
_struct_conn.conn_type_id 
_struct_conn.pdbx_leaving_atom_flag 
_struct_conn.pdbx_PDB_id 
_struct_conn.ptnr1_label_asym_id 
_struct_conn.ptnr1_label_comp_id 
_struct_conn.ptnr1_label_seq_id 
_struct_conn.ptnr1_label_atom_id 
_struct_conn.pdbx_ptnr1_label_alt_id 
_struct_conn.pdbx_ptnr1_PDB_ins_code 
_struct_conn.pdbx_ptnr1_standard_comp_id 
_struct_conn.ptnr1_symmetry 
_struct_conn.ptnr2_label_asym_id 
_struct_conn.ptnr2_label_comp_id 
_struct_conn.ptnr2_label_seq_id 
_struct_conn.ptnr2_label_atom_id 
_struct_conn.pdbx_ptnr2_label_alt_id 
_struct_conn.pdbx_ptnr2_PDB_ins_code 
_struct_conn.ptnr1_auth_asym_id 
_struct_conn.ptnr1_auth_comp_id 
_struct_conn.ptnr1_auth_seq_id 
_struct_conn.ptnr2_auth_asym_id 
_struct_conn.ptnr2_auth_comp_id 
_struct_conn.ptnr2_auth_seq_id 
_struct_conn.ptnr2_symmetry 
_struct_conn.pdbx_ptnr3_label_atom_id 
_struct_conn.pdbx_ptnr3_label_seq_id 
_struct_conn.pdbx_ptnr3_label_comp_id 
_struct_conn.pdbx_ptnr3_label_asym_id 
_struct_conn.pdbx_ptnr3_label_alt_id 
_struct_conn.pdbx_ptnr3_PDB_ins_code 
_struct_conn.details 
_struct_conn.pdbx_dist_value 
_struct_conn.pdbx_value_order 
_struct_conn.pdbx_role 
metalc1  metalc ? ? A ASP 95 OD2 ? ? ? 1_555 D MG  . MG ? ? A ASP 95  A MG  202  1_555 ? ? ? ? ? ? ? 2.502 ? ? 
metalc2  metalc ? ? A ASP 95 OD1 ? ? ? 1_555 E MG  . MG ? ? A ASP 95  A MG  203  1_555 ? ? ? ? ? ? ? 2.405 ? ? 
metalc3  metalc ? ? A ASP 97 OD2 ? ? ? 1_555 D MG  . MG ? ? A ASP 97  A MG  202  1_555 ? ? ? ? ? ? ? 2.444 ? ? 
metalc4  metalc ? ? A ASP 97 OD1 ? ? ? 1_555 E MG  . MG ? ? A ASP 97  A MG  203  1_555 ? ? ? ? ? ? ? 2.326 ? ? 
metalc5  metalc ? ? B ATP .  O1G ? ? ? 1_555 D MG  . MG ? ? A ATP 200 A MG  202  1_555 ? ? ? ? ? ? ? 2.602 ? ? 
metalc6  metalc ? ? B ATP .  O2B ? ? ? 1_555 D MG  . MG ? ? A ATP 200 A MG  202  1_555 ? ? ? ? ? ? ? 2.422 ? ? 
metalc7  metalc ? ? B ATP .  O2B ? ? ? 1_555 E MG  . MG ? ? A ATP 200 A MG  203  1_555 ? ? ? ? ? ? ? 2.360 ? ? 
metalc8  metalc ? ? B ATP .  O1A ? ? ? 1_555 E MG  . MG ? ? A ATP 200 A MG  203  1_555 ? ? ? ? ? ? ? 2.452 ? ? 
metalc9  metalc ? ? C 87Y .  O16 ? ? ? 1_555 D MG  . MG ? ? A 87Y 201 A MG  202  1_555 ? ? ? ? ? ? ? 2.630 ? ? 
metalc10 metalc ? ? D MG  .  MG  ? ? ? 1_555 F HOH . O  ? ? A MG  202 A HOH 2141 1_555 ? ? ? ? ? ? ? 2.587 ? ? 
metalc11 metalc ? ? E MG  .  MG  ? ? ? 1_555 F HOH . O  ? ? A MG  203 A HOH 2068 1_555 ? ? ? ? ? ? ? 2.418 ? ? 
metalc12 metalc ? ? E MG  .  MG  ? ? ? 1_555 F HOH . O  ? ? A MG  203 A HOH 2136 1_555 ? ? ? ? ? ? ? 2.537 ? ? 
# 
_struct_conn_type.id          metalc 
_struct_conn_type.criteria    ? 
_struct_conn_type.reference   ? 
# 
loop_
_pdbx_struct_conn_angle.id 
_pdbx_struct_conn_angle.ptnr1_label_atom_id 
_pdbx_struct_conn_angle.ptnr1_label_alt_id 
_pdbx_struct_conn_angle.ptnr1_label_asym_id 
_pdbx_struct_conn_angle.ptnr1_label_comp_id 
_pdbx_struct_conn_angle.ptnr1_label_seq_id 
_pdbx_struct_conn_angle.ptnr1_auth_atom_id 
_pdbx_struct_conn_angle.ptnr1_auth_asym_id 
_pdbx_struct_conn_angle.ptnr1_auth_comp_id 
_pdbx_struct_conn_angle.ptnr1_auth_seq_id 
_pdbx_struct_conn_angle.ptnr1_PDB_ins_code 
_pdbx_struct_conn_angle.ptnr1_symmetry 
_pdbx_struct_conn_angle.ptnr2_label_atom_id 
_pdbx_struct_conn_angle.ptnr2_label_alt_id 
_pdbx_struct_conn_angle.ptnr2_label_asym_id 
_pdbx_struct_conn_angle.ptnr2_label_comp_id 
_pdbx_struct_conn_angle.ptnr2_label_seq_id 
_pdbx_struct_conn_angle.ptnr2_auth_atom_id 
_pdbx_struct_conn_angle.ptnr2_auth_asym_id 
_pdbx_struct_conn_angle.ptnr2_auth_comp_id 
_pdbx_struct_conn_angle.ptnr2_auth_seq_id 
_pdbx_struct_conn_angle.ptnr2_PDB_ins_code 
_pdbx_struct_conn_angle.ptnr2_symmetry 
_pdbx_struct_conn_angle.ptnr3_label_atom_id 
_pdbx_struct_conn_angle.ptnr3_label_alt_id 
_pdbx_struct_conn_angle.ptnr3_label_asym_id 
_pdbx_struct_conn_angle.ptnr3_label_comp_id 
_pdbx_struct_conn_angle.ptnr3_label_seq_id 
_pdbx_struct_conn_angle.ptnr3_auth_atom_id 
_pdbx_struct_conn_angle.ptnr3_auth_asym_id 
_pdbx_struct_conn_angle.ptnr3_auth_comp_id 
_pdbx_struct_conn_angle.ptnr3_auth_seq_id 
_pdbx_struct_conn_angle.ptnr3_PDB_ins_code 
_pdbx_struct_conn_angle.ptnr3_symmetry 
_pdbx_struct_conn_angle.value 
_pdbx_struct_conn_angle.value_esd 
1  OD2 ? A ASP 95 ? A ASP 95   ? 1_555 MG ? D MG . ? A MG 202 ? 1_555 OD2 ? A ASP 97 ? A ASP 97   ? 1_555 99.1  ? 
2  OD2 ? A ASP 95 ? A ASP 95   ? 1_555 MG ? D MG . ? A MG 202 ? 1_555 O1G ? B ATP .  ? A ATP 200  ? 1_555 163.6 ? 
3  OD2 ? A ASP 97 ? A ASP 97   ? 1_555 MG ? D MG . ? A MG 202 ? 1_555 O1G ? B ATP .  ? A ATP 200  ? 1_555 88.6  ? 
4  OD2 ? A ASP 95 ? A ASP 95   ? 1_555 MG ? D MG . ? A MG 202 ? 1_555 O2B ? B ATP .  ? A ATP 200  ? 1_555 87.2  ? 
5  OD2 ? A ASP 97 ? A ASP 97   ? 1_555 MG ? D MG . ? A MG 202 ? 1_555 O2B ? B ATP .  ? A ATP 200  ? 1_555 101.0 ? 
6  O1G ? B ATP .  ? A ATP 200  ? 1_555 MG ? D MG . ? A MG 202 ? 1_555 O2B ? B ATP .  ? A ATP 200  ? 1_555 77.0  ? 
7  OD2 ? A ASP 95 ? A ASP 95   ? 1_555 MG ? D MG . ? A MG 202 ? 1_555 O16 ? C 87Y .  ? A 87Y 201  ? 1_555 98.9  ? 
8  OD2 ? A ASP 97 ? A ASP 97   ? 1_555 MG ? D MG . ? A MG 202 ? 1_555 O16 ? C 87Y .  ? A 87Y 201  ? 1_555 160.3 ? 
9  O1G ? B ATP .  ? A ATP 200  ? 1_555 MG ? D MG . ? A MG 202 ? 1_555 O16 ? C 87Y .  ? A 87Y 201  ? 1_555 76.2  ? 
10 O2B ? B ATP .  ? A ATP 200  ? 1_555 MG ? D MG . ? A MG 202 ? 1_555 O16 ? C 87Y .  ? A 87Y 201  ? 1_555 87.8  ? 
11 OD2 ? A ASP 95 ? A ASP 95   ? 1_555 MG ? D MG . ? A MG 202 ? 1_555 O   ? F HOH .  ? A HOH 2141 ? 1_555 88.1  ? 
12 OD2 ? A ASP 97 ? A ASP 97   ? 1_555 MG ? D MG . ? A MG 202 ? 1_555 O   ? F HOH .  ? A HOH 2141 ? 1_555 104.1 ? 
13 O1G ? B ATP .  ? A ATP 200  ? 1_555 MG ? D MG . ? A MG 202 ? 1_555 O   ? F HOH .  ? A HOH 2141 ? 1_555 104.2 ? 
14 O2B ? B ATP .  ? A ATP 200  ? 1_555 MG ? D MG . ? A MG 202 ? 1_555 O   ? F HOH .  ? A HOH 2141 ? 1_555 154.9 ? 
15 O16 ? C 87Y .  ? A 87Y 201  ? 1_555 MG ? D MG . ? A MG 202 ? 1_555 O   ? F HOH .  ? A HOH 2141 ? 1_555 68.6  ? 
16 OD1 ? A ASP 95 ? A ASP 95   ? 1_555 MG ? E MG . ? A MG 203 ? 1_555 OD1 ? A ASP 97 ? A ASP 97   ? 1_555 92.9  ? 
17 OD1 ? A ASP 95 ? A ASP 95   ? 1_555 MG ? E MG . ? A MG 203 ? 1_555 O2B ? B ATP .  ? A ATP 200  ? 1_555 86.8  ? 
18 OD1 ? A ASP 97 ? A ASP 97   ? 1_555 MG ? E MG . ? A MG 203 ? 1_555 O2B ? B ATP .  ? A ATP 200  ? 1_555 105.1 ? 
19 OD1 ? A ASP 95 ? A ASP 95   ? 1_555 MG ? E MG . ? A MG 203 ? 1_555 O1A ? B ATP .  ? A ATP 200  ? 1_555 87.7  ? 
20 OD1 ? A ASP 97 ? A ASP 97   ? 1_555 MG ? E MG . ? A MG 203 ? 1_555 O1A ? B ATP .  ? A ATP 200  ? 1_555 176.6 ? 
21 O2B ? B ATP .  ? A ATP 200  ? 1_555 MG ? E MG . ? A MG 203 ? 1_555 O1A ? B ATP .  ? A ATP 200  ? 1_555 78.2  ? 
22 OD1 ? A ASP 95 ? A ASP 95   ? 1_555 MG ? E MG . ? A MG 203 ? 1_555 O   ? F HOH .  ? A HOH 2068 ? 1_555 89.2  ? 
23 OD1 ? A ASP 97 ? A ASP 97   ? 1_555 MG ? E MG . ? A MG 203 ? 1_555 O   ? F HOH .  ? A HOH 2068 ? 1_555 88.4  ? 
24 O2B ? B ATP .  ? A ATP 200  ? 1_555 MG ? E MG . ? A MG 203 ? 1_555 O   ? F HOH .  ? A HOH 2068 ? 1_555 166.0 ? 
25 O1A ? B ATP .  ? A ATP 200  ? 1_555 MG ? E MG . ? A MG 203 ? 1_555 O   ? F HOH .  ? A HOH 2068 ? 1_555 88.3  ? 
26 OD1 ? A ASP 95 ? A ASP 95   ? 1_555 MG ? E MG . ? A MG 203 ? 1_555 O   ? F HOH .  ? A HOH 2136 ? 1_555 169.6 ? 
27 OD1 ? A ASP 97 ? A ASP 97   ? 1_555 MG ? E MG . ? A MG 203 ? 1_555 O   ? F HOH .  ? A HOH 2136 ? 1_555 92.7  ? 
28 O2B ? B ATP .  ? A ATP 200  ? 1_555 MG ? E MG . ? A MG 203 ? 1_555 O   ? F HOH .  ? A HOH 2136 ? 1_555 83.3  ? 
29 O1A ? B ATP .  ? A ATP 200  ? 1_555 MG ? E MG . ? A MG 203 ? 1_555 O   ? F HOH .  ? A HOH 2136 ? 1_555 87.2  ? 
30 O   ? F HOH .  ? A HOH 2068 ? 1_555 MG ? E MG . ? A MG 203 ? 1_555 O   ? F HOH .  ? A HOH 2136 ? 1_555 99.7  ? 
# 
_struct_mon_prot_cis.pdbx_id                1 
_struct_mon_prot_cis.label_comp_id          VAL 
_struct_mon_prot_cis.label_seq_id           113 
_struct_mon_prot_cis.label_asym_id          A 
_struct_mon_prot_cis.label_alt_id           . 
_struct_mon_prot_cis.pdbx_PDB_ins_code      ? 
_struct_mon_prot_cis.auth_comp_id           VAL 
_struct_mon_prot_cis.auth_seq_id            113 
_struct_mon_prot_cis.auth_asym_id           A 
_struct_mon_prot_cis.pdbx_label_comp_id_2   PRO 
_struct_mon_prot_cis.pdbx_label_seq_id_2    114 
_struct_mon_prot_cis.pdbx_label_asym_id_2   A 
_struct_mon_prot_cis.pdbx_PDB_ins_code_2    ? 
_struct_mon_prot_cis.pdbx_auth_comp_id_2    PRO 
_struct_mon_prot_cis.pdbx_auth_seq_id_2     114 
_struct_mon_prot_cis.pdbx_auth_asym_id_2    A 
_struct_mon_prot_cis.pdbx_PDB_model_num     1 
_struct_mon_prot_cis.pdbx_omega_angle       -2.22 
# 
loop_
_struct_sheet.id 
_struct_sheet.type 
_struct_sheet.number_strands 
_struct_sheet.details 
A  ? 4 ? 
A1 ? 4 ? 
B  ? 2 ? 
# 
loop_
_struct_sheet_order.sheet_id 
_struct_sheet_order.range_id_1 
_struct_sheet_order.range_id_2 
_struct_sheet_order.offset 
_struct_sheet_order.sense 
A  1 2 ? anti-parallel 
A  2 3 ? anti-parallel 
A  3 4 ? anti-parallel 
A1 1 2 ? anti-parallel 
A1 2 3 ? anti-parallel 
A1 3 4 ? anti-parallel 
B  1 2 ? anti-parallel 
# 
loop_
_struct_sheet_range.sheet_id 
_struct_sheet_range.id 
_struct_sheet_range.beg_label_comp_id 
_struct_sheet_range.beg_label_asym_id 
_struct_sheet_range.beg_label_seq_id 
_struct_sheet_range.pdbx_beg_PDB_ins_code 
_struct_sheet_range.end_label_comp_id 
_struct_sheet_range.end_label_asym_id 
_struct_sheet_range.end_label_seq_id 
_struct_sheet_range.pdbx_end_PDB_ins_code 
_struct_sheet_range.beg_auth_comp_id 
_struct_sheet_range.beg_auth_asym_id 
_struct_sheet_range.beg_auth_seq_id 
_struct_sheet_range.end_auth_comp_id 
_struct_sheet_range.end_auth_asym_id 
_struct_sheet_range.end_auth_seq_id 
A  1 SER A 31  ? VAL A 36  ? SER A 31  VAL A 36  
A  2 TYR A 53  ? THR A 62  ? TYR A 53  THR A 62  
A  3 VAL A 2   ? SER A 9   ? VAL A 2   SER A 9   
A  4 ASP A 95  ? PHE A 101 ? ASP A 95  PHE A 101 
A1 1 SER A 31  ? VAL A 36  ? SER A 31  VAL A 36  
A1 2 TYR A 53  ? THR A 62  ? TYR A 53  THR A 62  
A1 3 TYR A 40  ? THR A 42  ? TYR A 40  THR A 42  
A1 4 ASN A 156 ? LYS A 157 ? ASN A 156 LYS A 157 
B  1 ILE A 106 ? ASN A 107 ? ILE A 106 ASN A 107 
B  2 THR A 112 ? VAL A 113 ? THR A 112 VAL A 113 
# 
loop_
_pdbx_struct_sheet_hbond.sheet_id 
_pdbx_struct_sheet_hbond.range_id_1 
_pdbx_struct_sheet_hbond.range_id_2 
_pdbx_struct_sheet_hbond.range_1_label_atom_id 
_pdbx_struct_sheet_hbond.range_1_label_comp_id 
_pdbx_struct_sheet_hbond.range_1_label_asym_id 
_pdbx_struct_sheet_hbond.range_1_label_seq_id 
_pdbx_struct_sheet_hbond.range_1_PDB_ins_code 
_pdbx_struct_sheet_hbond.range_1_auth_atom_id 
_pdbx_struct_sheet_hbond.range_1_auth_comp_id 
_pdbx_struct_sheet_hbond.range_1_auth_asym_id 
_pdbx_struct_sheet_hbond.range_1_auth_seq_id 
_pdbx_struct_sheet_hbond.range_2_label_atom_id 
_pdbx_struct_sheet_hbond.range_2_label_comp_id 
_pdbx_struct_sheet_hbond.range_2_label_asym_id 
_pdbx_struct_sheet_hbond.range_2_label_seq_id 
_pdbx_struct_sheet_hbond.range_2_PDB_ins_code 
_pdbx_struct_sheet_hbond.range_2_auth_atom_id 
_pdbx_struct_sheet_hbond.range_2_auth_comp_id 
_pdbx_struct_sheet_hbond.range_2_auth_asym_id 
_pdbx_struct_sheet_hbond.range_2_auth_seq_id 
A  1 2 N LEU A 34  ? N LEU A 34  O ALA A 59  ? O ALA A 59  
A  2 3 N LEU A 60  ? N LEU A 60  O ALA A 3   ? O ALA A 3   
A  3 4 N GLY A 8   ? N GLY A 8   O ASP A 95  ? O ASP A 95  
A1 1 2 N LEU A 34  ? N LEU A 34  O ALA A 59  ? O ALA A 59  
A1 2 3 N ASN A 55  ? N ASN A 55  O TYR A 40  ? O TYR A 40  
A1 3 4 N ARG A 41  ? N ARG A 41  O ASN A 156 ? O ASN A 156 
B  1 2 N ILE A 106 ? N ILE A 106 O VAL A 113 ? O VAL A 113 
# 
loop_
_struct_site.id 
_struct_site.pdbx_evidence_code 
_struct_site.pdbx_auth_asym_id 
_struct_site.pdbx_auth_comp_id 
_struct_site.pdbx_auth_seq_id 
_struct_site.pdbx_auth_ins_code 
_struct_site.pdbx_num_residues 
_struct_site.details 
AC1 Software A MG  202 ? 6  'BINDING SITE FOR RESIDUE MG A 202'  
AC2 Software A MG  203 ? 6  'BINDING SITE FOR RESIDUE MG A 203'  
AC3 Software A ATP 200 ? 23 'BINDING SITE FOR RESIDUE ATP A 200' 
AC4 Software A 87Y 201 ? 13 'BINDING SITE FOR RESIDUE 87Y A 201' 
# 
loop_
_struct_site_gen.id 
_struct_site_gen.site_id 
_struct_site_gen.pdbx_num_res 
_struct_site_gen.label_comp_id 
_struct_site_gen.label_asym_id 
_struct_site_gen.label_seq_id 
_struct_site_gen.pdbx_auth_ins_code 
_struct_site_gen.auth_comp_id 
_struct_site_gen.auth_asym_id 
_struct_site_gen.auth_seq_id 
_struct_site_gen.label_atom_id 
_struct_site_gen.label_alt_id 
_struct_site_gen.symmetry 
_struct_site_gen.details 
1  AC1 6  ASP A 95  ? ASP A 95   . ? 1_555 ? 
2  AC1 6  ASP A 97  ? ASP A 97   . ? 1_555 ? 
3  AC1 6  ATP B .   ? ATP A 200  . ? 1_555 ? 
4  AC1 6  87Y C .   ? 87Y A 201  . ? 1_555 ? 
5  AC1 6  MG  E .   ? MG  A 203  . ? 1_555 ? 
6  AC1 6  HOH F .   ? HOH A 2141 . ? 1_555 ? 
7  AC2 6  ASP A 95  ? ASP A 95   . ? 1_555 ? 
8  AC2 6  ASP A 97  ? ASP A 97   . ? 1_555 ? 
9  AC2 6  ATP B .   ? ATP A 200  . ? 1_555 ? 
10 AC2 6  MG  D .   ? MG  A 202  . ? 1_555 ? 
11 AC2 6  HOH F .   ? HOH A 2068 . ? 1_555 ? 
12 AC2 6  HOH F .   ? HOH A 2136 . ? 1_555 ? 
13 AC3 23 ARG A 82  ? ARG A 82   . ? 1_555 ? 
14 AC3 23 ARG A 84  ? ARG A 84   . ? 1_555 ? 
15 AC3 23 ALA A 86  ? ALA A 86   . ? 1_555 ? 
16 AC3 23 GLU A 87  ? GLU A 87   . ? 1_555 ? 
17 AC3 23 ARG A 88  ? ARG A 88   . ? 1_555 ? 
18 AC3 23 TRP A 89  ? TRP A 89   . ? 1_555 ? 
19 AC3 23 ARG A 92  ? ARG A 92   . ? 1_555 ? 
20 AC3 23 ASP A 95  ? ASP A 95   . ? 1_555 ? 
21 AC3 23 ASP A 97  ? ASP A 97   . ? 1_555 ? 
22 AC3 23 ILE A 98  ? ILE A 98   . ? 1_555 ? 
23 AC3 23 ARG A 110 ? ARG A 110  . ? 1_555 ? 
24 AC3 23 LEU A 111 ? LEU A 111  . ? 1_555 ? 
25 AC3 23 THR A 112 ? THR A 112  . ? 1_555 ? 
26 AC3 23 HIS A 115 ? HIS A 115  . ? 1_555 ? 
27 AC3 23 TYR A 116 ? TYR A 116  . ? 1_555 ? 
28 AC3 23 ARG A 121 ? ARG A 121  . ? 1_555 ? 
29 AC3 23 87Y C .   ? 87Y A 201  . ? 1_555 ? 
30 AC3 23 MG  D .   ? MG  A 202  . ? 1_555 ? 
31 AC3 23 MG  E .   ? MG  A 203  . ? 1_555 ? 
32 AC3 23 HOH F .   ? HOH A 2136 . ? 1_555 ? 
33 AC3 23 HOH F .   ? HOH A 2138 . ? 1_555 ? 
34 AC3 23 HOH F .   ? HOH A 2139 . ? 1_555 ? 
35 AC3 23 HOH F .   ? HOH A 2140 . ? 1_555 ? 
36 AC4 13 THR A 42  ? THR A 42   . ? 1_555 ? 
37 AC4 13 PRO A 43  ? PRO A 43   . ? 1_555 ? 
38 AC4 13 LEU A 45  ? LEU A 45   . ? 1_555 ? 
39 AC4 13 TYR A 53  ? TYR A 53   . ? 1_555 ? 
40 AC4 13 ASN A 55  ? ASN A 55   . ? 1_555 ? 
41 AC4 13 TRP A 89  ? TRP A 89   . ? 1_555 ? 
42 AC4 13 ARG A 92  ? ARG A 92   . ? 1_555 ? 
43 AC4 13 PHE A 123 ? PHE A 123  . ? 1_555 ? 
44 AC4 13 ATP B .   ? ATP A 200  . ? 1_555 ? 
45 AC4 13 MG  D .   ? MG  A 202  . ? 1_555 ? 
46 AC4 13 HOH F .   ? HOH A 2084 . ? 1_555 ? 
47 AC4 13 HOH F .   ? HOH A 2103 . ? 1_555 ? 
48 AC4 13 HOH F .   ? HOH A 2141 . ? 1_555 ? 
# 
loop_
_pdbx_validate_rmsd_angle.id 
_pdbx_validate_rmsd_angle.PDB_model_num 
_pdbx_validate_rmsd_angle.auth_atom_id_1 
_pdbx_validate_rmsd_angle.auth_asym_id_1 
_pdbx_validate_rmsd_angle.auth_comp_id_1 
_pdbx_validate_rmsd_angle.auth_seq_id_1 
_pdbx_validate_rmsd_angle.PDB_ins_code_1 
_pdbx_validate_rmsd_angle.label_alt_id_1 
_pdbx_validate_rmsd_angle.auth_atom_id_2 
_pdbx_validate_rmsd_angle.auth_asym_id_2 
_pdbx_validate_rmsd_angle.auth_comp_id_2 
_pdbx_validate_rmsd_angle.auth_seq_id_2 
_pdbx_validate_rmsd_angle.PDB_ins_code_2 
_pdbx_validate_rmsd_angle.label_alt_id_2 
_pdbx_validate_rmsd_angle.auth_atom_id_3 
_pdbx_validate_rmsd_angle.auth_asym_id_3 
_pdbx_validate_rmsd_angle.auth_comp_id_3 
_pdbx_validate_rmsd_angle.auth_seq_id_3 
_pdbx_validate_rmsd_angle.PDB_ins_code_3 
_pdbx_validate_rmsd_angle.label_alt_id_3 
_pdbx_validate_rmsd_angle.angle_value 
_pdbx_validate_rmsd_angle.angle_target_value 
_pdbx_validate_rmsd_angle.angle_deviation 
_pdbx_validate_rmsd_angle.angle_standard_deviation 
_pdbx_validate_rmsd_angle.linker_flag 
1 1 CA A ASP 27  ? ? CB A ASP 27  ? ? CG  A ASP 27  ? ? 136.53 113.40 23.13 2.20 N 
2 1 NE A ARG 75  ? ? CZ A ARG 75  ? ? NH1 A ARG 75  ? ? 123.39 120.30 3.09  0.50 N 
3 1 CD A ARG 82  ? ? NE A ARG 82  ? ? CZ  A ARG 82  ? ? 133.76 123.60 10.16 1.40 N 
4 1 NE A ARG 84  ? ? CZ A ARG 84  ? ? NH2 A ARG 84  ? ? 124.37 120.30 4.07  0.50 N 
5 1 N  A ARG 88  ? ? CA A ARG 88  ? ? C   A ARG 88  ? ? 130.49 111.00 19.49 2.70 N 
6 1 NE A ARG 110 ? ? CZ A ARG 110 ? ? NH2 A ARG 110 ? ? 123.44 120.30 3.14  0.50 N 
7 1 CD A ARG 144 ? ? NE A ARG 144 ? ? CZ  A ARG 144 ? ? 157.56 123.60 33.96 1.40 N 
# 
loop_
_pdbx_validate_torsion.id 
_pdbx_validate_torsion.PDB_model_num 
_pdbx_validate_torsion.auth_comp_id 
_pdbx_validate_torsion.auth_asym_id 
_pdbx_validate_torsion.auth_seq_id 
_pdbx_validate_torsion.PDB_ins_code 
_pdbx_validate_torsion.label_alt_id 
_pdbx_validate_torsion.phi 
_pdbx_validate_torsion.psi 
1 1 ASN A 10  ? ? -140.87 16.32 
2 1 SER A 13  ? ? 59.65   79.30 
3 1 TRP A 89  ? ? -100.98 41.03 
4 1 ALA A 132 ? ? -151.39 69.68 
# 
_pdbx_database_remark.id     700 
_pdbx_database_remark.text   
;
SHEET
DETERMINATION METHOD:
THERE IS A BIFURCATED SHEETS IN THIS STRUCTURE.
THIS IS REPRESENTED BY TWO SHEETS WHICH HAVE ONE OR MORE
IDENTICAL STRANDS.
SHEETS A AND A1 REPRESENT ONE BIFURCATED SHEET.
;
# 
loop_
_chem_comp_atom.comp_id 
_chem_comp_atom.atom_id 
_chem_comp_atom.type_symbol 
_chem_comp_atom.pdbx_aromatic_flag 
_chem_comp_atom.pdbx_stereo_config 
_chem_comp_atom.pdbx_ordinal 
87Y N2     N  Y N 1   
87Y C3     C  Y N 2   
87Y O8     O  N N 3   
87Y C7     C  Y N 4   
87Y N10    N  N N 5   
87Y C12    C  N N 6   
87Y C15    C  N N 7   
87Y O16    O  N N 8   
87Y C11    C  N S 9   
87Y C14    C  N N 10  
87Y C13    C  N N 11  
87Y N9     N  N N 12  
87Y C6     C  Y N 13  
87Y N4     N  Y N 14  
87Y C1     C  Y N 15  
87Y N5     N  N N 16  
87Y C17    C  N N 17  
87Y C18    C  Y N 18  
87Y C19    C  Y N 19  
87Y C20    C  Y N 20  
87Y C21    C  Y N 21  
87Y C22    C  Y N 22  
87Y C23    C  Y N 23  
87Y H2     H  N N 24  
87Y H152   H  N N 25  
87Y H151   H  N N 26  
87Y H16    H  N N 27  
87Y H142   H  N N 28  
87Y H141   H  N N 29  
87Y H133   H  N N 30  
87Y H132   H  N N 31  
87Y H131   H  N N 32  
87Y H9     H  N N 33  
87Y H52    H  N N 34  
87Y H51    H  N N 35  
87Y H172   H  N N 36  
87Y H171   H  N N 37  
87Y H19    H  N N 38  
87Y H20    H  N N 39  
87Y H21    H  N N 40  
87Y H22    H  N N 41  
87Y H23    H  N N 42  
ALA N      N  N N 43  
ALA CA     C  N S 44  
ALA C      C  N N 45  
ALA O      O  N N 46  
ALA CB     C  N N 47  
ALA OXT    O  N N 48  
ALA H      H  N N 49  
ALA H2     H  N N 50  
ALA HA     H  N N 51  
ALA HB1    H  N N 52  
ALA HB2    H  N N 53  
ALA HB3    H  N N 54  
ALA HXT    H  N N 55  
ARG N      N  N N 56  
ARG CA     C  N S 57  
ARG C      C  N N 58  
ARG O      O  N N 59  
ARG CB     C  N N 60  
ARG CG     C  N N 61  
ARG CD     C  N N 62  
ARG NE     N  N N 63  
ARG CZ     C  N N 64  
ARG NH1    N  N N 65  
ARG NH2    N  N N 66  
ARG OXT    O  N N 67  
ARG H      H  N N 68  
ARG H2     H  N N 69  
ARG HA     H  N N 70  
ARG HB2    H  N N 71  
ARG HB3    H  N N 72  
ARG HG2    H  N N 73  
ARG HG3    H  N N 74  
ARG HD2    H  N N 75  
ARG HD3    H  N N 76  
ARG HE     H  N N 77  
ARG HH11   H  N N 78  
ARG HH12   H  N N 79  
ARG HH21   H  N N 80  
ARG HH22   H  N N 81  
ARG HXT    H  N N 82  
ASN N      N  N N 83  
ASN CA     C  N S 84  
ASN C      C  N N 85  
ASN O      O  N N 86  
ASN CB     C  N N 87  
ASN CG     C  N N 88  
ASN OD1    O  N N 89  
ASN ND2    N  N N 90  
ASN OXT    O  N N 91  
ASN H      H  N N 92  
ASN H2     H  N N 93  
ASN HA     H  N N 94  
ASN HB2    H  N N 95  
ASN HB3    H  N N 96  
ASN HD21   H  N N 97  
ASN HD22   H  N N 98  
ASN HXT    H  N N 99  
ASP N      N  N N 100 
ASP CA     C  N S 101 
ASP C      C  N N 102 
ASP O      O  N N 103 
ASP CB     C  N N 104 
ASP CG     C  N N 105 
ASP OD1    O  N N 106 
ASP OD2    O  N N 107 
ASP OXT    O  N N 108 
ASP H      H  N N 109 
ASP H2     H  N N 110 
ASP HA     H  N N 111 
ASP HB2    H  N N 112 
ASP HB3    H  N N 113 
ASP HD2    H  N N 114 
ASP HXT    H  N N 115 
ATP PG     P  N N 116 
ATP O1G    O  N N 117 
ATP O2G    O  N N 118 
ATP O3G    O  N N 119 
ATP PB     P  N R 120 
ATP O1B    O  N N 121 
ATP O2B    O  N N 122 
ATP O3B    O  N N 123 
ATP PA     P  N R 124 
ATP O1A    O  N N 125 
ATP O2A    O  N N 126 
ATP O3A    O  N N 127 
ATP "O5'"  O  N N 128 
ATP "C5'"  C  N N 129 
ATP "C4'"  C  N R 130 
ATP "O4'"  O  N N 131 
ATP "C3'"  C  N S 132 
ATP "O3'"  O  N N 133 
ATP "C2'"  C  N R 134 
ATP "O2'"  O  N N 135 
ATP "C1'"  C  N R 136 
ATP N9     N  Y N 137 
ATP C8     C  Y N 138 
ATP N7     N  Y N 139 
ATP C5     C  Y N 140 
ATP C6     C  Y N 141 
ATP N6     N  N N 142 
ATP N1     N  Y N 143 
ATP C2     C  Y N 144 
ATP N3     N  Y N 145 
ATP C4     C  Y N 146 
ATP HOG2   H  N N 147 
ATP HOG3   H  N N 148 
ATP HOB2   H  N N 149 
ATP HOA2   H  N N 150 
ATP "H5'1" H  N N 151 
ATP "H5'2" H  N N 152 
ATP "H4'"  H  N N 153 
ATP "H3'"  H  N N 154 
ATP "HO3'" H  N N 155 
ATP "H2'"  H  N N 156 
ATP "HO2'" H  N N 157 
ATP "H1'"  H  N N 158 
ATP H8     H  N N 159 
ATP HN61   H  N N 160 
ATP HN62   H  N N 161 
ATP H2     H  N N 162 
GLN N      N  N N 163 
GLN CA     C  N S 164 
GLN C      C  N N 165 
GLN O      O  N N 166 
GLN CB     C  N N 167 
GLN CG     C  N N 168 
GLN CD     C  N N 169 
GLN OE1    O  N N 170 
GLN NE2    N  N N 171 
GLN OXT    O  N N 172 
GLN H      H  N N 173 
GLN H2     H  N N 174 
GLN HA     H  N N 175 
GLN HB2    H  N N 176 
GLN HB3    H  N N 177 
GLN HG2    H  N N 178 
GLN HG3    H  N N 179 
GLN HE21   H  N N 180 
GLN HE22   H  N N 181 
GLN HXT    H  N N 182 
GLU N      N  N N 183 
GLU CA     C  N S 184 
GLU C      C  N N 185 
GLU O      O  N N 186 
GLU CB     C  N N 187 
GLU CG     C  N N 188 
GLU CD     C  N N 189 
GLU OE1    O  N N 190 
GLU OE2    O  N N 191 
GLU OXT    O  N N 192 
GLU H      H  N N 193 
GLU H2     H  N N 194 
GLU HA     H  N N 195 
GLU HB2    H  N N 196 
GLU HB3    H  N N 197 
GLU HG2    H  N N 198 
GLU HG3    H  N N 199 
GLU HE2    H  N N 200 
GLU HXT    H  N N 201 
GLY N      N  N N 202 
GLY CA     C  N N 203 
GLY C      C  N N 204 
GLY O      O  N N 205 
GLY OXT    O  N N 206 
GLY H      H  N N 207 
GLY H2     H  N N 208 
GLY HA2    H  N N 209 
GLY HA3    H  N N 210 
GLY HXT    H  N N 211 
HIS N      N  N N 212 
HIS CA     C  N S 213 
HIS C      C  N N 214 
HIS O      O  N N 215 
HIS CB     C  N N 216 
HIS CG     C  Y N 217 
HIS ND1    N  Y N 218 
HIS CD2    C  Y N 219 
HIS CE1    C  Y N 220 
HIS NE2    N  Y N 221 
HIS OXT    O  N N 222 
HIS H      H  N N 223 
HIS H2     H  N N 224 
HIS HA     H  N N 225 
HIS HB2    H  N N 226 
HIS HB3    H  N N 227 
HIS HD1    H  N N 228 
HIS HD2    H  N N 229 
HIS HE1    H  N N 230 
HIS HE2    H  N N 231 
HIS HXT    H  N N 232 
HOH O      O  N N 233 
HOH H1     H  N N 234 
HOH H2     H  N N 235 
ILE N      N  N N 236 
ILE CA     C  N S 237 
ILE C      C  N N 238 
ILE O      O  N N 239 
ILE CB     C  N S 240 
ILE CG1    C  N N 241 
ILE CG2    C  N N 242 
ILE CD1    C  N N 243 
ILE OXT    O  N N 244 
ILE H      H  N N 245 
ILE H2     H  N N 246 
ILE HA     H  N N 247 
ILE HB     H  N N 248 
ILE HG12   H  N N 249 
ILE HG13   H  N N 250 
ILE HG21   H  N N 251 
ILE HG22   H  N N 252 
ILE HG23   H  N N 253 
ILE HD11   H  N N 254 
ILE HD12   H  N N 255 
ILE HD13   H  N N 256 
ILE HXT    H  N N 257 
LEU N      N  N N 258 
LEU CA     C  N S 259 
LEU C      C  N N 260 
LEU O      O  N N 261 
LEU CB     C  N N 262 
LEU CG     C  N N 263 
LEU CD1    C  N N 264 
LEU CD2    C  N N 265 
LEU OXT    O  N N 266 
LEU H      H  N N 267 
LEU H2     H  N N 268 
LEU HA     H  N N 269 
LEU HB2    H  N N 270 
LEU HB3    H  N N 271 
LEU HG     H  N N 272 
LEU HD11   H  N N 273 
LEU HD12   H  N N 274 
LEU HD13   H  N N 275 
LEU HD21   H  N N 276 
LEU HD22   H  N N 277 
LEU HD23   H  N N 278 
LEU HXT    H  N N 279 
LYS N      N  N N 280 
LYS CA     C  N S 281 
LYS C      C  N N 282 
LYS O      O  N N 283 
LYS CB     C  N N 284 
LYS CG     C  N N 285 
LYS CD     C  N N 286 
LYS CE     C  N N 287 
LYS NZ     N  N N 288 
LYS OXT    O  N N 289 
LYS H      H  N N 290 
LYS H2     H  N N 291 
LYS HA     H  N N 292 
LYS HB2    H  N N 293 
LYS HB3    H  N N 294 
LYS HG2    H  N N 295 
LYS HG3    H  N N 296 
LYS HD2    H  N N 297 
LYS HD3    H  N N 298 
LYS HE2    H  N N 299 
LYS HE3    H  N N 300 
LYS HZ1    H  N N 301 
LYS HZ2    H  N N 302 
LYS HZ3    H  N N 303 
LYS HXT    H  N N 304 
MET N      N  N N 305 
MET CA     C  N S 306 
MET C      C  N N 307 
MET O      O  N N 308 
MET CB     C  N N 309 
MET CG     C  N N 310 
MET SD     S  N N 311 
MET CE     C  N N 312 
MET OXT    O  N N 313 
MET H      H  N N 314 
MET H2     H  N N 315 
MET HA     H  N N 316 
MET HB2    H  N N 317 
MET HB3    H  N N 318 
MET HG2    H  N N 319 
MET HG3    H  N N 320 
MET HE1    H  N N 321 
MET HE2    H  N N 322 
MET HE3    H  N N 323 
MET HXT    H  N N 324 
MG  MG     MG N N 325 
PHE N      N  N N 326 
PHE CA     C  N S 327 
PHE C      C  N N 328 
PHE O      O  N N 329 
PHE CB     C  N N 330 
PHE CG     C  Y N 331 
PHE CD1    C  Y N 332 
PHE CD2    C  Y N 333 
PHE CE1    C  Y N 334 
PHE CE2    C  Y N 335 
PHE CZ     C  Y N 336 
PHE OXT    O  N N 337 
PHE H      H  N N 338 
PHE H2     H  N N 339 
PHE HA     H  N N 340 
PHE HB2    H  N N 341 
PHE HB3    H  N N 342 
PHE HD1    H  N N 343 
PHE HD2    H  N N 344 
PHE HE1    H  N N 345 
PHE HE2    H  N N 346 
PHE HZ     H  N N 347 
PHE HXT    H  N N 348 
PRO N      N  N N 349 
PRO CA     C  N S 350 
PRO C      C  N N 351 
PRO O      O  N N 352 
PRO CB     C  N N 353 
PRO CG     C  N N 354 
PRO CD     C  N N 355 
PRO OXT    O  N N 356 
PRO H      H  N N 357 
PRO HA     H  N N 358 
PRO HB2    H  N N 359 
PRO HB3    H  N N 360 
PRO HG2    H  N N 361 
PRO HG3    H  N N 362 
PRO HD2    H  N N 363 
PRO HD3    H  N N 364 
PRO HXT    H  N N 365 
SER N      N  N N 366 
SER CA     C  N S 367 
SER C      C  N N 368 
SER O      O  N N 369 
SER CB     C  N N 370 
SER OG     O  N N 371 
SER OXT    O  N N 372 
SER H      H  N N 373 
SER H2     H  N N 374 
SER HA     H  N N 375 
SER HB2    H  N N 376 
SER HB3    H  N N 377 
SER HG     H  N N 378 
SER HXT    H  N N 379 
THR N      N  N N 380 
THR CA     C  N S 381 
THR C      C  N N 382 
THR O      O  N N 383 
THR CB     C  N R 384 
THR OG1    O  N N 385 
THR CG2    C  N N 386 
THR OXT    O  N N 387 
THR H      H  N N 388 
THR H2     H  N N 389 
THR HA     H  N N 390 
THR HB     H  N N 391 
THR HG1    H  N N 392 
THR HG21   H  N N 393 
THR HG22   H  N N 394 
THR HG23   H  N N 395 
THR HXT    H  N N 396 
TRP N      N  N N 397 
TRP CA     C  N S 398 
TRP C      C  N N 399 
TRP O      O  N N 400 
TRP CB     C  N N 401 
TRP CG     C  Y N 402 
TRP CD1    C  Y N 403 
TRP CD2    C  Y N 404 
TRP NE1    N  Y N 405 
TRP CE2    C  Y N 406 
TRP CE3    C  Y N 407 
TRP CZ2    C  Y N 408 
TRP CZ3    C  Y N 409 
TRP CH2    C  Y N 410 
TRP OXT    O  N N 411 
TRP H      H  N N 412 
TRP H2     H  N N 413 
TRP HA     H  N N 414 
TRP HB2    H  N N 415 
TRP HB3    H  N N 416 
TRP HD1    H  N N 417 
TRP HE1    H  N N 418 
TRP HE3    H  N N 419 
TRP HZ2    H  N N 420 
TRP HZ3    H  N N 421 
TRP HH2    H  N N 422 
TRP HXT    H  N N 423 
TYR N      N  N N 424 
TYR CA     C  N S 425 
TYR C      C  N N 426 
TYR O      O  N N 427 
TYR CB     C  N N 428 
TYR CG     C  Y N 429 
TYR CD1    C  Y N 430 
TYR CD2    C  Y N 431 
TYR CE1    C  Y N 432 
TYR CE2    C  Y N 433 
TYR CZ     C  Y N 434 
TYR OH     O  N N 435 
TYR OXT    O  N N 436 
TYR H      H  N N 437 
TYR H2     H  N N 438 
TYR HA     H  N N 439 
TYR HB2    H  N N 440 
TYR HB3    H  N N 441 
TYR HD1    H  N N 442 
TYR HD2    H  N N 443 
TYR HE1    H  N N 444 
TYR HE2    H  N N 445 
TYR HH     H  N N 446 
TYR HXT    H  N N 447 
VAL N      N  N N 448 
VAL CA     C  N S 449 
VAL C      C  N N 450 
VAL O      O  N N 451 
VAL CB     C  N N 452 
VAL CG1    C  N N 453 
VAL CG2    C  N N 454 
VAL OXT    O  N N 455 
VAL H      H  N N 456 
VAL H2     H  N N 457 
VAL HA     H  N N 458 
VAL HB     H  N N 459 
VAL HG11   H  N N 460 
VAL HG12   H  N N 461 
VAL HG13   H  N N 462 
VAL HG21   H  N N 463 
VAL HG22   H  N N 464 
VAL HG23   H  N N 465 
VAL HXT    H  N N 466 
# 
loop_
_chem_comp_bond.comp_id 
_chem_comp_bond.atom_id_1 
_chem_comp_bond.atom_id_2 
_chem_comp_bond.value_order 
_chem_comp_bond.pdbx_aromatic_flag 
_chem_comp_bond.pdbx_stereo_config 
_chem_comp_bond.pdbx_ordinal 
87Y N2    C3     sing Y N 1   
87Y N2    C1     sing Y N 2   
87Y N2    H2     sing N N 3   
87Y C3    O8     doub N N 4   
87Y C3    C7     sing Y N 5   
87Y C7    N10    sing N N 6   
87Y C7    C6     doub Y N 7   
87Y N10   C12    doub N N 8   
87Y C12   C15    sing N N 9   
87Y C12   C11    sing N N 10  
87Y C15   O16    sing N N 11  
87Y C15   H152   sing N N 12  
87Y C15   H151   sing N N 13  
87Y O16   H16    sing N N 14  
87Y C11   C14    sing N N 15  
87Y C11   C13    sing N N 16  
87Y C11   N9     sing N N 17  
87Y C14   C17    sing N N 18  
87Y C14   H142   sing N N 19  
87Y C14   H141   sing N N 20  
87Y C13   H133   sing N N 21  
87Y C13   H132   sing N N 22  
87Y C13   H131   sing N N 23  
87Y N9    C6     sing N N 24  
87Y N9    H9     sing N N 25  
87Y C6    N4     sing Y N 26  
87Y N4    C1     doub Y N 27  
87Y C1    N5     sing N N 28  
87Y N5    H52    sing N N 29  
87Y N5    H51    sing N N 30  
87Y C17   C18    sing N N 31  
87Y C17   H172   sing N N 32  
87Y C17   H171   sing N N 33  
87Y C18   C19    doub Y N 34  
87Y C18   C23    sing Y N 35  
87Y C19   C20    sing Y N 36  
87Y C19   H19    sing N N 37  
87Y C20   C21    doub Y N 38  
87Y C20   H20    sing N N 39  
87Y C21   C22    sing Y N 40  
87Y C21   H21    sing N N 41  
87Y C22   C23    doub Y N 42  
87Y C22   H22    sing N N 43  
87Y C23   H23    sing N N 44  
ALA N     CA     sing N N 45  
ALA N     H      sing N N 46  
ALA N     H2     sing N N 47  
ALA CA    C      sing N N 48  
ALA CA    CB     sing N N 49  
ALA CA    HA     sing N N 50  
ALA C     O      doub N N 51  
ALA C     OXT    sing N N 52  
ALA CB    HB1    sing N N 53  
ALA CB    HB2    sing N N 54  
ALA CB    HB3    sing N N 55  
ALA OXT   HXT    sing N N 56  
ARG N     CA     sing N N 57  
ARG N     H      sing N N 58  
ARG N     H2     sing N N 59  
ARG CA    C      sing N N 60  
ARG CA    CB     sing N N 61  
ARG CA    HA     sing N N 62  
ARG C     O      doub N N 63  
ARG C     OXT    sing N N 64  
ARG CB    CG     sing N N 65  
ARG CB    HB2    sing N N 66  
ARG CB    HB3    sing N N 67  
ARG CG    CD     sing N N 68  
ARG CG    HG2    sing N N 69  
ARG CG    HG3    sing N N 70  
ARG CD    NE     sing N N 71  
ARG CD    HD2    sing N N 72  
ARG CD    HD3    sing N N 73  
ARG NE    CZ     sing N N 74  
ARG NE    HE     sing N N 75  
ARG CZ    NH1    sing N N 76  
ARG CZ    NH2    doub N N 77  
ARG NH1   HH11   sing N N 78  
ARG NH1   HH12   sing N N 79  
ARG NH2   HH21   sing N N 80  
ARG NH2   HH22   sing N N 81  
ARG OXT   HXT    sing N N 82  
ASN N     CA     sing N N 83  
ASN N     H      sing N N 84  
ASN N     H2     sing N N 85  
ASN CA    C      sing N N 86  
ASN CA    CB     sing N N 87  
ASN CA    HA     sing N N 88  
ASN C     O      doub N N 89  
ASN C     OXT    sing N N 90  
ASN CB    CG     sing N N 91  
ASN CB    HB2    sing N N 92  
ASN CB    HB3    sing N N 93  
ASN CG    OD1    doub N N 94  
ASN CG    ND2    sing N N 95  
ASN ND2   HD21   sing N N 96  
ASN ND2   HD22   sing N N 97  
ASN OXT   HXT    sing N N 98  
ASP N     CA     sing N N 99  
ASP N     H      sing N N 100 
ASP N     H2     sing N N 101 
ASP CA    C      sing N N 102 
ASP CA    CB     sing N N 103 
ASP CA    HA     sing N N 104 
ASP C     O      doub N N 105 
ASP C     OXT    sing N N 106 
ASP CB    CG     sing N N 107 
ASP CB    HB2    sing N N 108 
ASP CB    HB3    sing N N 109 
ASP CG    OD1    doub N N 110 
ASP CG    OD2    sing N N 111 
ASP OD2   HD2    sing N N 112 
ASP OXT   HXT    sing N N 113 
ATP PG    O1G    doub N N 114 
ATP PG    O2G    sing N N 115 
ATP PG    O3G    sing N N 116 
ATP PG    O3B    sing N N 117 
ATP O2G   HOG2   sing N N 118 
ATP O3G   HOG3   sing N N 119 
ATP PB    O1B    doub N N 120 
ATP PB    O2B    sing N N 121 
ATP PB    O3B    sing N N 122 
ATP PB    O3A    sing N N 123 
ATP O2B   HOB2   sing N N 124 
ATP PA    O1A    doub N N 125 
ATP PA    O2A    sing N N 126 
ATP PA    O3A    sing N N 127 
ATP PA    "O5'"  sing N N 128 
ATP O2A   HOA2   sing N N 129 
ATP "O5'" "C5'"  sing N N 130 
ATP "C5'" "C4'"  sing N N 131 
ATP "C5'" "H5'1" sing N N 132 
ATP "C5'" "H5'2" sing N N 133 
ATP "C4'" "O4'"  sing N N 134 
ATP "C4'" "C3'"  sing N N 135 
ATP "C4'" "H4'"  sing N N 136 
ATP "O4'" "C1'"  sing N N 137 
ATP "C3'" "O3'"  sing N N 138 
ATP "C3'" "C2'"  sing N N 139 
ATP "C3'" "H3'"  sing N N 140 
ATP "O3'" "HO3'" sing N N 141 
ATP "C2'" "O2'"  sing N N 142 
ATP "C2'" "C1'"  sing N N 143 
ATP "C2'" "H2'"  sing N N 144 
ATP "O2'" "HO2'" sing N N 145 
ATP "C1'" N9     sing N N 146 
ATP "C1'" "H1'"  sing N N 147 
ATP N9    C8     sing Y N 148 
ATP N9    C4     sing Y N 149 
ATP C8    N7     doub Y N 150 
ATP C8    H8     sing N N 151 
ATP N7    C5     sing Y N 152 
ATP C5    C6     sing Y N 153 
ATP C5    C4     doub Y N 154 
ATP C6    N6     sing N N 155 
ATP C6    N1     doub Y N 156 
ATP N6    HN61   sing N N 157 
ATP N6    HN62   sing N N 158 
ATP N1    C2     sing Y N 159 
ATP C2    N3     doub Y N 160 
ATP C2    H2     sing N N 161 
ATP N3    C4     sing Y N 162 
GLN N     CA     sing N N 163 
GLN N     H      sing N N 164 
GLN N     H2     sing N N 165 
GLN CA    C      sing N N 166 
GLN CA    CB     sing N N 167 
GLN CA    HA     sing N N 168 
GLN C     O      doub N N 169 
GLN C     OXT    sing N N 170 
GLN CB    CG     sing N N 171 
GLN CB    HB2    sing N N 172 
GLN CB    HB3    sing N N 173 
GLN CG    CD     sing N N 174 
GLN CG    HG2    sing N N 175 
GLN CG    HG3    sing N N 176 
GLN CD    OE1    doub N N 177 
GLN CD    NE2    sing N N 178 
GLN NE2   HE21   sing N N 179 
GLN NE2   HE22   sing N N 180 
GLN OXT   HXT    sing N N 181 
GLU N     CA     sing N N 182 
GLU N     H      sing N N 183 
GLU N     H2     sing N N 184 
GLU CA    C      sing N N 185 
GLU CA    CB     sing N N 186 
GLU CA    HA     sing N N 187 
GLU C     O      doub N N 188 
GLU C     OXT    sing N N 189 
GLU CB    CG     sing N N 190 
GLU CB    HB2    sing N N 191 
GLU CB    HB3    sing N N 192 
GLU CG    CD     sing N N 193 
GLU CG    HG2    sing N N 194 
GLU CG    HG3    sing N N 195 
GLU CD    OE1    doub N N 196 
GLU CD    OE2    sing N N 197 
GLU OE2   HE2    sing N N 198 
GLU OXT   HXT    sing N N 199 
GLY N     CA     sing N N 200 
GLY N     H      sing N N 201 
GLY N     H2     sing N N 202 
GLY CA    C      sing N N 203 
GLY CA    HA2    sing N N 204 
GLY CA    HA3    sing N N 205 
GLY C     O      doub N N 206 
GLY C     OXT    sing N N 207 
GLY OXT   HXT    sing N N 208 
HIS N     CA     sing N N 209 
HIS N     H      sing N N 210 
HIS N     H2     sing N N 211 
HIS CA    C      sing N N 212 
HIS CA    CB     sing N N 213 
HIS CA    HA     sing N N 214 
HIS C     O      doub N N 215 
HIS C     OXT    sing N N 216 
HIS CB    CG     sing N N 217 
HIS CB    HB2    sing N N 218 
HIS CB    HB3    sing N N 219 
HIS CG    ND1    sing Y N 220 
HIS CG    CD2    doub Y N 221 
HIS ND1   CE1    doub Y N 222 
HIS ND1   HD1    sing N N 223 
HIS CD2   NE2    sing Y N 224 
HIS CD2   HD2    sing N N 225 
HIS CE1   NE2    sing Y N 226 
HIS CE1   HE1    sing N N 227 
HIS NE2   HE2    sing N N 228 
HIS OXT   HXT    sing N N 229 
HOH O     H1     sing N N 230 
HOH O     H2     sing N N 231 
ILE N     CA     sing N N 232 
ILE N     H      sing N N 233 
ILE N     H2     sing N N 234 
ILE CA    C      sing N N 235 
ILE CA    CB     sing N N 236 
ILE CA    HA     sing N N 237 
ILE C     O      doub N N 238 
ILE C     OXT    sing N N 239 
ILE CB    CG1    sing N N 240 
ILE CB    CG2    sing N N 241 
ILE CB    HB     sing N N 242 
ILE CG1   CD1    sing N N 243 
ILE CG1   HG12   sing N N 244 
ILE CG1   HG13   sing N N 245 
ILE CG2   HG21   sing N N 246 
ILE CG2   HG22   sing N N 247 
ILE CG2   HG23   sing N N 248 
ILE CD1   HD11   sing N N 249 
ILE CD1   HD12   sing N N 250 
ILE CD1   HD13   sing N N 251 
ILE OXT   HXT    sing N N 252 
LEU N     CA     sing N N 253 
LEU N     H      sing N N 254 
LEU N     H2     sing N N 255 
LEU CA    C      sing N N 256 
LEU CA    CB     sing N N 257 
LEU CA    HA     sing N N 258 
LEU C     O      doub N N 259 
LEU C     OXT    sing N N 260 
LEU CB    CG     sing N N 261 
LEU CB    HB2    sing N N 262 
LEU CB    HB3    sing N N 263 
LEU CG    CD1    sing N N 264 
LEU CG    CD2    sing N N 265 
LEU CG    HG     sing N N 266 
LEU CD1   HD11   sing N N 267 
LEU CD1   HD12   sing N N 268 
LEU CD1   HD13   sing N N 269 
LEU CD2   HD21   sing N N 270 
LEU CD2   HD22   sing N N 271 
LEU CD2   HD23   sing N N 272 
LEU OXT   HXT    sing N N 273 
LYS N     CA     sing N N 274 
LYS N     H      sing N N 275 
LYS N     H2     sing N N 276 
LYS CA    C      sing N N 277 
LYS CA    CB     sing N N 278 
LYS CA    HA     sing N N 279 
LYS C     O      doub N N 280 
LYS C     OXT    sing N N 281 
LYS CB    CG     sing N N 282 
LYS CB    HB2    sing N N 283 
LYS CB    HB3    sing N N 284 
LYS CG    CD     sing N N 285 
LYS CG    HG2    sing N N 286 
LYS CG    HG3    sing N N 287 
LYS CD    CE     sing N N 288 
LYS CD    HD2    sing N N 289 
LYS CD    HD3    sing N N 290 
LYS CE    NZ     sing N N 291 
LYS CE    HE2    sing N N 292 
LYS CE    HE3    sing N N 293 
LYS NZ    HZ1    sing N N 294 
LYS NZ    HZ2    sing N N 295 
LYS NZ    HZ3    sing N N 296 
LYS OXT   HXT    sing N N 297 
MET N     CA     sing N N 298 
MET N     H      sing N N 299 
MET N     H2     sing N N 300 
MET CA    C      sing N N 301 
MET CA    CB     sing N N 302 
MET CA    HA     sing N N 303 
MET C     O      doub N N 304 
MET C     OXT    sing N N 305 
MET CB    CG     sing N N 306 
MET CB    HB2    sing N N 307 
MET CB    HB3    sing N N 308 
MET CG    SD     sing N N 309 
MET CG    HG2    sing N N 310 
MET CG    HG3    sing N N 311 
MET SD    CE     sing N N 312 
MET CE    HE1    sing N N 313 
MET CE    HE2    sing N N 314 
MET CE    HE3    sing N N 315 
MET OXT   HXT    sing N N 316 
PHE N     CA     sing N N 317 
PHE N     H      sing N N 318 
PHE N     H2     sing N N 319 
PHE CA    C      sing N N 320 
PHE CA    CB     sing N N 321 
PHE CA    HA     sing N N 322 
PHE C     O      doub N N 323 
PHE C     OXT    sing N N 324 
PHE CB    CG     sing N N 325 
PHE CB    HB2    sing N N 326 
PHE CB    HB3    sing N N 327 
PHE CG    CD1    doub Y N 328 
PHE CG    CD2    sing Y N 329 
PHE CD1   CE1    sing Y N 330 
PHE CD1   HD1    sing N N 331 
PHE CD2   CE2    doub Y N 332 
PHE CD2   HD2    sing N N 333 
PHE CE1   CZ     doub Y N 334 
PHE CE1   HE1    sing N N 335 
PHE CE2   CZ     sing Y N 336 
PHE CE2   HE2    sing N N 337 
PHE CZ    HZ     sing N N 338 
PHE OXT   HXT    sing N N 339 
PRO N     CA     sing N N 340 
PRO N     CD     sing N N 341 
PRO N     H      sing N N 342 
PRO CA    C      sing N N 343 
PRO CA    CB     sing N N 344 
PRO CA    HA     sing N N 345 
PRO C     O      doub N N 346 
PRO C     OXT    sing N N 347 
PRO CB    CG     sing N N 348 
PRO CB    HB2    sing N N 349 
PRO CB    HB3    sing N N 350 
PRO CG    CD     sing N N 351 
PRO CG    HG2    sing N N 352 
PRO CG    HG3    sing N N 353 
PRO CD    HD2    sing N N 354 
PRO CD    HD3    sing N N 355 
PRO OXT   HXT    sing N N 356 
SER N     CA     sing N N 357 
SER N     H      sing N N 358 
SER N     H2     sing N N 359 
SER CA    C      sing N N 360 
SER CA    CB     sing N N 361 
SER CA    HA     sing N N 362 
SER C     O      doub N N 363 
SER C     OXT    sing N N 364 
SER CB    OG     sing N N 365 
SER CB    HB2    sing N N 366 
SER CB    HB3    sing N N 367 
SER OG    HG     sing N N 368 
SER OXT   HXT    sing N N 369 
THR N     CA     sing N N 370 
THR N     H      sing N N 371 
THR N     H2     sing N N 372 
THR CA    C      sing N N 373 
THR CA    CB     sing N N 374 
THR CA    HA     sing N N 375 
THR C     O      doub N N 376 
THR C     OXT    sing N N 377 
THR CB    OG1    sing N N 378 
THR CB    CG2    sing N N 379 
THR CB    HB     sing N N 380 
THR OG1   HG1    sing N N 381 
THR CG2   HG21   sing N N 382 
THR CG2   HG22   sing N N 383 
THR CG2   HG23   sing N N 384 
THR OXT   HXT    sing N N 385 
TRP N     CA     sing N N 386 
TRP N     H      sing N N 387 
TRP N     H2     sing N N 388 
TRP CA    C      sing N N 389 
TRP CA    CB     sing N N 390 
TRP CA    HA     sing N N 391 
TRP C     O      doub N N 392 
TRP C     OXT    sing N N 393 
TRP CB    CG     sing N N 394 
TRP CB    HB2    sing N N 395 
TRP CB    HB3    sing N N 396 
TRP CG    CD1    doub Y N 397 
TRP CG    CD2    sing Y N 398 
TRP CD1   NE1    sing Y N 399 
TRP CD1   HD1    sing N N 400 
TRP CD2   CE2    doub Y N 401 
TRP CD2   CE3    sing Y N 402 
TRP NE1   CE2    sing Y N 403 
TRP NE1   HE1    sing N N 404 
TRP CE2   CZ2    sing Y N 405 
TRP CE3   CZ3    doub Y N 406 
TRP CE3   HE3    sing N N 407 
TRP CZ2   CH2    doub Y N 408 
TRP CZ2   HZ2    sing N N 409 
TRP CZ3   CH2    sing Y N 410 
TRP CZ3   HZ3    sing N N 411 
TRP CH2   HH2    sing N N 412 
TRP OXT   HXT    sing N N 413 
TYR N     CA     sing N N 414 
TYR N     H      sing N N 415 
TYR N     H2     sing N N 416 
TYR CA    C      sing N N 417 
TYR CA    CB     sing N N 418 
TYR CA    HA     sing N N 419 
TYR C     O      doub N N 420 
TYR C     OXT    sing N N 421 
TYR CB    CG     sing N N 422 
TYR CB    HB2    sing N N 423 
TYR CB    HB3    sing N N 424 
TYR CG    CD1    doub Y N 425 
TYR CG    CD2    sing Y N 426 
TYR CD1   CE1    sing Y N 427 
TYR CD1   HD1    sing N N 428 
TYR CD2   CE2    doub Y N 429 
TYR CD2   HD2    sing N N 430 
TYR CE1   CZ     doub Y N 431 
TYR CE1   HE1    sing N N 432 
TYR CE2   CZ     sing Y N 433 
TYR CE2   HE2    sing N N 434 
TYR CZ    OH     sing N N 435 
TYR OH    HH     sing N N 436 
TYR OXT   HXT    sing N N 437 
VAL N     CA     sing N N 438 
VAL N     H      sing N N 439 
VAL N     H2     sing N N 440 
VAL CA    C      sing N N 441 
VAL CA    CB     sing N N 442 
VAL CA    HA     sing N N 443 
VAL C     O      doub N N 444 
VAL C     OXT    sing N N 445 
VAL CB    CG1    sing N N 446 
VAL CB    CG2    sing N N 447 
VAL CB    HB     sing N N 448 
VAL CG1   HG11   sing N N 449 
VAL CG1   HG12   sing N N 450 
VAL CG1   HG13   sing N N 451 
VAL CG2   HG21   sing N N 452 
VAL CG2   HG22   sing N N 453 
VAL CG2   HG23   sing N N 454 
VAL OXT   HXT    sing N N 455 
# 
_atom_sites.entry_id                    1DY3 
_atom_sites.fract_transf_matrix[1][1]   0.00212868 
_atom_sites.fract_transf_matrix[1][2]   -0.02431967 
_atom_sites.fract_transf_matrix[1][3]   0.00025621 
_atom_sites.fract_transf_matrix[2][1]   -0.00950406 
_atom_sites.fract_transf_matrix[2][2]   -0.00071672 
_atom_sites.fract_transf_matrix[2][3]   0.01093143 
_atom_sites.fract_transf_matrix[3][1]   -0.00649689 
_atom_sites.fract_transf_matrix[3][2]   -0.00062861 
_atom_sites.fract_transf_matrix[3][3]   -0.00568977 
_atom_sites.fract_transf_vector[1]      0.636088 
_atom_sites.fract_transf_vector[2]      0.457803 
_atom_sites.fract_transf_vector[3]      0.130563 
# 
loop_
_atom_type.symbol 
C  
MG 
N  
O  
P  
S  
# 
loop_
_atom_site.group_PDB 
_atom_site.id 
_atom_site.type_symbol 
_atom_site.label_atom_id 
_atom_site.label_alt_id 
_atom_site.label_comp_id 
_atom_site.label_asym_id 
_atom_site.label_entity_id 
_atom_site.label_seq_id 
_atom_site.pdbx_PDB_ins_code 
_atom_site.Cartn_x 
_atom_site.Cartn_y 
_atom_site.Cartn_z 
_atom_site.occupancy 
_atom_site.B_iso_or_equiv 
_atom_site.pdbx_formal_charge 
_atom_site.auth_seq_id 
_atom_site.auth_comp_id 
_atom_site.auth_asym_id 
_atom_site.auth_atom_id 
_atom_site.pdbx_PDB_model_num 
ATOM   1    N  N     . THR A 1 1   ? 2.518   -17.355 0.180   1.00 14.06 ? 1    THR A N     1 
ATOM   2    C  CA    . THR A 1 1   ? 2.514   -16.367 -0.939  1.00 15.17 ? 1    THR A CA    1 
ATOM   3    C  C     . THR A 1 1   ? 3.108   -15.048 -0.479  1.00 14.67 ? 1    THR A C     1 
ATOM   4    O  O     . THR A 1 1   ? 2.961   -14.739 0.706   1.00 14.96 ? 1    THR A O     1 
ATOM   5    C  CB    . THR A 1 1   ? 1.092   -16.166 -1.462  1.00 16.32 ? 1    THR A CB    1 
ATOM   6    O  OG1   . THR A 1 1   ? 0.491   -17.462 -1.693  1.00 16.12 ? 1    THR A OG1   1 
ATOM   7    C  CG2   . THR A 1 1   ? 1.035   -15.403 -2.778  1.00 12.32 ? 1    THR A CG2   1 
ATOM   8    N  N     . VAL A 1 2   ? 3.720   -14.267 -1.371  1.00 14.44 ? 2    VAL A N     1 
ATOM   9    C  CA    . VAL A 1 2   ? 4.257   -12.965 -0.970  1.00 14.48 ? 2    VAL A CA    1 
ATOM   10   C  C     . VAL A 1 2   ? 3.286   -11.887 -1.486  1.00 13.71 ? 2    VAL A C     1 
ATOM   11   O  O     . VAL A 1 2   ? 2.941   -11.869 -2.669  1.00 13.87 ? 2    VAL A O     1 
ATOM   12   C  CB    . VAL A 1 2   ? 5.659   -12.658 -1.473  1.00 19.71 ? 2    VAL A CB    1 
ATOM   13   C  CG1   . VAL A 1 2   ? 6.101   -11.246 -1.066  1.00 16.27 ? 2    VAL A CG1   1 
ATOM   14   C  CG2   . VAL A 1 2   ? 6.675   -13.684 -0.950  1.00 23.80 ? 2    VAL A CG2   1 
ATOM   15   N  N     . ALA A 1 3   ? 2.820   -11.072 -0.552  1.00 11.77 ? 3    ALA A N     1 
ATOM   16   C  CA    . ALA A 1 3   ? 1.900   -10.003 -0.888  1.00 11.95 ? 3    ALA A CA    1 
ATOM   17   C  C     . ALA A 1 3   ? 2.599   -8.670  -0.628  1.00 11.23 ? 3    ALA A C     1 
ATOM   18   O  O     . ALA A 1 3   ? 3.372   -8.553  0.334   1.00 13.13 ? 3    ALA A O     1 
ATOM   19   C  CB    . ALA A 1 3   ? 0.618   -10.125 -0.077  1.00 15.01 ? 3    ALA A CB    1 
ATOM   20   N  N     . TYR A 1 4   ? 2.324   -7.690  -1.465  1.00 10.42 ? 4    TYR A N     1 
ATOM   21   C  CA    . TYR A 1 4   ? 2.900   -6.359  -1.267  1.00 9.98  ? 4    TYR A CA    1 
ATOM   22   C  C     . TYR A 1 4   ? 1.756   -5.423  -0.856  1.00 9.33  ? 4    TYR A C     1 
ATOM   23   O  O     . TYR A 1 4   ? 0.750   -5.372  -1.564  1.00 8.50  ? 4    TYR A O     1 
ATOM   24   C  CB    . TYR A 1 4   ? 3.621   -5.853  -2.503  1.00 10.31 ? 4    TYR A CB    1 
ATOM   25   C  CG    . TYR A 1 4   ? 4.871   -6.659  -2.769  1.00 12.33 ? 4    TYR A CG    1 
ATOM   26   C  CD1   . TYR A 1 4   ? 6.039   -6.333  -2.074  1.00 14.24 ? 4    TYR A CD1   1 
ATOM   27   C  CD2   . TYR A 1 4   ? 4.898   -7.693  -3.685  1.00 14.38 ? 4    TYR A CD2   1 
ATOM   28   C  CE1   . TYR A 1 4   ? 7.202   -7.037  -2.289  1.00 16.04 ? 4    TYR A CE1   1 
ATOM   29   C  CE2   . TYR A 1 4   ? 6.072   -8.405  -3.917  1.00 13.72 ? 4    TYR A CE2   1 
ATOM   30   C  CZ    . TYR A 1 4   ? 7.202   -8.063  -3.226  1.00 15.99 ? 4    TYR A CZ    1 
ATOM   31   O  OH    . TYR A 1 4   ? 8.393   -8.745  -3.401  1.00 17.45 ? 4    TYR A OH    1 
ATOM   32   N  N     . ILE A 1 5   ? 1.905   -4.785  0.274   1.00 9.57  ? 5    ILE A N     1 
ATOM   33   C  CA    . ILE A 1 5   ? 0.876   -3.904  0.816   1.00 9.49  ? 5    ILE A CA    1 
ATOM   34   C  C     . ILE A 1 5   ? 1.334   -2.452  0.835   1.00 11.03 ? 5    ILE A C     1 
ATOM   35   O  O     . ILE A 1 5   ? 2.439   -2.168  1.292   1.00 9.40  ? 5    ILE A O     1 
ATOM   36   C  CB    . ILE A 1 5   ? 0.504   -4.385  2.226   1.00 11.21 ? 5    ILE A CB    1 
ATOM   37   C  CG1   . ILE A 1 5   ? -0.192  -5.771  2.134   1.00 16.61 ? 5    ILE A CG1   1 
ATOM   38   C  CG2   . ILE A 1 5   ? -0.389  -3.391  2.955   1.00 11.44 ? 5    ILE A CG2   1 
ATOM   39   C  CD1   . ILE A 1 5   ? -0.294  -6.473  3.475   1.00 22.97 ? 5    ILE A CD1   1 
ATOM   40   N  N     . ALA A 1 6   ? 0.482   -1.541  0.358   1.00 9.31  ? 6    ALA A N     1 
ATOM   41   C  CA    . ALA A 1 6   ? 0.816   -0.124  0.409   1.00 10.52 ? 6    ALA A CA    1 
ATOM   42   C  C     . ALA A 1 6   ? 0.190   0.476   1.682   1.00 10.00 ? 6    ALA A C     1 
ATOM   43   O  O     . ALA A 1 6   ? -0.930  0.118   2.024   1.00 8.60  ? 6    ALA A O     1 
ATOM   44   C  CB    . ALA A 1 6   ? 0.324   0.641   -0.798  1.00 9.66  ? 6    ALA A CB    1 
ATOM   45   N  N     . ILE A 1 7   ? 0.893   1.372   2.346   1.00 9.13  ? 7    ILE A N     1 
ATOM   46   C  CA    . ILE A 1 7   ? 0.366   2.010   3.546   1.00 10.58 ? 7    ILE A CA    1 
ATOM   47   C  C     . ILE A 1 7   ? 0.280   3.515   3.341   1.00 11.51 ? 7    ILE A C     1 
ATOM   48   O  O     . ILE A 1 7   ? 1.214   4.109   2.802   1.00 9.83  ? 7    ILE A O     1 
ATOM   49   C  CB    . ILE A 1 7   ? 1.232   1.741   4.783   1.00 12.54 ? 7    ILE A CB    1 
ATOM   50   C  CG1   . ILE A 1 7   ? 1.401   0.224   4.991   1.00 10.31 ? 7    ILE A CG1   1 
ATOM   51   C  CG2   . ILE A 1 7   ? 0.607   2.413   6.006   1.00 10.67 ? 7    ILE A CG2   1 
ATOM   52   C  CD1   . ILE A 1 7   ? 2.394   -0.125  6.094   1.00 13.08 ? 7    ILE A CD1   1 
ATOM   53   N  N     . GLY A 1 8   ? -0.860  4.102   3.703   1.00 12.50 ? 8    GLY A N     1 
ATOM   54   C  CA    . GLY A 1 8   ? -1.004  5.557   3.570   1.00 12.02 ? 8    GLY A CA    1 
ATOM   55   C  C     . GLY A 1 8   ? -1.700  6.091   4.831   1.00 12.24 ? 8    GLY A C     1 
ATOM   56   O  O     . GLY A 1 8   ? -2.580  5.422   5.370   1.00 12.25 ? 8    GLY A O     1 
ATOM   57   N  N     . SER A 1 9   ? -1.337  7.295   5.253   1.00 11.43 ? 9    SER A N     1 
ATOM   58   C  CA    . SER A 1 9   ? -1.967  7.952   6.389   1.00 9.13  ? 9    SER A CA    1 
ATOM   59   C  C     . SER A 1 9   ? -1.728  9.466   6.322   1.00 10.36 ? 9    SER A C     1 
ATOM   60   O  O     . SER A 1 9   ? -0.574  9.855   6.065   1.00 7.81  ? 9    SER A O     1 
ATOM   61   C  CB    . SER A 1 9   ? -1.434  7.420   7.715   1.00 8.01  ? 9    SER A CB    1 
ATOM   62   O  OG    . SER A 1 9   ? -1.931  8.179   8.823   1.00 8.88  ? 9    SER A OG    1 
ATOM   63   N  N     . ASN A 1 10  ? -2.750  10.279  6.569   1.00 10.96 ? 10   ASN A N     1 
ATOM   64   C  CA    . ASN A 1 10  ? -2.490  11.731  6.577   1.00 12.09 ? 10   ASN A CA    1 
ATOM   65   C  C     . ASN A 1 10  ? -3.292  12.393  7.703   1.00 13.56 ? 10   ASN A C     1 
ATOM   66   O  O     . ASN A 1 10  ? -3.463  13.599  7.716   1.00 12.74 ? 10   ASN A O     1 
ATOM   67   C  CB    . ASN A 1 10  ? -2.789  12.382  5.241   1.00 7.98  ? 10   ASN A CB    1 
ATOM   68   C  CG    . ASN A 1 10  ? -4.213  12.442  4.806   1.00 10.87 ? 10   ASN A CG    1 
ATOM   69   O  OD1   . ASN A 1 10  ? -5.083  11.651  5.194   1.00 10.27 ? 10   ASN A OD1   1 
ATOM   70   N  ND2   . ASN A 1 10  ? -4.491  13.442  3.945   1.00 10.53 ? 10   ASN A ND2   1 
ATOM   71   N  N     . LEU A 1 11  ? -3.786  11.595  8.658   1.00 12.78 ? 11   LEU A N     1 
ATOM   72   C  CA    . LEU A 1 11  ? -4.547  12.131  9.760   1.00 14.03 ? 11   LEU A CA    1 
ATOM   73   C  C     . LEU A 1 11  ? -4.139  11.448  11.079  1.00 15.26 ? 11   LEU A C     1 
ATOM   74   O  O     . LEU A 1 11  ? -3.675  10.313  11.116  1.00 13.48 ? 11   LEU A O     1 
ATOM   75   C  CB    . LEU A 1 11  ? -6.055  11.939  9.657   1.00 12.73 ? 11   LEU A CB    1 
ATOM   76   C  CG    . LEU A 1 11  ? -6.904  12.594  8.612   1.00 15.29 ? 11   LEU A CG    1 
ATOM   77   C  CD1   . LEU A 1 11  ? -8.368  12.158  8.662   1.00 18.72 ? 11   LEU A CD1   1 
ATOM   78   C  CD2   . LEU A 1 11  ? -6.843  14.134  8.779   1.00 17.63 ? 11   LEU A CD2   1 
ATOM   79   N  N     . ALA A 1 12  ? -4.386  12.202  12.137  1.00 15.69 ? 12   ALA A N     1 
ATOM   80   C  CA    . ALA A 1 12  ? -4.175  11.755  13.505  1.00 13.93 ? 12   ALA A CA    1 
ATOM   81   C  C     . ALA A 1 12  ? -2.796  11.165  13.757  1.00 13.26 ? 12   ALA A C     1 
ATOM   82   O  O     . ALA A 1 12  ? -2.666  10.058  14.280  1.00 13.66 ? 12   ALA A O     1 
ATOM   83   C  CB    . ALA A 1 12  ? -5.306  10.752  13.807  1.00 15.36 ? 12   ALA A CB    1 
ATOM   84   N  N     . SER A 1 13  ? -1.763  11.957  13.496  1.00 11.42 ? 13   SER A N     1 
ATOM   85   C  CA    . SER A 1 13  ? -0.361  11.608  13.668  1.00 11.84 ? 13   SER A CA    1 
ATOM   86   C  C     . SER A 1 13  ? 0.032   10.394  12.818  1.00 10.70 ? 13   SER A C     1 
ATOM   87   O  O     . SER A 1 13  ? 0.117   9.267   13.311  1.00 10.79 ? 13   SER A O     1 
ATOM   88   C  CB    . SER A 1 13  ? -0.024  11.325  15.141  1.00 19.45 ? 13   SER A CB    1 
ATOM   89   O  OG    . SER A 1 13  ? -0.404  12.442  15.931  1.00 26.44 ? 13   SER A OG    1 
ATOM   90   N  N     . PRO A 1 14  ? 0.260   10.624  11.538  1.00 9.12  ? 14   PRO A N     1 
ATOM   91   C  CA    . PRO A 1 14  ? 0.585   9.553   10.592  1.00 9.81  ? 14   PRO A CA    1 
ATOM   92   C  C     . PRO A 1 14  ? 1.697   8.630   11.019  1.00 9.34  ? 14   PRO A C     1 
ATOM   93   O  O     . PRO A 1 14  ? 1.564   7.401   10.799  1.00 10.57 ? 14   PRO A O     1 
ATOM   94   C  CB    . PRO A 1 14  ? 0.904   10.300  9.301   1.00 9.94  ? 14   PRO A CB    1 
ATOM   95   C  CG    . PRO A 1 14  ? 0.046   11.546  9.389   1.00 10.35 ? 14   PRO A CG    1 
ATOM   96   C  CD    . PRO A 1 14  ? 0.157   11.940  10.859  1.00 9.66  ? 14   PRO A CD    1 
ATOM   97   N  N     . LEU A 1 15  ? 2.774   9.118   11.647  1.00 9.27  ? 15   LEU A N     1 
ATOM   98   C  CA    . LEU A 1 15  ? 3.838   8.236   12.093  1.00 9.82  ? 15   LEU A CA    1 
ATOM   99   C  C     . LEU A 1 15  ? 3.343   7.234   13.150  1.00 10.95 ? 15   LEU A C     1 
ATOM   100  O  O     . LEU A 1 15  ? 3.722   6.051   13.113  1.00 8.20  ? 15   LEU A O     1 
ATOM   101  C  CB    . LEU A 1 15  ? 5.036   8.998   12.674  1.00 8.42  ? 15   LEU A CB    1 
ATOM   102  C  CG    . LEU A 1 15  ? 6.206   8.136   13.131  1.00 9.33  ? 15   LEU A CG    1 
ATOM   103  C  CD1   . LEU A 1 15  ? 6.667   7.151   12.034  1.00 10.22 ? 15   LEU A CD1   1 
ATOM   104  C  CD2   . LEU A 1 15  ? 7.400   8.980   13.538  1.00 13.51 ? 15   LEU A CD2   1 
ATOM   105  N  N     . GLU A 1 16  ? 2.523   7.678   14.091  1.00 10.64 ? 16   GLU A N     1 
ATOM   106  C  CA    . GLU A 1 16  ? 1.968   6.762   15.089  1.00 12.03 ? 16   GLU A CA    1 
ATOM   107  C  C     . GLU A 1 16  ? 1.033   5.756   14.440  1.00 11.38 ? 16   GLU A C     1 
ATOM   108  O  O     . GLU A 1 16  ? 0.984   4.575   14.758  1.00 11.32 ? 16   GLU A O     1 
ATOM   109  C  CB    . GLU A 1 16  ? 1.221   7.534   16.191  1.00 14.48 ? 16   GLU A CB    1 
ATOM   110  C  CG    . GLU A 1 16  ? 2.129   8.446   17.024  1.00 16.57 ? 16   GLU A CG    1 
ATOM   111  C  CD    . GLU A 1 16  ? 1.314   9.192   18.087  1.00 22.75 ? 16   GLU A CD    1 
ATOM   112  O  OE1   . GLU A 1 16  ? 0.512   8.568   18.801  1.00 24.59 ? 16   GLU A OE1   1 
ATOM   113  O  OE2   . GLU A 1 16  ? 1.494   10.418  18.191  1.00 25.47 ? 16   GLU A OE2   1 
ATOM   114  N  N     . GLN A 1 17  ? 0.240   6.228   13.470  1.00 11.07 ? 17   GLN A N     1 
ATOM   115  C  CA    . GLN A 1 17  ? -0.692  5.361   12.758  1.00 11.97 ? 17   GLN A CA    1 
ATOM   116  C  C     . GLN A 1 17  ? 0.044   4.238   12.005  1.00 12.34 ? 17   GLN A C     1 
ATOM   117  O  O     . GLN A 1 17  ? -0.374  3.077   12.030  1.00 12.03 ? 17   GLN A O     1 
ATOM   118  C  CB    . GLN A 1 17  ? -1.532  6.162   11.789  1.00 12.17 ? 17   GLN A CB    1 
ATOM   119  C  CG    . GLN A 1 17  ? -2.474  7.211   12.379  1.00 11.01 ? 17   GLN A CG    1 
ATOM   120  C  CD    . GLN A 1 17  ? -3.553  6.606   13.256  1.00 20.95 ? 17   GLN A CD    1 
ATOM   121  O  OE1   . GLN A 1 17  ? -3.882  5.419   13.224  1.00 14.77 ? 17   GLN A OE1   1 
ATOM   122  N  NE2   . GLN A 1 17  ? -4.163  7.449   14.097  1.00 18.37 ? 17   GLN A NE2   1 
ATOM   123  N  N     . VAL A 1 18  ? 1.120   4.594   11.343  1.00 10.92 ? 18   VAL A N     1 
ATOM   124  C  CA    . VAL A 1 18  ? 1.882   3.626   10.544  1.00 10.64 ? 18   VAL A CA    1 
ATOM   125  C  C     . VAL A 1 18  ? 2.670   2.699   11.449  1.00 10.75 ? 18   VAL A C     1 
ATOM   126  O  O     . VAL A 1 18  ? 2.667   1.497   11.149  1.00 11.27 ? 18   VAL A O     1 
ATOM   127  C  CB    . VAL A 1 18  ? 2.776   4.339   9.526   1.00 12.97 ? 18   VAL A CB    1 
ATOM   128  C  CG1   . VAL A 1 18  ? 3.653   3.350   8.760   1.00 13.00 ? 18   VAL A CG1   1 
ATOM   129  C  CG2   . VAL A 1 18  ? 1.898   5.118   8.553   1.00 10.76 ? 18   VAL A CG2   1 
ATOM   130  N  N     . ASN A 1 19  ? 3.260   3.176   12.546  1.00 11.36 ? 19   ASN A N     1 
ATOM   131  C  CA    . ASN A 1 19  ? 3.974   2.258   13.437  1.00 11.42 ? 19   ASN A CA    1 
ATOM   132  C  C     . ASN A 1 19  ? 2.968   1.277   14.051  1.00 10.82 ? 19   ASN A C     1 
ATOM   133  O  O     . ASN A 1 19  ? 3.314   0.096   14.168  1.00 12.20 ? 19   ASN A O     1 
ATOM   134  C  CB    . ASN A 1 19  ? 4.787   2.955   14.533  1.00 8.17  ? 19   ASN A CB    1 
ATOM   135  C  CG    . ASN A 1 19  ? 6.123   3.482   14.036  1.00 19.15 ? 19   ASN A CG    1 
ATOM   136  O  OD1   . ASN A 1 19  ? 6.786   4.328   14.653  1.00 17.67 ? 19   ASN A OD1   1 
ATOM   137  N  ND2   . ASN A 1 19  ? 6.610   2.972   12.913  1.00 10.42 ? 19   ASN A ND2   1 
ATOM   138  N  N     . ALA A 1 20  ? 1.774   1.712   14.390  1.00 11.22 ? 20   ALA A N     1 
ATOM   139  C  CA    . ALA A 1 20  ? 0.756   0.836   14.949  1.00 12.49 ? 20   ALA A CA    1 
ATOM   140  C  C     . ALA A 1 20  ? 0.296   -0.179  13.908  1.00 12.41 ? 20   ALA A C     1 
ATOM   141  O  O     . ALA A 1 20  ? 0.108   -1.352  14.237  1.00 12.54 ? 20   ALA A O     1 
ATOM   142  C  CB    . ALA A 1 20  ? -0.446  1.635   15.457  1.00 11.91 ? 20   ALA A CB    1 
ATOM   143  N  N     . ALA A 1 21  ? 0.134   0.252   12.656  1.00 10.06 ? 21   ALA A N     1 
ATOM   144  C  CA    . ALA A 1 21  ? -0.269  -0.615  11.581  1.00 11.67 ? 21   ALA A CA    1 
ATOM   145  C  C     . ALA A 1 21  ? 0.769   -1.718  11.332  1.00 10.43 ? 21   ALA A C     1 
ATOM   146  O  O     . ALA A 1 21  ? 0.360   -2.856  11.067  1.00 11.92 ? 21   ALA A O     1 
ATOM   147  C  CB    . ALA A 1 21  ? -0.502  0.198   10.292  1.00 8.79  ? 21   ALA A CB    1 
ATOM   148  N  N     . LEU A 1 22  ? 2.051   -1.413  11.408  1.00 10.04 ? 22   LEU A N     1 
ATOM   149  C  CA    . LEU A 1 22  ? 3.107   -2.402  11.217  1.00 11.58 ? 22   LEU A CA    1 
ATOM   150  C  C     . LEU A 1 22  ? 3.042   -3.507  12.267  1.00 13.76 ? 22   LEU A C     1 
ATOM   151  O  O     . LEU A 1 22  ? 3.227   -4.691  11.937  1.00 12.55 ? 22   LEU A O     1 
ATOM   152  C  CB    . LEU A 1 22  ? 4.483   -1.719  11.235  1.00 15.36 ? 22   LEU A CB    1 
ATOM   153  C  CG    . LEU A 1 22  ? 4.718   -0.810  10.005  1.00 16.21 ? 22   LEU A CG    1 
ATOM   154  C  CD1   . LEU A 1 22  ? 6.050   -0.086  10.156  1.00 22.63 ? 22   LEU A CD1   1 
ATOM   155  C  CD2   . LEU A 1 22  ? 4.673   -1.604  8.724   1.00 19.71 ? 22   LEU A CD2   1 
ATOM   156  N  N     . LYS A 1 23  ? 2.787   -3.136  13.517  1.00 12.85 ? 23   LYS A N     1 
ATOM   157  C  CA    . LYS A 1 23  ? 2.601   -4.090  14.583  1.00 14.82 ? 23   LYS A CA    1 
ATOM   158  C  C     . LYS A 1 23  ? 1.380   -4.989  14.324  1.00 14.41 ? 23   LYS A C     1 
ATOM   159  O  O     . LYS A 1 23  ? 1.497   -6.201  14.513  1.00 15.57 ? 23   LYS A O     1 
ATOM   160  C  CB    . LYS A 1 23  ? 2.356   -3.492  15.972  1.00 18.18 ? 23   LYS A CB    1 
ATOM   161  C  CG    . LYS A 1 23  ? 3.465   -3.354  16.923  1.00 33.00 ? 23   LYS A CG    1 
ATOM   162  C  CD    . LYS A 1 23  ? 4.537   -2.345  16.720  1.00 39.76 ? 23   LYS A CD    1 
ATOM   163  C  CE    . LYS A 1 23  ? 5.627   -2.470  17.788  1.00 41.82 ? 23   LYS A CE    1 
ATOM   164  N  NZ    . LYS A 1 23  ? 6.335   -3.784  17.642  1.00 47.85 ? 23   LYS A NZ    1 
ATOM   165  N  N     . ALA A 1 24  ? 0.257   -4.377  13.974  1.00 13.29 ? 24   ALA A N     1 
ATOM   166  C  CA    . ALA A 1 24  ? -0.954  -5.144  13.696  1.00 14.75 ? 24   ALA A CA    1 
ATOM   167  C  C     . ALA A 1 24  ? -0.774  -6.050  12.488  1.00 14.93 ? 24   ALA A C     1 
ATOM   168  O  O     . ALA A 1 24  ? -1.300  -7.172  12.451  1.00 13.47 ? 24   ALA A O     1 
ATOM   169  C  CB    . ALA A 1 24  ? -2.122  -4.174  13.483  1.00 12.08 ? 24   ALA A CB    1 
ATOM   170  N  N     . LEU A 1 25  ? -0.041  -5.585  11.454  1.00 14.57 ? 25   LEU A N     1 
ATOM   171  C  CA    . LEU A 1 25  ? 0.186   -6.430  10.275  1.00 14.02 ? 25   LEU A CA    1 
ATOM   172  C  C     . LEU A 1 25  ? 0.975   -7.690  10.642  1.00 15.72 ? 25   LEU A C     1 
ATOM   173  O  O     . LEU A 1 25  ? 0.709   -8.773  10.118  1.00 14.18 ? 25   LEU A O     1 
ATOM   174  C  CB    . LEU A 1 25  ? 0.916   -5.687  9.168   1.00 14.97 ? 25   LEU A CB    1 
ATOM   175  C  CG    . LEU A 1 25  ? 0.137   -4.704  8.311   1.00 16.08 ? 25   LEU A CG    1 
ATOM   176  C  CD1   . LEU A 1 25  ? 1.070   -3.942  7.384   1.00 20.85 ? 25   LEU A CD1   1 
ATOM   177  C  CD2   . LEU A 1 25  ? -0.938  -5.419  7.490   1.00 16.68 ? 25   LEU A CD2   1 
ATOM   178  N  N     . GLY A 1 26  ? 1.939   -7.540  11.545  1.00 17.01 ? 26   GLY A N     1 
ATOM   179  C  CA    . GLY A 1 26  ? 2.752   -8.631  12.038  1.00 19.60 ? 26   GLY A CA    1 
ATOM   180  C  C     . GLY A 1 26  ? 1.913   -9.623  12.851  1.00 20.72 ? 26   GLY A C     1 
ATOM   181  O  O     . GLY A 1 26  ? 2.254   -10.797 12.947  1.00 23.15 ? 26   GLY A O     1 
ATOM   182  N  N     . ASP A 1 27  ? 0.806   -9.190  13.396  1.00 19.54 ? 27   ASP A N     1 
ATOM   183  C  CA    . ASP A 1 27  ? -0.119  -9.992  14.205  1.00 20.54 ? 27   ASP A CA    1 
ATOM   184  C  C     . ASP A 1 27  ? -1.115  -10.763 13.356  1.00 19.63 ? 27   ASP A C     1 
ATOM   185  O  O     . ASP A 1 27  ? -1.842  -11.606 13.930  1.00 18.56 ? 27   ASP A O     1 
ATOM   186  C  CB    . ASP A 1 27  ? -0.751  -8.997  15.130  1.00 32.62 ? 27   ASP A CB    1 
ATOM   187  C  CG    . ASP A 1 27  ? -1.672  -9.038  16.247  1.00 47.13 ? 27   ASP A CG    1 
ATOM   188  O  OD1   . ASP A 1 27  ? -2.056  -10.102 16.794  1.00 52.35 ? 27   ASP A OD1   1 
ATOM   189  O  OD2   . ASP A 1 27  ? -2.106  -7.933  16.741  1.00 52.12 ? 27   ASP A OD2   1 
ATOM   190  N  N     . ILE A 1 28  ? -1.197  -10.561 12.038  1.00 15.80 ? 28   ILE A N     1 
ATOM   191  C  CA    . ILE A 1 28  ? -2.159  -11.344 11.230  1.00 15.94 ? 28   ILE A CA    1 
ATOM   192  C  C     . ILE A 1 28  ? -1.770  -12.806 11.279  1.00 16.54 ? 28   ILE A C     1 
ATOM   193  O  O     . ILE A 1 28  ? -0.580  -13.131 11.143  1.00 14.97 ? 28   ILE A O     1 
ATOM   194  C  CB    . ILE A 1 28  ? -2.214  -10.811 9.788   1.00 18.90 ? 28   ILE A CB    1 
ATOM   195  C  CG1   . ILE A 1 28  ? -2.789  -9.375  9.804   1.00 16.02 ? 28   ILE A CG1   1 
ATOM   196  C  CG2   . ILE A 1 28  ? -3.030  -11.674 8.833   1.00 9.94  ? 28   ILE A CG2   1 
ATOM   197  C  CD1   . ILE A 1 28  ? -2.733  -8.668  8.466   1.00 17.54 ? 28   ILE A CD1   1 
ATOM   198  N  N     . PRO A 1 29  ? -2.721  -13.716 11.442  1.00 16.96 ? 29   PRO A N     1 
ATOM   199  C  CA    . PRO A 1 29  ? -2.438  -15.129 11.484  1.00 17.05 ? 29   PRO A CA    1 
ATOM   200  C  C     . PRO A 1 29  ? -1.834  -15.644 10.195  1.00 16.09 ? 29   PRO A C     1 
ATOM   201  O  O     . PRO A 1 29  ? -2.137  -15.132 9.106   1.00 14.56 ? 29   PRO A O     1 
ATOM   202  C  CB    . PRO A 1 29  ? -3.777  -15.808 11.758  1.00 17.42 ? 29   PRO A CB    1 
ATOM   203  C  CG    . PRO A 1 29  ? -4.820  -14.782 11.575  1.00 17.54 ? 29   PRO A CG    1 
ATOM   204  C  CD    . PRO A 1 29  ? -4.162  -13.419 11.603  1.00 17.29 ? 29   PRO A CD    1 
ATOM   205  N  N     . GLU A 1 30  ? -0.978  -16.650 10.280  1.00 15.63 ? 30   GLU A N     1 
ATOM   206  C  CA    . GLU A 1 30  ? -0.343  -17.311 9.155   1.00 16.62 ? 30   GLU A CA    1 
ATOM   207  C  C     . GLU A 1 30  ? 0.459   -16.365 8.272   1.00 16.53 ? 30   GLU A C     1 
ATOM   208  O  O     . GLU A 1 30  ? 0.580   -16.589 7.059   1.00 17.29 ? 30   GLU A O     1 
ATOM   209  C  CB    . GLU A 1 30  ? -1.368  -18.000 8.234   1.00 18.89 ? 30   GLU A CB    1 
ATOM   210  C  CG    . GLU A 1 30  ? -2.165  -19.137 8.806   1.00 25.65 ? 30   GLU A CG    1 
ATOM   211  C  CD    . GLU A 1 30  ? -3.118  -19.814 7.847   1.00 27.78 ? 30   GLU A CD    1 
ATOM   212  O  OE1   . GLU A 1 30  ? -2.739  -20.263 6.743   1.00 32.92 ? 30   GLU A OE1   1 
ATOM   213  O  OE2   . GLU A 1 30  ? -4.318  -19.941 8.176   1.00 34.59 ? 30   GLU A OE2   1 
ATOM   214  N  N     . SER A 1 31  ? 0.953   -15.278 8.849   1.00 16.98 ? 31   SER A N     1 
ATOM   215  C  CA    . SER A 1 31  ? 1.634   -14.255 8.069   1.00 15.01 ? 31   SER A CA    1 
ATOM   216  C  C     . SER A 1 31  ? 2.811   -13.695 8.826   1.00 15.25 ? 31   SER A C     1 
ATOM   217  O  O     . SER A 1 31  ? 2.858   -13.803 10.041  1.00 15.59 ? 31   SER A O     1 
ATOM   218  C  CB    . SER A 1 31  ? 0.643   -13.130 7.757   1.00 13.76 ? 31   SER A CB    1 
ATOM   219  O  OG    . SER A 1 31  ? -0.596  -13.558 7.223   1.00 15.63 ? 31   SER A OG    1 
ATOM   220  N  N     . HIS A 1 32  ? 3.766   -13.074 8.135   1.00 16.15 ? 32   HIS A N     1 
ATOM   221  C  CA    . HIS A 1 32  ? 4.881   -12.442 8.844   1.00 15.30 ? 32   HIS A CA    1 
ATOM   222  C  C     . HIS A 1 32  ? 5.484   -11.437 7.847   1.00 14.79 ? 32   HIS A C     1 
ATOM   223  O  O     . HIS A 1 32  ? 5.452   -11.657 6.657   1.00 13.15 ? 32   HIS A O     1 
ATOM   224  C  CB    . HIS A 1 32  ? 5.917   -13.402 9.379   1.00 24.97 ? 32   HIS A CB    1 
ATOM   225  C  CG    . HIS A 1 32  ? 6.691   -14.130 8.330   1.00 26.24 ? 32   HIS A CG    1 
ATOM   226  N  ND1   . HIS A 1 32  ? 6.186   -15.241 7.696   1.00 34.90 ? 32   HIS A ND1   1 
ATOM   227  C  CD2   . HIS A 1 32  ? 7.922   -13.927 7.817   1.00 29.79 ? 32   HIS A CD2   1 
ATOM   228  C  CE1   . HIS A 1 32  ? 7.069   -15.686 6.813   1.00 32.93 ? 32   HIS A CE1   1 
ATOM   229  N  NE2   . HIS A 1 32  ? 8.136   -14.904 6.868   1.00 32.81 ? 32   HIS A NE2   1 
ATOM   230  N  N     . ILE A 1 33  ? 5.931   -10.323 8.397   1.00 15.69 ? 33   ILE A N     1 
ATOM   231  C  CA    . ILE A 1 33  ? 6.537   -9.291  7.543   1.00 15.07 ? 33   ILE A CA    1 
ATOM   232  C  C     . ILE A 1 33  ? 7.922   -9.669  7.082   1.00 15.29 ? 33   ILE A C     1 
ATOM   233  O  O     . ILE A 1 33  ? 8.746   -10.080 7.906   1.00 14.38 ? 33   ILE A O     1 
ATOM   234  C  CB    . ILE A 1 33  ? 6.584   -7.982  8.344   1.00 15.91 ? 33   ILE A CB    1 
ATOM   235  C  CG1   . ILE A 1 33  ? 5.121   -7.497  8.541   1.00 19.35 ? 33   ILE A CG1   1 
ATOM   236  C  CG2   . ILE A 1 33  ? 7.449   -6.928  7.677   1.00 14.36 ? 33   ILE A CG2   1 
ATOM   237  C  CD1   . ILE A 1 33  ? 5.068   -6.288  9.476   1.00 23.34 ? 33   ILE A CD1   1 
ATOM   238  N  N     . LEU A 1 34  ? 8.217   -9.527  5.805   1.00 13.07 ? 34   LEU A N     1 
ATOM   239  C  CA    . LEU A 1 34  ? 9.516   -9.749  5.230   1.00 13.09 ? 34   LEU A CA    1 
ATOM   240  C  C     . LEU A 1 34  ? 10.362  -8.470  5.255   1.00 15.06 ? 34   LEU A C     1 
ATOM   241  O  O     . LEU A 1 34  ? 11.499  -8.553  5.752   1.00 14.86 ? 34   LEU A O     1 
ATOM   242  C  CB    . LEU A 1 34  ? 9.373   -10.254 3.791   1.00 12.15 ? 34   LEU A CB    1 
ATOM   243  C  CG    . LEU A 1 34  ? 9.162   -11.752 3.577   1.00 25.68 ? 34   LEU A CG    1 
ATOM   244  C  CD1   . LEU A 1 34  ? 8.262   -12.391 4.589   1.00 29.55 ? 34   LEU A CD1   1 
ATOM   245  C  CD2   . LEU A 1 34  ? 8.587   -11.960 2.153   1.00 23.99 ? 34   LEU A CD2   1 
ATOM   246  N  N     . THR A 1 35  ? 9.856   -7.339  4.763   1.00 12.79 ? 35   THR A N     1 
ATOM   247  C  CA    . THR A 1 35  ? 10.580  -6.113  4.694   1.00 16.57 ? 35   THR A CA    1 
ATOM   248  C  C     . THR A 1 35  ? 9.625   -4.887  4.780   1.00 13.51 ? 35   THR A C     1 
ATOM   249  O  O     . THR A 1 35  ? 8.472   -5.093  4.449   1.00 13.93 ? 35   THR A O     1 
ATOM   250  C  CB    . THR A 1 35  ? 11.262  -5.712  3.365   1.00 25.76 ? 35   THR A CB    1 
ATOM   251  O  OG1   . THR A 1 35  ? 11.604  -6.845  2.626   1.00 35.60 ? 35   THR A OG1   1 
ATOM   252  C  CG2   . THR A 1 35  ? 12.536  -4.932  3.703   1.00 22.38 ? 35   THR A CG2   1 
ATOM   253  N  N     . VAL A 1 36  ? 10.185  -3.766  5.147   1.00 12.77 ? 36   VAL A N     1 
ATOM   254  C  CA    . VAL A 1 36  ? 9.439   -2.519  5.237   1.00 13.71 ? 36   VAL A CA    1 
ATOM   255  C  C     . VAL A 1 36  ? 10.292  -1.457  4.509   1.00 11.52 ? 36   VAL A C     1 
ATOM   256  O  O     . VAL A 1 36  ? 11.505  -1.432  4.669   1.00 10.61 ? 36   VAL A O     1 
ATOM   257  C  CB    . VAL A 1 36  ? 9.127   -2.007  6.644   1.00 18.24 ? 36   VAL A CB    1 
ATOM   258  C  CG1   . VAL A 1 36  ? 8.162   -0.806  6.606   1.00 18.27 ? 36   VAL A CG1   1 
ATOM   259  C  CG2   . VAL A 1 36  ? 8.530   -3.100  7.522   1.00 28.50 ? 36   VAL A CG2   1 
ATOM   260  N  N     . SER A 1 37  ? 9.638   -0.639  3.690   1.00 12.58 ? 37   SER A N     1 
ATOM   261  C  CA    . SER A 1 37  ? 10.336  0.449   3.032   1.00 11.46 ? 37   SER A CA    1 
ATOM   262  C  C     . SER A 1 37  ? 10.593  1.586   4.016   1.00 11.35 ? 37   SER A C     1 
ATOM   263  O  O     . SER A 1 37  ? 10.148  1.575   5.174   1.00 11.49 ? 37   SER A O     1 
ATOM   264  C  CB    . SER A 1 37  ? 9.529   1.032   1.863   1.00 14.85 ? 37   SER A CB    1 
ATOM   265  O  OG    . SER A 1 37  ? 8.369   1.748   2.365   1.00 12.54 ? 37   SER A OG    1 
ATOM   266  N  N     . SER A 1 38  ? 11.283  2.629   3.526   1.00 11.45 ? 38   SER A N     1 
ATOM   267  C  CA    . SER A 1 38  ? 11.480  3.838   4.272   1.00 9.66  ? 38   SER A CA    1 
ATOM   268  C  C     . SER A 1 38  ? 10.106  4.528   4.360   1.00 9.69  ? 38   SER A C     1 
ATOM   269  O  O     . SER A 1 38  ? 9.174   4.153   3.621   1.00 11.09 ? 38   SER A O     1 
ATOM   270  C  CB    . SER A 1 38  ? 12.475  4.820   3.644   1.00 11.92 ? 38   SER A CB    1 
ATOM   271  O  OG    . SER A 1 38  ? 13.774  4.227   3.569   1.00 13.64 ? 38   SER A OG    1 
ATOM   272  N  N     . PHE A 1 39  ? 10.017  5.529   5.208   1.00 8.38  ? 39   PHE A N     1 
ATOM   273  C  CA    . PHE A 1 39  ? 8.765   6.274   5.342   1.00 8.53  ? 39   PHE A CA    1 
ATOM   274  C  C     . PHE A 1 39  ? 8.891   7.583   4.539   1.00 8.83  ? 39   PHE A C     1 
ATOM   275  O  O     . PHE A 1 39  ? 9.785   8.386   4.782   1.00 9.57  ? 39   PHE A O     1 
ATOM   276  C  CB    . PHE A 1 39  ? 8.378   6.560   6.785   1.00 11.23 ? 39   PHE A CB    1 
ATOM   277  C  CG    . PHE A 1 39  ? 8.229   5.377   7.700   1.00 10.13 ? 39   PHE A CG    1 
ATOM   278  C  CD1   . PHE A 1 39  ? 7.899   4.127   7.239   1.00 12.17 ? 39   PHE A CD1   1 
ATOM   279  C  CD2   . PHE A 1 39  ? 8.087   5.598   9.074   1.00 11.53 ? 39   PHE A CD2   1 
ATOM   280  C  CE1   . PHE A 1 39  ? 7.683   3.056   8.098   1.00 14.94 ? 39   PHE A CE1   1 
ATOM   281  C  CE2   . PHE A 1 39  ? 7.833   4.562   9.955   1.00 13.48 ? 39   PHE A CE2   1 
ATOM   282  C  CZ    . PHE A 1 39  ? 7.645   3.285   9.457   1.00 15.18 ? 39   PHE A CZ    1 
ATOM   283  N  N     . TYR A 1 40  ? 7.995   7.772   3.597   1.00 8.40  ? 40   TYR A N     1 
ATOM   284  C  CA    . TYR A 1 40  ? 7.993   8.918   2.719   1.00 10.33 ? 40   TYR A CA    1 
ATOM   285  C  C     . TYR A 1 40  ? 6.914   9.944   3.040   1.00 10.92 ? 40   TYR A C     1 
ATOM   286  O  O     . TYR A 1 40  ? 5.847   9.592   3.511   1.00 12.79 ? 40   TYR A O     1 
ATOM   287  C  CB    . TYR A 1 40  ? 7.790   8.427   1.267   1.00 9.29  ? 40   TYR A CB    1 
ATOM   288  C  CG    . TYR A 1 40  ? 8.925   7.514   0.838   1.00 10.99 ? 40   TYR A CG    1 
ATOM   289  C  CD1   . TYR A 1 40  ? 10.081  8.082   0.306   1.00 13.49 ? 40   TYR A CD1   1 
ATOM   290  C  CD2   . TYR A 1 40  ? 8.871   6.140   0.955   1.00 12.05 ? 40   TYR A CD2   1 
ATOM   291  C  CE1   . TYR A 1 40  ? 11.130  7.292   -0.116  1.00 14.27 ? 40   TYR A CE1   1 
ATOM   292  C  CE2   . TYR A 1 40  ? 9.932   5.333   0.547   1.00 12.67 ? 40   TYR A CE2   1 
ATOM   293  C  CZ    . TYR A 1 40  ? 11.051  5.929   0.011   1.00 15.44 ? 40   TYR A CZ    1 
ATOM   294  O  OH    . TYR A 1 40  ? 12.142  5.173   -0.404  1.00 16.52 ? 40   TYR A OH    1 
ATOM   295  N  N     . ARG A 1 41  ? 7.200   11.208  2.785   1.00 9.99  ? 41   ARG A N     1 
ATOM   296  C  CA    . ARG A 1 41  ? 6.272   12.315  3.014   1.00 10.63 ? 41   ARG A CA    1 
ATOM   297  C  C     . ARG A 1 41  ? 5.842   12.795  1.639   1.00 11.85 ? 41   ARG A C     1 
ATOM   298  O  O     . ARG A 1 41  ? 6.732   13.260  0.906   1.00 13.00 ? 41   ARG A O     1 
ATOM   299  C  CB    . ARG A 1 41  ? 6.917   13.435  3.818   1.00 11.36 ? 41   ARG A CB    1 
ATOM   300  C  CG    . ARG A 1 41  ? 5.953   14.597  4.124   1.00 16.15 ? 41   ARG A CG    1 
ATOM   301  C  CD    . ARG A 1 41  ? 6.717   15.704  4.848   1.00 20.77 ? 41   ARG A CD    1 
ATOM   302  N  NE    . ARG A 1 41  ? 7.323   15.309  6.106   1.00 31.05 ? 41   ARG A NE    1 
ATOM   303  C  CZ    . ARG A 1 41  ? 6.808   15.288  7.327   1.00 35.30 ? 41   ARG A CZ    1 
ATOM   304  N  NH1   . ARG A 1 41  ? 5.580   15.749  7.535   1.00 30.97 ? 41   ARG A NH1   1 
ATOM   305  N  NH2   . ARG A 1 41  ? 7.528   14.878  8.383   1.00 28.08 ? 41   ARG A NH2   1 
ATOM   306  N  N     . THR A 1 42  ? 4.602   12.610  1.230   1.00 10.37 ? 42   THR A N     1 
ATOM   307  C  CA    . THR A 1 42  ? 4.187   12.940  -0.117  1.00 11.06 ? 42   THR A CA    1 
ATOM   308  C  C     . THR A 1 42  ? 3.010   13.898  -0.149  1.00 13.37 ? 42   THR A C     1 
ATOM   309  O  O     . THR A 1 42  ? 2.119   13.831  0.673   1.00 13.07 ? 42   THR A O     1 
ATOM   310  C  CB    . THR A 1 42  ? 3.811   11.648  -0.889  1.00 13.77 ? 42   THR A CB    1 
ATOM   311  O  OG1   . THR A 1 42  ? 2.673   11.014  -0.287  1.00 11.45 ? 42   THR A OG1   1 
ATOM   312  C  CG2   . THR A 1 42  ? 4.961   10.628  -0.905  1.00 11.46 ? 42   THR A CG2   1 
ATOM   313  N  N     . PRO A 1 43  ? 3.003   14.826  -1.104  1.00 15.69 ? 43   PRO A N     1 
ATOM   314  C  CA    . PRO A 1 43  ? 1.898   15.754  -1.268  1.00 15.38 ? 43   PRO A CA    1 
ATOM   315  C  C     . PRO A 1 43  ? 0.726   14.965  -1.788  1.00 13.35 ? 43   PRO A C     1 
ATOM   316  O  O     . PRO A 1 43  ? 0.931   13.986  -2.527  1.00 12.28 ? 43   PRO A O     1 
ATOM   317  C  CB    . PRO A 1 43  ? 2.426   16.792  -2.223  1.00 17.74 ? 43   PRO A CB    1 
ATOM   318  C  CG    . PRO A 1 43  ? 3.443   16.068  -3.043  1.00 19.36 ? 43   PRO A CG    1 
ATOM   319  C  CD    . PRO A 1 43  ? 4.037   14.994  -2.151  1.00 17.48 ? 43   PRO A CD    1 
ATOM   320  N  N     . PRO A 1 44  ? -0.505  15.312  -1.456  1.00 13.40 ? 44   PRO A N     1 
ATOM   321  C  CA    . PRO A 1 44  ? -1.644  14.570  -1.911  1.00 11.72 ? 44   PRO A CA    1 
ATOM   322  C  C     . PRO A 1 44  ? -1.776  14.551  -3.422  1.00 14.55 ? 44   PRO A C     1 
ATOM   323  O  O     . PRO A 1 44  ? -1.604  15.606  -4.059  1.00 14.73 ? 44   PRO A O     1 
ATOM   324  C  CB    . PRO A 1 44  ? -2.844  15.262  -1.282  1.00 13.39 ? 44   PRO A CB    1 
ATOM   325  C  CG    . PRO A 1 44  ? -2.342  16.589  -0.821  1.00 14.63 ? 44   PRO A CG    1 
ATOM   326  C  CD    . PRO A 1 44  ? -0.856  16.449  -0.577  1.00 12.51 ? 44   PRO A CD    1 
ATOM   327  N  N     . LEU A 1 45  ? -2.118  13.411  -3.980  1.00 12.79 ? 45   LEU A N     1 
ATOM   328  C  CA    . LEU A 1 45  ? -2.413  13.267  -5.403  1.00 13.90 ? 45   LEU A CA    1 
ATOM   329  C  C     . LEU A 1 45  ? -3.941  13.273  -5.483  1.00 13.94 ? 45   LEU A C     1 
ATOM   330  O  O     . LEU A 1 45  ? -4.518  12.668  -4.563  1.00 14.63 ? 45   LEU A O     1 
ATOM   331  C  CB    . LEU A 1 45  ? -1.818  12.021  -5.998  1.00 18.76 ? 45   LEU A CB    1 
ATOM   332  C  CG    . LEU A 1 45  ? -2.001  11.694  -7.469  1.00 29.32 ? 45   LEU A CG    1 
ATOM   333  C  CD1   . LEU A 1 45  ? -1.450  12.795  -8.362  1.00 29.01 ? 45   LEU A CD1   1 
ATOM   334  C  CD2   . LEU A 1 45  ? -1.325  10.358  -7.809  1.00 24.77 ? 45   LEU A CD2   1 
ATOM   335  N  N     . GLY A 1 46  ? -4.567  13.916  -6.447  1.00 13.79 ? 46   GLY A N     1 
ATOM   336  C  CA    . GLY A 1 46  ? -6.080  13.878  -6.432  1.00 15.29 ? 46   GLY A CA    1 
ATOM   337  C  C     . GLY A 1 46  ? -6.496  15.157  -5.705  1.00 15.23 ? 46   GLY A C     1 
ATOM   338  O  O     . GLY A 1 46  ? -5.871  16.208  -5.924  1.00 16.91 ? 46   GLY A O     1 
ATOM   339  N  N     . PRO A 1 47  ? -7.475  15.080  -4.841  1.00 16.22 ? 47   PRO A N     1 
ATOM   340  C  CA    . PRO A 1 47  ? -7.909  16.251  -4.070  1.00 15.91 ? 47   PRO A CA    1 
ATOM   341  C  C     . PRO A 1 47  ? -6.733  16.837  -3.310  1.00 16.90 ? 47   PRO A C     1 
ATOM   342  O  O     . PRO A 1 47  ? -6.075  16.139  -2.535  1.00 16.25 ? 47   PRO A O     1 
ATOM   343  C  CB    . PRO A 1 47  ? -9.043  15.745  -3.220  1.00 15.78 ? 47   PRO A CB    1 
ATOM   344  C  CG    . PRO A 1 47  ? -9.532  14.514  -3.929  1.00 18.06 ? 47   PRO A CG    1 
ATOM   345  C  CD    . PRO A 1 47  ? -8.271  13.889  -4.500  1.00 16.30 ? 47   PRO A CD    1 
ATOM   346  N  N     . GLN A 1 48  ? -6.448  18.122  -3.533  1.00 16.50 ? 48   GLN A N     1 
ATOM   347  C  CA    . GLN A 1 48  ? -5.334  18.805  -2.907  1.00 17.84 ? 48   GLN A CA    1 
ATOM   348  C  C     . GLN A 1 48  ? -5.584  19.421  -1.557  1.00 17.24 ? 48   GLN A C     1 
ATOM   349  O  O     . GLN A 1 48  ? -4.630  19.843  -0.870  1.00 17.94 ? 48   GLN A O     1 
ATOM   350  C  CB    . GLN A 1 48  ? -4.879  19.995  -3.817  1.00 21.15 ? 48   GLN A CB    1 
ATOM   351  C  CG    . GLN A 1 48  ? -4.354  19.518  -5.150  1.00 23.02 ? 48   GLN A CG    1 
ATOM   352  C  CD    . GLN A 1 48  ? -3.123  18.645  -4.900  1.00 28.80 ? 48   GLN A CD    1 
ATOM   353  O  OE1   . GLN A 1 48  ? -2.124  19.169  -4.400  1.00 31.66 ? 48   GLN A OE1   1 
ATOM   354  N  NE2   . GLN A 1 48  ? -3.235  17.366  -5.188  1.00 25.21 ? 48   GLN A NE2   1 
ATOM   355  N  N     . ASP A 1 49  ? -6.855  19.543  -1.180  1.00 15.10 ? 49   ASP A N     1 
ATOM   356  C  CA    . ASP A 1 49  ? -7.168  20.158  0.104   1.00 16.05 ? 49   ASP A CA    1 
ATOM   357  C  C     . ASP A 1 49  ? -7.121  19.165  1.256   1.00 13.63 ? 49   ASP A C     1 
ATOM   358  O  O     . ASP A 1 49  ? -8.100  19.046  1.990   1.00 14.07 ? 49   ASP A O     1 
ATOM   359  C  CB    . ASP A 1 49  ? -8.549  20.837  0.031   1.00 20.18 ? 49   ASP A CB    1 
ATOM   360  C  CG    . ASP A 1 49  ? -9.683  19.841  -0.160  1.00 30.11 ? 49   ASP A CG    1 
ATOM   361  O  OD1   . ASP A 1 49  ? -9.540  18.899  -0.971  1.00 30.72 ? 49   ASP A OD1   1 
ATOM   362  O  OD2   . ASP A 1 49  ? -10.710 20.004  0.540   1.00 28.95 ? 49   ASP A OD2   1 
ATOM   363  N  N     . GLN A 1 50  ? -5.942  18.589  1.498   1.00 12.18 ? 50   GLN A N     1 
ATOM   364  C  CA    . GLN A 1 50  ? -5.805  17.647  2.634   1.00 12.21 ? 50   GLN A CA    1 
ATOM   365  C  C     . GLN A 1 50  ? -4.335  17.588  2.975   1.00 11.31 ? 50   GLN A C     1 
ATOM   366  O  O     . GLN A 1 50  ? -3.492  18.027  2.180   1.00 11.07 ? 50   GLN A O     1 
ATOM   367  C  CB    . GLN A 1 50  ? -6.446  16.313  2.263   1.00 12.76 ? 50   GLN A CB    1 
ATOM   368  C  CG    . GLN A 1 50  ? -5.759  15.668  1.062   1.00 12.01 ? 50   GLN A CG    1 
ATOM   369  C  CD    . GLN A 1 50  ? -6.372  14.317  0.728   1.00 16.32 ? 50   GLN A CD    1 
ATOM   370  O  OE1   . GLN A 1 50  ? -6.453  13.459  1.602   1.00 12.02 ? 50   GLN A OE1   1 
ATOM   371  N  NE2   . GLN A 1 50  ? -6.787  14.164  -0.525  1.00 15.67 ? 50   GLN A NE2   1 
ATOM   372  N  N     . PRO A 1 51  ? -3.972  17.186  4.171   1.00 11.20 ? 51   PRO A N     1 
ATOM   373  C  CA    . PRO A 1 51  ? -2.600  17.174  4.598   1.00 11.37 ? 51   PRO A CA    1 
ATOM   374  C  C     . PRO A 1 51  ? -1.730  16.212  3.791   1.00 10.96 ? 51   PRO A C     1 
ATOM   375  O  O     . PRO A 1 51  ? -2.254  15.305  3.128   1.00 10.93 ? 51   PRO A O     1 
ATOM   376  C  CB    . PRO A 1 51  ? -2.655  16.780  6.066   1.00 11.85 ? 51   PRO A CB    1 
ATOM   377  C  CG    . PRO A 1 51  ? -4.084  16.858  6.470   1.00 12.48 ? 51   PRO A CG    1 
ATOM   378  C  CD    . PRO A 1 51  ? -4.919  16.715  5.227   1.00 11.99 ? 51   PRO A CD    1 
ATOM   379  N  N     . ASP A 1 52  ? -0.427  16.396  3.878   1.00 8.65  ? 52   ASP A N     1 
ATOM   380  C  CA    . ASP A 1 52  ? 0.548   15.539  3.251   1.00 9.47  ? 52   ASP A CA    1 
ATOM   381  C  C     . ASP A 1 52  ? 0.450   14.125  3.869   1.00 9.02  ? 52   ASP A C     1 
ATOM   382  O  O     . ASP A 1 52  ? 0.163   13.973  5.051   1.00 6.78  ? 52   ASP A O     1 
ATOM   383  C  CB    . ASP A 1 52  ? 1.976   16.000  3.434   1.00 14.25 ? 52   ASP A CB    1 
ATOM   384  C  CG    . ASP A 1 52  ? 2.350   17.280  2.708   1.00 17.35 ? 52   ASP A CG    1 
ATOM   385  O  OD1   . ASP A 1 52  ? 1.589   17.730  1.830   1.00 16.83 ? 52   ASP A OD1   1 
ATOM   386  O  OD2   . ASP A 1 52  ? 3.431   17.786  3.052   1.00 22.43 ? 52   ASP A OD2   1 
ATOM   387  N  N     . TYR A 1 53  ? 0.778   13.131  3.061   1.00 9.18  ? 53   TYR A N     1 
ATOM   388  C  CA    . TYR A 1 53  ? 0.743   11.750  3.469   1.00 9.64  ? 53   TYR A CA    1 
ATOM   389  C  C     . TYR A 1 53  ? 2.072   11.142  3.874   1.00 9.86  ? 53   TYR A C     1 
ATOM   390  O  O     . TYR A 1 53  ? 3.136   11.579  3.458   1.00 8.79  ? 53   TYR A O     1 
ATOM   391  C  CB    . TYR A 1 53  ? 0.239   10.900  2.265   1.00 10.13 ? 53   TYR A CB    1 
ATOM   392  C  CG    . TYR A 1 53  ? -1.257  10.935  2.052   1.00 10.61 ? 53   TYR A CG    1 
ATOM   393  C  CD1   . TYR A 1 53  ? -1.892  11.991  1.420   1.00 8.81  ? 53   TYR A CD1   1 
ATOM   394  C  CD2   . TYR A 1 53  ? -2.014  9.835   2.474   1.00 9.66  ? 53   TYR A CD2   1 
ATOM   395  C  CE1   . TYR A 1 53  ? -3.278  11.985  1.258   1.00 7.67  ? 53   TYR A CE1   1 
ATOM   396  C  CE2   . TYR A 1 53  ? -3.397  9.815   2.285   1.00 9.00  ? 53   TYR A CE2   1 
ATOM   397  C  CZ    . TYR A 1 53  ? -4.008  10.892  1.699   1.00 9.03  ? 53   TYR A CZ    1 
ATOM   398  O  OH    . TYR A 1 53  ? -5.371  10.873  1.536   1.00 11.66 ? 53   TYR A OH    1 
ATOM   399  N  N     . LEU A 1 54  ? 1.992   10.140  4.731   1.00 8.53  ? 54   LEU A N     1 
ATOM   400  C  CA    . LEU A 1 54  ? 3.119   9.280   5.087   1.00 9.41  ? 54   LEU A CA    1 
ATOM   401  C  C     . LEU A 1 54  ? 2.772   8.012   4.266   1.00 10.11 ? 54   LEU A C     1 
ATOM   402  O  O     . LEU A 1 54  ? 1.653   7.520   4.346   1.00 9.37  ? 54   LEU A O     1 
ATOM   403  C  CB    . LEU A 1 54  ? 3.323   9.050   6.552   1.00 13.19 ? 54   LEU A CB    1 
ATOM   404  C  CG    . LEU A 1 54  ? 3.916   7.819   7.188   1.00 20.51 ? 54   LEU A CG    1 
ATOM   405  C  CD1   . LEU A 1 54  ? 4.923   7.063   6.340   1.00 12.16 ? 54   LEU A CD1   1 
ATOM   406  C  CD2   . LEU A 1 54  ? 4.624   8.168   8.533   1.00 12.62 ? 54   LEU A CD2   1 
ATOM   407  N  N     . ASN A 1 55  ? 3.679   7.624   3.380   1.00 10.24 ? 55   ASN A N     1 
ATOM   408  C  CA    . ASN A 1 55  ? 3.444   6.459   2.533   1.00 8.34  ? 55   ASN A CA    1 
ATOM   409  C  C     . ASN A 1 55  ? 4.599   5.471   2.711   1.00 9.77  ? 55   ASN A C     1 
ATOM   410  O  O     . ASN A 1 55  ? 5.743   5.885   2.853   1.00 9.59  ? 55   ASN A O     1 
ATOM   411  C  CB    . ASN A 1 55  ? 3.302   6.811   1.052   1.00 10.98 ? 55   ASN A CB    1 
ATOM   412  C  CG    . ASN A 1 55  ? 1.967   7.395   0.667   1.00 13.06 ? 55   ASN A CG    1 
ATOM   413  O  OD1   . ASN A 1 55  ? 1.854   8.527   0.187   1.00 13.21 ? 55   ASN A OD1   1 
ATOM   414  N  ND2   . ASN A 1 55  ? 0.903   6.599   0.850   1.00 10.25 ? 55   ASN A ND2   1 
ATOM   415  N  N     . ALA A 1 56  ? 4.260   4.193   2.718   1.00 11.01 ? 56   ALA A N     1 
ATOM   416  C  CA    . ALA A 1 56  ? 5.264   3.137   2.848   1.00 9.24  ? 56   ALA A CA    1 
ATOM   417  C  C     . ALA A 1 56  ? 4.748   1.871   2.149   1.00 10.85 ? 56   ALA A C     1 
ATOM   418  O  O     . ALA A 1 56  ? 3.603   1.828   1.660   1.00 8.32  ? 56   ALA A O     1 
ATOM   419  C  CB    . ALA A 1 56  ? 5.611   2.868   4.301   1.00 7.62  ? 56   ALA A CB    1 
ATOM   420  N  N     . ALA A 1 57  ? 5.624   0.879   2.040   1.00 11.48 ? 57   ALA A N     1 
ATOM   421  C  CA    . ALA A 1 57  ? 5.259   -0.404  1.426   1.00 12.05 ? 57   ALA A CA    1 
ATOM   422  C  C     . ALA A 1 57  ? 5.870   -1.514  2.303   1.00 12.50 ? 57   ALA A C     1 
ATOM   423  O  O     . ALA A 1 57  ? 6.908   -1.330  2.926   1.00 10.87 ? 57   ALA A O     1 
ATOM   424  C  CB    . ALA A 1 57  ? 5.713   -0.557  0.004   1.00 15.31 ? 57   ALA A CB    1 
ATOM   425  N  N     . VAL A 1 58  ? 5.150   -2.624  2.399   1.00 11.56 ? 58   VAL A N     1 
ATOM   426  C  CA    . VAL A 1 58  ? 5.556   -3.760  3.187   1.00 12.39 ? 58   VAL A CA    1 
ATOM   427  C  C     . VAL A 1 58  ? 5.441   -5.047  2.373   1.00 10.69 ? 58   VAL A C     1 
ATOM   428  O  O     . VAL A 1 58  ? 4.466   -5.195  1.621   1.00 13.21 ? 58   VAL A O     1 
ATOM   429  C  CB    . VAL A 1 58  ? 4.688   -3.911  4.455   1.00 24.58 ? 58   VAL A CB    1 
ATOM   430  C  CG1   . VAL A 1 58  ? 5.087   -5.157  5.248   1.00 28.41 ? 58   VAL A CG1   1 
ATOM   431  C  CG2   . VAL A 1 58  ? 4.786   -2.718  5.387   1.00 25.22 ? 58   VAL A CG2   1 
ATOM   432  N  N     . ALA A 1 59  ? 6.389   -5.947  2.505   1.00 11.02 ? 59   ALA A N     1 
ATOM   433  C  CA    . ALA A 1 59  ? 6.317   -7.262  1.890   1.00 11.43 ? 59   ALA A CA    1 
ATOM   434  C  C     . ALA A 1 59  ? 5.902   -8.229  3.020   1.00 11.33 ? 59   ALA A C     1 
ATOM   435  O  O     . ALA A 1 59  ? 6.565   -8.233  4.068   1.00 10.79 ? 59   ALA A O     1 
ATOM   436  C  CB    . ALA A 1 59  ? 7.606   -7.719  1.251   1.00 16.55 ? 59   ALA A CB    1 
ATOM   437  N  N     . LEU A 1 60  ? 4.818   -8.944  2.813   1.00 12.27 ? 60   LEU A N     1 
ATOM   438  C  CA    . LEU A 1 60  ? 4.285   -9.875  3.791   1.00 14.13 ? 60   LEU A CA    1 
ATOM   439  C  C     . LEU A 1 60  ? 4.224   -11.287 3.220   1.00 15.22 ? 60   LEU A C     1 
ATOM   440  O  O     . LEU A 1 60  ? 3.673   -11.453 2.118   1.00 16.90 ? 60   LEU A O     1 
ATOM   441  C  CB    . LEU A 1 60  ? 2.865   -9.474  4.178   1.00 14.54 ? 60   LEU A CB    1 
ATOM   442  C  CG    . LEU A 1 60  ? 2.082   -10.104 5.297   1.00 18.23 ? 60   LEU A CG    1 
ATOM   443  C  CD1   . LEU A 1 60  ? 2.425   -9.505  6.661   1.00 19.84 ? 60   LEU A CD1   1 
ATOM   444  C  CD2   . LEU A 1 60  ? 0.566   -9.971  5.052   1.00 21.32 ? 60   LEU A CD2   1 
ATOM   445  N  N     . GLU A 1 61  ? 4.704   -12.290 3.911   1.00 13.37 ? 61   GLU A N     1 
ATOM   446  C  CA    . GLU A 1 61  ? 4.588   -13.664 3.480   1.00 14.51 ? 61   GLU A CA    1 
ATOM   447  C  C     . GLU A 1 61  ? 3.321   -14.225 4.126   1.00 13.17 ? 61   GLU A C     1 
ATOM   448  O  O     . GLU A 1 61  ? 3.236   -14.110 5.351   1.00 13.53 ? 61   GLU A O     1 
ATOM   449  C  CB    . GLU A 1 61  ? 5.786   -14.486 3.904   1.00 19.70 ? 61   GLU A CB    1 
ATOM   450  C  CG    . GLU A 1 61  ? 5.645   -15.976 3.658   1.00 31.80 ? 61   GLU A CG    1 
ATOM   451  C  CD    . GLU A 1 61  ? 5.839   -16.317 2.200   1.00 40.66 ? 61   GLU A CD    1 
ATOM   452  O  OE1   . GLU A 1 61  ? 5.653   -17.493 1.824   1.00 51.88 ? 61   GLU A OE1   1 
ATOM   453  O  OE2   . GLU A 1 61  ? 6.193   -15.412 1.419   1.00 48.62 ? 61   GLU A OE2   1 
ATOM   454  N  N     . THR A 1 62  ? 2.373   -14.764 3.387   1.00 14.26 ? 62   THR A N     1 
ATOM   455  C  CA    . THR A 1 62  ? 1.155   -15.236 4.042   1.00 13.01 ? 62   THR A CA    1 
ATOM   456  C  C     . THR A 1 62  ? 0.596   -16.486 3.395   1.00 12.54 ? 62   THR A C     1 
ATOM   457  O  O     . THR A 1 62  ? 0.762   -16.652 2.184   1.00 12.27 ? 62   THR A O     1 
ATOM   458  C  CB    . THR A 1 62  ? 0.080   -14.129 3.998   1.00 11.29 ? 62   THR A CB    1 
ATOM   459  O  OG1   . THR A 1 62  ? -1.082  -14.522 4.754   1.00 11.99 ? 62   THR A OG1   1 
ATOM   460  C  CG2   . THR A 1 62  ? -0.374  -13.861 2.569   1.00 8.94  ? 62   THR A CG2   1 
ATOM   461  N  N     . SER A 1 63  ? -0.088  -17.312 4.176   1.00 12.98 ? 63   SER A N     1 
ATOM   462  C  CA    . SER A 1 63  ? -0.745  -18.493 3.599   1.00 11.12 ? 63   SER A CA    1 
ATOM   463  C  C     . SER A 1 63  ? -2.243  -18.255 3.642   1.00 12.76 ? 63   SER A C     1 
ATOM   464  O  O     . SER A 1 63  ? -3.043  -19.171 3.413   1.00 13.64 ? 63   SER A O     1 
ATOM   465  C  CB    . SER A 1 63  ? -0.330  -19.776 4.309   1.00 18.41 ? 63   SER A CB    1 
ATOM   466  O  OG    . SER A 1 63  ? -0.552  -19.709 5.694   1.00 18.48 ? 63   SER A OG    1 
ATOM   467  N  N     . LEU A 1 64  ? -2.650  -16.997 3.894   1.00 10.10 ? 64   LEU A N     1 
ATOM   468  C  CA    . LEU A 1 64  ? -4.088  -16.702 3.828   1.00 10.66 ? 64   LEU A CA    1 
ATOM   469  C  C     . LEU A 1 64  ? -4.521  -16.501 2.380   1.00 9.25  ? 64   LEU A C     1 
ATOM   470  O  O     . LEU A 1 64  ? -3.672  -16.114 1.602   1.00 10.44 ? 64   LEU A O     1 
ATOM   471  C  CB    . LEU A 1 64  ? -4.458  -15.436 4.587   1.00 10.82 ? 64   LEU A CB    1 
ATOM   472  C  CG    . LEU A 1 64  ? -4.252  -15.393 6.086   1.00 13.55 ? 64   LEU A CG    1 
ATOM   473  C  CD1   . LEU A 1 64  ? -4.625  -14.007 6.624   1.00 14.30 ? 64   LEU A CD1   1 
ATOM   474  C  CD2   . LEU A 1 64  ? -5.064  -16.478 6.785   1.00 11.77 ? 64   LEU A CD2   1 
ATOM   475  N  N     . ALA A 1 65  ? -5.769  -16.716 2.020   1.00 9.68  ? 65   ALA A N     1 
ATOM   476  C  CA    . ALA A 1 65  ? -6.267  -16.420 0.681   1.00 11.22 ? 65   ALA A CA    1 
ATOM   477  C  C     . ALA A 1 65  ? -6.363  -14.886 0.557   1.00 11.76 ? 65   ALA A C     1 
ATOM   478  O  O     . ALA A 1 65  ? -6.385  -14.182 1.573   1.00 11.07 ? 65   ALA A O     1 
ATOM   479  C  CB    . ALA A 1 65  ? -7.602  -17.046 0.409   1.00 13.64 ? 65   ALA A CB    1 
ATOM   480  N  N     . PRO A 1 66  ? -6.376  -14.364 -0.665  1.00 12.31 ? 66   PRO A N     1 
ATOM   481  C  CA    . PRO A 1 66  ? -6.433  -12.943 -0.888  1.00 12.81 ? 66   PRO A CA    1 
ATOM   482  C  C     . PRO A 1 66  ? -7.577  -12.257 -0.176  1.00 12.58 ? 66   PRO A C     1 
ATOM   483  O  O     . PRO A 1 66  ? -7.343  -11.228 0.473   1.00 11.55 ? 66   PRO A O     1 
ATOM   484  C  CB    . PRO A 1 66  ? -6.558  -12.768 -2.403  1.00 14.03 ? 66   PRO A CB    1 
ATOM   485  C  CG    . PRO A 1 66  ? -6.294  -14.093 -2.995  1.00 13.37 ? 66   PRO A CG    1 
ATOM   486  C  CD    . PRO A 1 66  ? -6.320  -15.134 -1.922  1.00 12.46 ? 66   PRO A CD    1 
ATOM   487  N  N     . GLU A 1 67  ? -8.808  -12.770 -0.297  1.00 11.70 ? 67   GLU A N     1 
ATOM   488  C  CA    . GLU A 1 67  ? -9.935  -12.136 0.392   1.00 12.97 ? 67   GLU A CA    1 
ATOM   489  C  C     . GLU A 1 67  ? -9.832  -12.307 1.906   1.00 11.90 ? 67   GLU A C     1 
ATOM   490  O  O     . GLU A 1 67  ? -10.331 -11.412 2.618   1.00 11.68 ? 67   GLU A O     1 
ATOM   491  C  CB    . GLU A 1 67  ? -11.277 -12.662 -0.133  1.00 18.14 ? 67   GLU A CB    1 
ATOM   492  C  CG    . GLU A 1 67  ? -11.518 -14.126 0.017   1.00 32.98 ? 67   GLU A CG    1 
ATOM   493  C  CD    . GLU A 1 67  ? -10.694 -15.146 -0.719  1.00 34.47 ? 67   GLU A CD    1 
ATOM   494  O  OE1   . GLU A 1 67  ? -9.932  -14.896 -1.679  1.00 21.01 ? 67   GLU A OE1   1 
ATOM   495  O  OE2   . GLU A 1 67  ? -10.827 -16.346 -0.319  1.00 41.68 ? 67   GLU A OE2   1 
ATOM   496  N  N     . GLU A 1 68  ? -9.192  -13.353 2.431   1.00 10.87 ? 68   GLU A N     1 
ATOM   497  C  CA    . GLU A 1 68  ? -9.010  -13.463 3.887   1.00 11.79 ? 68   GLU A CA    1 
ATOM   498  C  C     . GLU A 1 68  ? -8.016  -12.408 4.367   1.00 11.47 ? 68   GLU A C     1 
ATOM   499  O  O     . GLU A 1 68  ? -8.174  -11.781 5.438   1.00 11.58 ? 68   GLU A O     1 
ATOM   500  C  CB    . GLU A 1 68  ? -8.545  -14.870 4.292   1.00 14.37 ? 68   GLU A CB    1 
ATOM   501  C  CG    . GLU A 1 68  ? -9.516  -15.955 3.816   1.00 14.98 ? 68   GLU A CG    1 
ATOM   502  C  CD    . GLU A 1 68  ? -8.965  -17.358 3.931   1.00 21.94 ? 68   GLU A CD    1 
ATOM   503  O  OE1   . GLU A 1 68  ? -7.738  -17.578 4.001   1.00 16.83 ? 68   GLU A OE1   1 
ATOM   504  O  OE2   . GLU A 1 68  ? -9.770  -18.326 3.936   1.00 27.67 ? 68   GLU A OE2   1 
ATOM   505  N  N     . LEU A 1 69  ? -6.955  -12.185 3.595   1.00 9.15  ? 69   LEU A N     1 
ATOM   506  C  CA    . LEU A 1 69  ? -5.991  -11.113 3.927   1.00 10.88 ? 69   LEU A CA    1 
ATOM   507  C  C     . LEU A 1 69  ? -6.739  -9.771  3.956   1.00 10.93 ? 69   LEU A C     1 
ATOM   508  O  O     . LEU A 1 69  ? -6.536  -8.952  4.855   1.00 10.84 ? 69   LEU A O     1 
ATOM   509  C  CB    . LEU A 1 69  ? -4.816  -11.074 2.963   1.00 12.20 ? 69   LEU A CB    1 
ATOM   510  C  CG    . LEU A 1 69  ? -3.755  -9.985  3.179   1.00 12.04 ? 69   LEU A CG    1 
ATOM   511  C  CD1   . LEU A 1 69  ? -3.052  -10.148 4.527   1.00 16.33 ? 69   LEU A CD1   1 
ATOM   512  C  CD2   . LEU A 1 69  ? -2.724  -9.992  2.059   1.00 12.84 ? 69   LEU A CD2   1 
ATOM   513  N  N     . LEU A 1 70  ? -7.610  -9.519  2.990   1.00 11.27 ? 70   LEU A N     1 
ATOM   514  C  CA    . LEU A 1 70  ? -8.410  -8.291  2.944   1.00 12.51 ? 70   LEU A CA    1 
ATOM   515  C  C     . LEU A 1 70  ? -9.256  -8.102  4.193   1.00 11.92 ? 70   LEU A C     1 
ATOM   516  O  O     . LEU A 1 70  ? -9.406  -6.977  4.700   1.00 11.80 ? 70   LEU A O     1 
ATOM   517  C  CB    . LEU A 1 70  ? -9.338  -8.271  1.720   1.00 10.35 ? 70   LEU A CB    1 
ATOM   518  C  CG    . LEU A 1 70  ? -10.060 -6.960  1.412   1.00 12.19 ? 70   LEU A CG    1 
ATOM   519  C  CD1   . LEU A 1 70  ? -9.063  -5.816  1.253   1.00 15.60 ? 70   LEU A CD1   1 
ATOM   520  C  CD2   . LEU A 1 70  ? -10.894 -7.049  0.132   1.00 10.82 ? 70   LEU A CD2   1 
ATOM   521  N  N     . ASN A 1 71  ? -9.880  -9.194  4.665   1.00 12.33 ? 71   ASN A N     1 
ATOM   522  C  CA    . ASN A 1 71  ? -10.662 -9.122  5.887   1.00 12.20 ? 71   ASN A CA    1 
ATOM   523  C  C     . ASN A 1 71  ? -9.804  -8.572  7.027   1.00 11.15 ? 71   ASN A C     1 
ATOM   524  O  O     . ASN A 1 71  ? -10.263 -7.698  7.784   1.00 9.07  ? 71   ASN A O     1 
ATOM   525  C  CB    . ASN A 1 71  ? -11.246 -10.486 6.274   1.00 12.84 ? 71   ASN A CB    1 
ATOM   526  C  CG    . ASN A 1 71  ? -12.331 -10.944 5.310   1.00 18.15 ? 71   ASN A CG    1 
ATOM   527  O  OD1   . ASN A 1 71  ? -12.955 -10.153 4.595   1.00 15.10 ? 71   ASN A OD1   1 
ATOM   528  N  ND2   . ASN A 1 71  ? -12.569 -12.252 5.288   1.00 11.44 ? 71   ASN A ND2   1 
ATOM   529  N  N     . HIS A 1 72  ? -8.568  -9.032  7.157   1.00 10.12 ? 72   HIS A N     1 
ATOM   530  C  CA    . HIS A 1 72  ? -7.680  -8.547  8.218   1.00 10.51 ? 72   HIS A CA    1 
ATOM   531  C  C     . HIS A 1 72  ? -7.161  -7.135  7.992   1.00 11.02 ? 72   HIS A C     1 
ATOM   532  O  O     . HIS A 1 72  ? -7.086  -6.361  8.973   1.00 12.76 ? 72   HIS A O     1 
ATOM   533  C  CB    . HIS A 1 72  ? -6.479  -9.512  8.384   1.00 13.36 ? 72   HIS A CB    1 
ATOM   534  C  CG    . HIS A 1 72  ? -6.866  -10.747 9.156   1.00 14.49 ? 72   HIS A CG    1 
ATOM   535  N  ND1   . HIS A 1 72  ? -7.314  -11.912 8.599   1.00 18.87 ? 72   HIS A ND1   1 
ATOM   536  C  CD2   . HIS A 1 72  ? -6.874  -10.941 10.496  1.00 12.83 ? 72   HIS A CD2   1 
ATOM   537  C  CE1   . HIS A 1 72  ? -7.571  -12.782 9.549   1.00 14.51 ? 72   HIS A CE1   1 
ATOM   538  N  NE2   . HIS A 1 72  ? -7.321  -12.213 10.725  1.00 19.85 ? 72   HIS A NE2   1 
ATOM   539  N  N     . THR A 1 73  ? -6.842  -6.772  6.754   1.00 10.55 ? 73   THR A N     1 
ATOM   540  C  CA    . THR A 1 73  ? -6.390  -5.379  6.526   1.00 11.21 ? 73   THR A CA    1 
ATOM   541  C  C     . THR A 1 73  ? -7.532  -4.399  6.783   1.00 10.09 ? 73   THR A C     1 
ATOM   542  O  O     . THR A 1 73  ? -7.312  -3.333  7.388   1.00 11.58 ? 73   THR A O     1 
ATOM   543  C  CB    . THR A 1 73  ? -5.788  -5.210  5.115   1.00 8.67  ? 73   THR A CB    1 
ATOM   544  O  OG1   . THR A 1 73  ? -6.705  -5.625  4.121   1.00 11.77 ? 73   THR A OG1   1 
ATOM   545  C  CG2   . THR A 1 73  ? -4.491  -6.018  5.051   1.00 11.85 ? 73   THR A CG2   1 
ATOM   546  N  N     . GLN A 1 74  ? -8.751  -4.740  6.415   1.00 10.37 ? 74   GLN A N     1 
ATOM   547  C  CA    . GLN A 1 74  ? -9.921  -3.898  6.687   1.00 11.96 ? 74   GLN A CA    1 
ATOM   548  C  C     . GLN A 1 74  ? -10.226 -3.827  8.176   1.00 12.97 ? 74   GLN A C     1 
ATOM   549  O  O     . GLN A 1 74  ? -10.683 -2.759  8.652   1.00 12.76 ? 74   GLN A O     1 
ATOM   550  C  CB    . GLN A 1 74  ? -11.152 -4.379  5.889   1.00 10.10 ? 74   GLN A CB    1 
ATOM   551  C  CG    . GLN A 1 74  ? -10.897 -4.156  4.378   1.00 12.65 ? 74   GLN A CG    1 
ATOM   552  C  CD    . GLN A 1 74  ? -12.101 -4.423  3.516   1.00 20.35 ? 74   GLN A CD    1 
ATOM   553  O  OE1   . GLN A 1 74  ? -12.229 -3.858  2.410   1.00 22.93 ? 74   GLN A OE1   1 
ATOM   554  N  NE2   . GLN A 1 74  ? -13.005 -5.276  3.956   1.00 14.59 ? 74   GLN A NE2   1 
ATOM   555  N  N     . ARG A 1 75  ? -9.996  -4.896  8.921   1.00 11.38 ? 75   ARG A N     1 
ATOM   556  C  CA    . ARG A 1 75  ? -10.173 -4.889  10.375  1.00 12.28 ? 75   ARG A CA    1 
ATOM   557  C  C     . ARG A 1 75  ? -9.190  -3.922  11.022  1.00 11.78 ? 75   ARG A C     1 
ATOM   558  O  O     . ARG A 1 75  ? -9.528  -3.194  11.954  1.00 11.79 ? 75   ARG A O     1 
ATOM   559  C  CB    . ARG A 1 75  ? -9.975  -6.276  11.013  1.00 13.25 ? 75   ARG A CB    1 
ATOM   560  C  CG    . ARG A 1 75  ? -9.846  -6.217  12.541  1.00 19.85 ? 75   ARG A CG    1 
ATOM   561  C  CD    . ARG A 1 75  ? -9.634  -7.594  13.149  1.00 24.23 ? 75   ARG A CD    1 
ATOM   562  N  NE    . ARG A 1 75  ? -8.416  -8.245  12.702  1.00 30.98 ? 75   ARG A NE    1 
ATOM   563  C  CZ    . ARG A 1 75  ? -7.154  -7.977  12.975  1.00 30.08 ? 75   ARG A CZ    1 
ATOM   564  N  NH1   . ARG A 1 75  ? -6.774  -7.011  13.805  1.00 28.00 ? 75   ARG A NH1   1 
ATOM   565  N  NH2   . ARG A 1 75  ? -6.193  -8.712  12.409  1.00 29.28 ? 75   ARG A NH2   1 
ATOM   566  N  N     . ILE A 1 76  ? -7.941  -3.913  10.558  1.00 10.98 ? 76   ILE A N     1 
ATOM   567  C  CA    . ILE A 1 76  ? -6.922  -3.011  11.082  1.00 10.78 ? 76   ILE A CA    1 
ATOM   568  C  C     . ILE A 1 76  ? -7.288  -1.573  10.760  1.00 11.05 ? 76   ILE A C     1 
ATOM   569  O  O     . ILE A 1 76  ? -7.191  -0.691  11.636  1.00 12.28 ? 76   ILE A O     1 
ATOM   570  C  CB    . ILE A 1 76  ? -5.533  -3.389  10.518  1.00 13.53 ? 76   ILE A CB    1 
ATOM   571  C  CG1   . ILE A 1 76  ? -5.124  -4.769  11.009  1.00 13.08 ? 76   ILE A CG1   1 
ATOM   572  C  CG2   . ILE A 1 76  ? -4.486  -2.345  10.897  1.00 13.55 ? 76   ILE A CG2   1 
ATOM   573  C  CD1   . ILE A 1 76  ? -3.929  -5.381  10.285  1.00 15.25 ? 76   ILE A CD1   1 
ATOM   574  N  N     . GLU A 1 77  ? -7.735  -1.287  9.533   1.00 9.59  ? 77   GLU A N     1 
ATOM   575  C  CA    . GLU A 1 77  ? -8.162  0.058   9.181   1.00 10.89 ? 77   GLU A CA    1 
ATOM   576  C  C     . GLU A 1 77  ? -9.251  0.532   10.138  1.00 13.92 ? 77   GLU A C     1 
ATOM   577  O  O     . GLU A 1 77  ? -9.174  1.620   10.705  1.00 13.97 ? 77   GLU A O     1 
ATOM   578  C  CB    . GLU A 1 77  ? -8.698  0.139   7.747   1.00 8.70  ? 77   GLU A CB    1 
ATOM   579  C  CG    . GLU A 1 77  ? -7.613  -0.048  6.682   1.00 11.05 ? 77   GLU A CG    1 
ATOM   580  C  CD    . GLU A 1 77  ? -8.222  -0.045  5.292   1.00 11.85 ? 77   GLU A CD    1 
ATOM   581  O  OE1   . GLU A 1 77  ? -9.366  -0.530  5.168   1.00 13.85 ? 77   GLU A OE1   1 
ATOM   582  O  OE2   . GLU A 1 77  ? -7.570  0.415   4.343   1.00 13.86 ? 77   GLU A OE2   1 
ATOM   583  N  N     . LEU A 1 78  ? -10.274 -0.304  10.308  1.00 13.84 ? 78   LEU A N     1 
ATOM   584  C  CA    . LEU A 1 78  ? -11.396 0.018   11.207  1.00 15.80 ? 78   LEU A CA    1 
ATOM   585  C  C     . LEU A 1 78  ? -10.923 0.242   12.627  1.00 16.48 ? 78   LEU A C     1 
ATOM   586  O  O     . LEU A 1 78  ? -11.376 1.196   13.297  1.00 16.62 ? 78   LEU A O     1 
ATOM   587  C  CB    . LEU A 1 78  ? -12.405 -1.120  11.080  1.00 23.68 ? 78   LEU A CB    1 
ATOM   588  C  CG    . LEU A 1 78  ? -13.815 -0.991  11.623  1.00 35.23 ? 78   LEU A CG    1 
ATOM   589  C  CD1   . LEU A 1 78  ? -13.836 -0.897  13.139  1.00 39.16 ? 78   LEU A CD1   1 
ATOM   590  C  CD2   . LEU A 1 78  ? -14.508 0.232   11.013  1.00 34.92 ? 78   LEU A CD2   1 
ATOM   591  N  N     . GLN A 1 79  ? -10.009 -0.573  13.143  1.00 16.26 ? 79   GLN A N     1 
ATOM   592  C  CA    . GLN A 1 79  ? -9.453  -0.471  14.465  1.00 18.66 ? 79   GLN A CA    1 
ATOM   593  C  C     . GLN A 1 79  ? -8.762  0.892   14.669  1.00 18.79 ? 79   GLN A C     1 
ATOM   594  O  O     . GLN A 1 79  ? -8.694  1.423   15.782  1.00 16.21 ? 79   GLN A O     1 
ATOM   595  C  CB    . GLN A 1 79  ? -8.359  -1.500  14.798  1.00 23.71 ? 79   GLN A CB    1 
ATOM   596  C  CG    . GLN A 1 79  ? -8.692  -2.951  14.892  1.00 38.12 ? 79   GLN A CG    1 
ATOM   597  C  CD    . GLN A 1 79  ? -7.524  -3.888  15.135  1.00 42.57 ? 79   GLN A CD    1 
ATOM   598  O  OE1   . GLN A 1 79  ? -7.750  -5.100  15.260  1.00 44.50 ? 79   GLN A OE1   1 
ATOM   599  N  NE2   . GLN A 1 79  ? -6.279  -3.415  15.213  1.00 44.59 ? 79   GLN A NE2   1 
ATOM   600  N  N     . GLN A 1 80  ? -8.165  1.364   13.560  1.00 15.99 ? 80   GLN A N     1 
ATOM   601  C  CA    . GLN A 1 80  ? -7.461  2.649   13.657  1.00 16.93 ? 80   GLN A CA    1 
ATOM   602  C  C     . GLN A 1 80  ? -8.333  3.818   13.243  1.00 16.62 ? 80   GLN A C     1 
ATOM   603  O  O     . GLN A 1 80  ? -7.793  4.892   12.944  1.00 17.32 ? 80   GLN A O     1 
ATOM   604  C  CB    . GLN A 1 80  ? -6.134  2.584   12.855  1.00 15.14 ? 80   GLN A CB    1 
ATOM   605  C  CG    . GLN A 1 80  ? -5.193  1.620   13.584  1.00 12.01 ? 80   GLN A CG    1 
ATOM   606  C  CD    . GLN A 1 80  ? -3.792  1.534   13.059  1.00 19.54 ? 80   GLN A CD    1 
ATOM   607  O  OE1   . GLN A 1 80  ? -3.195  0.436   13.031  1.00 14.95 ? 80   GLN A OE1   1 
ATOM   608  N  NE2   . GLN A 1 80  ? -3.216  2.665   12.658  1.00 11.46 ? 80   GLN A NE2   1 
ATOM   609  N  N     . GLY A 1 81  ? -9.650  3.660   13.266  1.00 16.83 ? 81   GLY A N     1 
ATOM   610  C  CA    . GLY A 1 81  ? -10.574 4.739   13.019  1.00 18.78 ? 81   GLY A CA    1 
ATOM   611  C  C     . GLY A 1 81  ? -10.977 5.092   11.622  1.00 19.80 ? 81   GLY A C     1 
ATOM   612  O  O     . GLY A 1 81  ? -11.553 6.175   11.418  1.00 20.85 ? 81   GLY A O     1 
ATOM   613  N  N     . ARG A 1 82  ? -10.696 4.250   10.635  1.00 19.70 ? 82   ARG A N     1 
ATOM   614  C  CA    . ARG A 1 82  ? -11.088 4.498   9.253   1.00 21.64 ? 82   ARG A CA    1 
ATOM   615  C  C     . ARG A 1 82  ? -12.602 4.355   9.110   1.00 23.54 ? 82   ARG A C     1 
ATOM   616  O  O     . ARG A 1 82  ? -13.121 3.301   9.483   1.00 22.26 ? 82   ARG A O     1 
ATOM   617  C  CB    . ARG A 1 82  ? -10.416 3.529   8.303   1.00 20.82 ? 82   ARG A CB    1 
ATOM   618  C  CG    . ARG A 1 82  ? -10.726 3.595   6.811   1.00 19.88 ? 82   ARG A CG    1 
ATOM   619  C  CD    . ARG A 1 82  ? -10.205 4.820   6.154   1.00 17.70 ? 82   ARG A CD    1 
ATOM   620  N  NE    . ARG A 1 82  ? -10.294 5.012   4.743   1.00 15.93 ? 82   ARG A NE    1 
ATOM   621  C  CZ    . ARG A 1 82  ? -9.645  4.519   3.719   1.00 17.07 ? 82   ARG A CZ    1 
ATOM   622  N  NH1   . ARG A 1 82  ? -8.648  3.643   3.850   1.00 13.06 ? 82   ARG A NH1   1 
ATOM   623  N  NH2   . ARG A 1 82  ? -9.931  4.925   2.492   1.00 17.82 ? 82   ARG A NH2   1 
ATOM   624  N  N     . VAL A 1 83  ? -13.282 5.352   8.608   1.00 25.05 ? 83   VAL A N     1 
ATOM   625  C  CA    . VAL A 1 83  ? -14.719 5.321   8.397   1.00 29.36 ? 83   VAL A CA    1 
ATOM   626  C  C     . VAL A 1 83  ? -14.901 5.700   6.921   1.00 32.54 ? 83   VAL A C     1 
ATOM   627  O  O     . VAL A 1 83  ? -14.668 6.870   6.613   1.00 34.26 ? 83   VAL A O     1 
ATOM   628  C  CB    . VAL A 1 83  ? -15.572 6.250   9.254   1.00 28.06 ? 83   VAL A CB    1 
ATOM   629  C  CG1   . VAL A 1 83  ? -17.031 6.174   8.782   1.00 24.45 ? 83   VAL A CG1   1 
ATOM   630  C  CG2   . VAL A 1 83  ? -15.446 5.889   10.723  1.00 24.82 ? 83   VAL A CG2   1 
ATOM   631  N  N     . ARG A 1 84  ? -15.258 4.741   6.082   1.00 34.62 ? 84   ARG A N     1 
ATOM   632  C  CA    . ARG A 1 84  ? -15.378 5.113   4.686   1.00 39.34 ? 84   ARG A CA    1 
ATOM   633  C  C     . ARG A 1 84  ? -16.845 5.439   4.346   1.00 41.66 ? 84   ARG A C     1 
ATOM   634  O  O     . ARG A 1 84  ? -17.830 5.005   4.913   1.00 41.74 ? 84   ARG A O     1 
ATOM   635  C  CB    . ARG A 1 84  ? -15.023 4.039   3.686   1.00 42.59 ? 84   ARG A CB    1 
ATOM   636  C  CG    . ARG A 1 84  ? -14.212 2.879   4.223   1.00 44.89 ? 84   ARG A CG    1 
ATOM   637  C  CD    . ARG A 1 84  ? -14.081 1.819   3.152   1.00 45.49 ? 84   ARG A CD    1 
ATOM   638  N  NE    . ARG A 1 84  ? -12.758 1.736   2.527   1.00 45.89 ? 84   ARG A NE    1 
ATOM   639  C  CZ    . ARG A 1 84  ? -11.767 1.180   3.255   1.00 41.72 ? 84   ARG A CZ    1 
ATOM   640  N  NH1   . ARG A 1 84  ? -12.052 0.737   4.482   1.00 44.22 ? 84   ARG A NH1   1 
ATOM   641  N  NH2   . ARG A 1 84  ? -10.542 1.000   2.822   1.00 38.05 ? 84   ARG A NH2   1 
ATOM   642  N  N     . LYS A 1 85  ? -16.899 6.203   3.282   1.00 43.73 ? 85   LYS A N     1 
ATOM   643  C  CA    . LYS A 1 85  ? -18.200 6.600   2.681   1.00 45.13 ? 85   LYS A CA    1 
ATOM   644  C  C     . LYS A 1 85  ? -17.958 6.413   1.203   1.00 45.83 ? 85   LYS A C     1 
ATOM   645  O  O     . LYS A 1 85  ? -16.792 6.210   0.814   1.00 47.13 ? 85   LYS A O     1 
ATOM   646  C  CB    . LYS A 1 85  ? -18.558 7.953   3.234   1.00 45.15 ? 85   LYS A CB    1 
ATOM   647  C  CG    . LYS A 1 85  ? -17.384 8.924   3.367   1.00 50.79 ? 85   LYS A CG    1 
ATOM   648  C  CD    . LYS A 1 85  ? -17.759 10.077  4.284   1.00 51.60 ? 85   LYS A CD    1 
ATOM   649  C  CE    . LYS A 1 85  ? -16.621 11.064  4.460   1.00 56.06 ? 85   LYS A CE    1 
ATOM   650  N  NZ    . LYS A 1 85  ? -15.396 10.456  5.046   1.00 59.45 ? 85   LYS A NZ    1 
ATOM   651  N  N     . ALA A 1 86  ? -18.988 6.412   0.368   1.00 47.03 ? 86   ALA A N     1 
ATOM   652  C  CA    . ALA A 1 86  ? -18.769 6.202   -1.071  1.00 46.16 ? 86   ALA A CA    1 
ATOM   653  C  C     . ALA A 1 86  ? -17.875 7.306   -1.632  1.00 45.25 ? 86   ALA A C     1 
ATOM   654  O  O     . ALA A 1 86  ? -17.211 7.067   -2.653  1.00 46.44 ? 86   ALA A O     1 
ATOM   655  C  CB    . ALA A 1 86  ? -20.090 6.127   -1.804  1.00 50.38 ? 86   ALA A CB    1 
ATOM   656  N  N     . GLU A 1 87  ? -17.826 8.486   -1.007  1.00 42.36 ? 87   GLU A N     1 
ATOM   657  C  CA    . GLU A 1 87  ? -16.912 9.543   -1.473  1.00 38.83 ? 87   GLU A CA    1 
ATOM   658  C  C     . GLU A 1 87  ? -15.515 9.178   -0.921  1.00 34.68 ? 87   GLU A C     1 
ATOM   659  O  O     . GLU A 1 87  ? -15.106 9.246   0.225   1.00 32.28 ? 87   GLU A O     1 
ATOM   660  C  CB    . GLU A 1 87  ? -17.322 10.934  -1.096  1.00 46.00 ? 87   GLU A CB    1 
ATOM   661  C  CG    . GLU A 1 87  ? -17.318 11.298  0.372   1.00 54.67 ? 87   GLU A CG    1 
ATOM   662  C  CD    . GLU A 1 87  ? -17.996 12.650  0.573   1.00 56.77 ? 87   GLU A CD    1 
ATOM   663  O  OE1   . GLU A 1 87  ? -19.088 12.819  -0.018  1.00 57.75 ? 87   GLU A OE1   1 
ATOM   664  O  OE2   . GLU A 1 87  ? -17.427 13.487  1.294   1.00 61.74 ? 87   GLU A OE2   1 
ATOM   665  N  N     . ARG A 1 88  ? -14.727 8.699   -1.865  1.00 30.96 ? 88   ARG A N     1 
ATOM   666  C  CA    . ARG A 1 88  ? -13.456 8.093   -1.689  1.00 27.86 ? 88   ARG A CA    1 
ATOM   667  C  C     . ARG A 1 88  ? -12.113 8.705   -1.405  1.00 24.17 ? 88   ARG A C     1 
ATOM   668  O  O     . ARG A 1 88  ? -11.369 7.991   -0.696  1.00 26.37 ? 88   ARG A O     1 
ATOM   669  C  CB    . ARG A 1 88  ? -13.151 7.519   -3.177  1.00 33.10 ? 88   ARG A CB    1 
ATOM   670  C  CG    . ARG A 1 88  ? -13.824 6.178   -3.342  1.00 40.48 ? 88   ARG A CG    1 
ATOM   671  C  CD    . ARG A 1 88  ? -13.588 5.691   -4.778  1.00 46.38 ? 88   ARG A CD    1 
ATOM   672  N  NE    . ARG A 1 88  ? -14.418 6.413   -5.732  1.00 42.19 ? 88   ARG A NE    1 
ATOM   673  C  CZ    . ARG A 1 88  ? -14.398 6.281   -7.047  1.00 43.86 ? 88   ARG A CZ    1 
ATOM   674  N  NH1   . ARG A 1 88  ? -13.530 5.462   -7.637  1.00 46.04 ? 88   ARG A NH1   1 
ATOM   675  N  NH2   . ARG A 1 88  ? -15.241 6.956   -7.821  1.00 37.43 ? 88   ARG A NH2   1 
ATOM   676  N  N     . TRP A 1 89  ? -11.713 9.788   -2.022  1.00 19.87 ? 89   TRP A N     1 
ATOM   677  C  CA    . TRP A 1 89  ? -10.318 10.222  -1.882  1.00 17.08 ? 89   TRP A CA    1 
ATOM   678  C  C     . TRP A 1 89  ? -10.023 11.340  -0.927  1.00 15.24 ? 89   TRP A C     1 
ATOM   679  O  O     . TRP A 1 89  ? -9.192  12.203  -1.231  1.00 16.04 ? 89   TRP A O     1 
ATOM   680  C  CB    . TRP A 1 89  ? -9.872  10.611  -3.331  1.00 14.93 ? 89   TRP A CB    1 
ATOM   681  C  CG    . TRP A 1 89  ? -10.049 9.409   -4.232  1.00 17.79 ? 89   TRP A CG    1 
ATOM   682  C  CD1   . TRP A 1 89  ? -9.580  8.146   -3.978  1.00 16.65 ? 89   TRP A CD1   1 
ATOM   683  C  CD2   . TRP A 1 89  ? -10.550 9.391   -5.569  1.00 19.48 ? 89   TRP A CD2   1 
ATOM   684  N  NE1   . TRP A 1 89  ? -9.855  7.322   -5.047  1.00 19.97 ? 89   TRP A NE1   1 
ATOM   685  C  CE2   . TRP A 1 89  ? -10.424 8.073   -6.044  1.00 21.94 ? 89   TRP A CE2   1 
ATOM   686  C  CE3   . TRP A 1 89  ? -11.109 10.366  -6.397  1.00 22.67 ? 89   TRP A CE3   1 
ATOM   687  C  CZ2   . TRP A 1 89  ? -10.857 7.692   -7.315  1.00 28.67 ? 89   TRP A CZ2   1 
ATOM   688  C  CZ3   . TRP A 1 89  ? -11.538 9.989   -7.668  1.00 27.82 ? 89   TRP A CZ3   1 
ATOM   689  C  CH2   . TRP A 1 89  ? -11.416 8.665   -8.106  1.00 30.92 ? 89   TRP A CH2   1 
ATOM   690  N  N     . GLY A 1 90  ? -10.677 11.310  0.226   1.00 14.68 ? 90   GLY A N     1 
ATOM   691  C  CA    . GLY A 1 90  ? -10.448 12.331  1.256   1.00 14.35 ? 90   GLY A CA    1 
ATOM   692  C  C     . GLY A 1 90  ? -9.415  11.784  2.245   1.00 13.86 ? 90   GLY A C     1 
ATOM   693  O  O     . GLY A 1 90  ? -8.882  10.684  2.048   1.00 14.67 ? 90   GLY A O     1 
ATOM   694  N  N     . PRO A 1 91  ? -9.096  12.566  3.268   1.00 11.82 ? 91   PRO A N     1 
ATOM   695  C  CA    . PRO A 1 91  ? -8.109  12.222  4.248   1.00 10.92 ? 91   PRO A CA    1 
ATOM   696  C  C     . PRO A 1 91  ? -8.501  10.988  5.048   1.00 10.77 ? 91   PRO A C     1 
ATOM   697  O  O     . PRO A 1 91  ? -9.686  10.681  5.190   1.00 11.12 ? 91   PRO A O     1 
ATOM   698  C  CB    . PRO A 1 91  ? -7.954  13.459  5.123   1.00 10.98 ? 91   PRO A CB    1 
ATOM   699  C  CG    . PRO A 1 91  ? -9.247  14.185  4.942   1.00 12.23 ? 91   PRO A CG    1 
ATOM   700  C  CD    . PRO A 1 91  ? -9.693  13.923  3.509   1.00 12.15 ? 91   PRO A CD    1 
ATOM   701  N  N     . ARG A 1 92  ? -7.488  10.271  5.535   1.00 9.76  ? 92   ARG A N     1 
ATOM   702  C  CA    . ARG A 1 92  ? -7.814  9.051   6.300   1.00 8.81  ? 92   ARG A CA    1 
ATOM   703  C  C     . ARG A 1 92  ? -6.732  8.750   7.301   1.00 8.66  ? 92   ARG A C     1 
ATOM   704  O  O     . ARG A 1 92  ? -5.552  9.087   7.112   1.00 9.57  ? 92   ARG A O     1 
ATOM   705  C  CB    . ARG A 1 92  ? -8.027  7.852   5.364   1.00 13.42 ? 92   ARG A CB    1 
ATOM   706  C  CG    . ARG A 1 92  ? -6.780  7.278   4.710   1.00 10.45 ? 92   ARG A CG    1 
ATOM   707  C  CD    . ARG A 1 92  ? -6.196  8.235   3.652   1.00 12.92 ? 92   ARG A CD    1 
ATOM   708  N  NE    . ARG A 1 92  ? -7.220  8.439   2.639   1.00 12.62 ? 92   ARG A NE    1 
ATOM   709  C  CZ    . ARG A 1 92  ? -7.560  7.671   1.619   1.00 17.49 ? 92   ARG A CZ    1 
ATOM   710  N  NH1   . ARG A 1 92  ? -6.850  6.601   1.276   1.00 13.40 ? 92   ARG A NH1   1 
ATOM   711  N  NH2   . ARG A 1 92  ? -8.614  8.019   0.877   1.00 12.38 ? 92   ARG A NH2   1 
ATOM   712  N  N     . THR A 1 93  ? -7.126  8.106   8.414   1.00 7.79  ? 93   THR A N     1 
ATOM   713  C  CA    . THR A 1 93  ? -6.146  7.738   9.433   1.00 8.42  ? 93   THR A CA    1 
ATOM   714  C  C     . THR A 1 93  ? -5.218  6.629   8.953   1.00 7.90  ? 93   THR A C     1 
ATOM   715  O  O     . THR A 1 93  ? -4.018  6.604   9.260   1.00 7.36  ? 93   THR A O     1 
ATOM   716  C  CB    . THR A 1 93  ? -6.840  7.273   10.720  1.00 8.92  ? 93   THR A CB    1 
ATOM   717  O  OG1   . THR A 1 93  ? -7.778  6.229   10.348  1.00 10.38 ? 93   THR A OG1   1 
ATOM   718  C  CG2   . THR A 1 93  ? -7.563  8.430   11.383  1.00 10.05 ? 93   THR A CG2   1 
ATOM   719  N  N     . LEU A 1 94  ? -5.812  5.689   8.215   1.00 9.31  ? 94   LEU A N     1 
ATOM   720  C  CA    . LEU A 1 94  ? -5.019  4.543   7.753   1.00 8.81  ? 94   LEU A CA    1 
ATOM   721  C  C     . LEU A 1 94  ? -5.635  3.948   6.507   1.00 8.47  ? 94   LEU A C     1 
ATOM   722  O  O     . LEU A 1 94  ? -6.851  3.732   6.457   1.00 9.37  ? 94   LEU A O     1 
ATOM   723  C  CB    . LEU A 1 94  ? -4.923  3.463   8.835   1.00 9.44  ? 94   LEU A CB    1 
ATOM   724  C  CG    . LEU A 1 94  ? -4.013  2.264   8.500   1.00 13.12 ? 94   LEU A CG    1 
ATOM   725  C  CD1   . LEU A 1 94  ? -2.564  2.702   8.463   1.00 12.38 ? 94   LEU A CD1   1 
ATOM   726  C  CD2   . LEU A 1 94  ? -4.201  1.107   9.487   1.00 10.68 ? 94   LEU A CD2   1 
ATOM   727  N  N     . ASP A 1 95  ? -4.781  3.661   5.533   1.00 6.87  ? 95   ASP A N     1 
ATOM   728  C  CA    . ASP A 1 95  ? -5.206  3.061   4.293   1.00 8.15  ? 95   ASP A CA    1 
ATOM   729  C  C     . ASP A 1 95  ? -4.277  1.889   3.983   1.00 9.13  ? 95   ASP A C     1 
ATOM   730  O  O     . ASP A 1 95  ? -3.071  2.119   3.869   1.00 8.37  ? 95   ASP A O     1 
ATOM   731  C  CB    . ASP A 1 95  ? -5.165  4.115   3.191   1.00 5.37  ? 95   ASP A CB    1 
ATOM   732  C  CG    . ASP A 1 95  ? -5.678  3.555   1.892   1.00 12.83 ? 95   ASP A CG    1 
ATOM   733  O  OD1   . ASP A 1 95  ? -6.730  2.909   1.960   1.00 11.59 ? 95   ASP A OD1   1 
ATOM   734  O  OD2   . ASP A 1 95  ? -5.050  3.735   0.859   1.00 9.30  ? 95   ASP A OD2   1 
ATOM   735  N  N     . LEU A 1 96  ? -4.799  0.686   3.911   1.00 9.63  ? 96   LEU A N     1 
ATOM   736  C  CA    . LEU A 1 96  ? -4.004  -0.506  3.622   1.00 8.79  ? 96   LEU A CA    1 
ATOM   737  C  C     . LEU A 1 96  ? -4.525  -1.096  2.318   1.00 10.57 ? 96   LEU A C     1 
ATOM   738  O  O     . LEU A 1 96  ? -5.666  -1.583  2.238   1.00 10.91 ? 96   LEU A O     1 
ATOM   739  C  CB    . LEU A 1 96  ? -4.076  -1.538  4.740   1.00 9.59  ? 96   LEU A CB    1 
ATOM   740  C  CG    . LEU A 1 96  ? -3.580  -1.107  6.130   1.00 10.30 ? 96   LEU A CG    1 
ATOM   741  C  CD1   . LEU A 1 96  ? -3.810  -2.197  7.168   1.00 9.74  ? 96   LEU A CD1   1 
ATOM   742  C  CD2   . LEU A 1 96  ? -2.099  -0.730  6.089   1.00 11.16 ? 96   LEU A CD2   1 
ATOM   743  N  N     . ASP A 1 97  ? -3.730  -1.016  1.255   1.00 8.67  ? 97   ASP A N     1 
ATOM   744  C  CA    . ASP A 1 97  ? -4.078  -1.530  -0.028  1.00 7.71  ? 97   ASP A CA    1 
ATOM   745  C  C     . ASP A 1 97  ? -3.257  -2.765  -0.421  1.00 9.37  ? 97   ASP A C     1 
ATOM   746  O  O     . ASP A 1 97  ? -2.041  -2.681  -0.257  1.00 9.92  ? 97   ASP A O     1 
ATOM   747  C  CB    . ASP A 1 97  ? -3.788  -0.555  -1.192  1.00 8.20  ? 97   ASP A CB    1 
ATOM   748  C  CG    . ASP A 1 97  ? -4.779  0.582   -1.200  1.00 13.81 ? 97   ASP A CG    1 
ATOM   749  O  OD1   . ASP A 1 97  ? -5.559  0.581   -0.271  1.00 11.37 ? 97   ASP A OD1   1 
ATOM   750  O  OD2   . ASP A 1 97  ? -4.812  1.403   -2.085  1.00 16.98 ? 97   ASP A OD2   1 
ATOM   751  N  N     . ILE A 1 98  ? -3.917  -3.740  -1.012  1.00 8.33  ? 98   ILE A N     1 
ATOM   752  C  CA    . ILE A 1 98  ? -3.123  -4.901  -1.495  1.00 9.15  ? 98   ILE A CA    1 
ATOM   753  C  C     . ILE A 1 98  ? -2.646  -4.539  -2.889  1.00 7.51  ? 98   ILE A C     1 
ATOM   754  O  O     . ILE A 1 98  ? -3.478  -4.417  -3.772  1.00 7.86  ? 98   ILE A O     1 
ATOM   755  C  CB    . ILE A 1 98  ? -3.946  -6.190  -1.442  1.00 10.38 ? 98   ILE A CB    1 
ATOM   756  C  CG1   . ILE A 1 98  ? -4.378  -6.474  -0.007  1.00 10.12 ? 98   ILE A CG1   1 
ATOM   757  C  CG2   . ILE A 1 98  ? -3.135  -7.353  -2.025  1.00 9.82  ? 98   ILE A CG2   1 
ATOM   758  C  CD1   . ILE A 1 98  ? -5.311  -7.673  0.130   1.00 20.49 ? 98   ILE A CD1   1 
ATOM   759  N  N     . MET A 1 99  ? -1.360  -4.273  -3.111  1.00 6.69  ? 99   MET A N     1 
ATOM   760  C  CA    . MET A 1 99  ? -0.877  -3.897  -4.436  1.00 7.60  ? 99   MET A CA    1 
ATOM   761  C  C     . MET A 1 99  ? -0.747  -5.112  -5.339  1.00 8.50  ? 99   MET A C     1 
ATOM   762  O  O     . MET A 1 99  ? -1.187  -5.111  -6.477  1.00 9.10  ? 99   MET A O     1 
ATOM   763  C  CB    . MET A 1 99  ? 0.484   -3.167  -4.357  1.00 7.66  ? 99   MET A CB    1 
ATOM   764  C  CG    . MET A 1 99  ? 0.355   -1.760  -3.740  1.00 10.78 ? 99   MET A CG    1 
ATOM   765  S  SD    . MET A 1 99  ? 1.916   -0.826  -3.813  1.00 11.71 ? 99   MET A SD    1 
ATOM   766  C  CE    . MET A 1 99  ? 2.933   -1.632  -2.621  1.00 10.84 ? 99   MET A CE    1 
ATOM   767  N  N     . LEU A 1 100 ? -0.108  -6.162  -4.811  1.00 10.02 ? 100  LEU A N     1 
ATOM   768  C  CA    . LEU A 1 100 ? 0.101   -7.402  -5.514  1.00 11.39 ? 100  LEU A CA    1 
ATOM   769  C  C     . LEU A 1 100 ? -0.083  -8.611  -4.563  1.00 11.16 ? 100  LEU A C     1 
ATOM   770  O  O     . LEU A 1 100 ? 0.272   -8.486  -3.405  1.00 10.94 ? 100  LEU A O     1 
ATOM   771  C  CB    . LEU A 1 100 ? 1.495   -7.575  -6.093  1.00 13.39 ? 100  LEU A CB    1 
ATOM   772  C  CG    . LEU A 1 100 ? 2.143   -6.687  -7.136  1.00 20.05 ? 100  LEU A CG    1 
ATOM   773  C  CD1   . LEU A 1 100 ? 1.184   -6.446  -8.311  1.00 17.15 ? 100  LEU A CD1   1 
ATOM   774  C  CD2   . LEU A 1 100 ? 2.621   -5.377  -6.535  1.00 24.32 ? 100  LEU A CD2   1 
ATOM   775  N  N     . PHE A 1 101 ? -0.526  -9.736  -5.091  1.00 10.55 ? 101  PHE A N     1 
ATOM   776  C  CA    . PHE A 1 101 ? -0.699  -10.946 -4.275  1.00 9.93  ? 101  PHE A CA    1 
ATOM   777  C  C     . PHE A 1 101 ? -0.046  -12.073 -5.069  1.00 10.79 ? 101  PHE A C     1 
ATOM   778  O  O     . PHE A 1 101 ? -0.651  -12.566 -6.027  1.00 11.14 ? 101  PHE A O     1 
ATOM   779  C  CB    . PHE A 1 101 ? -2.176  -11.181 -3.949  1.00 6.33  ? 101  PHE A CB    1 
ATOM   780  C  CG    . PHE A 1 101 ? -2.368  -12.235 -2.891  1.00 10.76 ? 101  PHE A CG    1 
ATOM   781  C  CD1   . PHE A 1 101 ? -2.371  -13.580 -3.225  1.00 15.10 ? 101  PHE A CD1   1 
ATOM   782  C  CD2   . PHE A 1 101 ? -2.540  -11.880 -1.567  1.00 14.61 ? 101  PHE A CD2   1 
ATOM   783  C  CE1   . PHE A 1 101 ? -2.530  -14.547 -2.236  1.00 16.69 ? 101  PHE A CE1   1 
ATOM   784  C  CE2   . PHE A 1 101 ? -2.683  -12.824 -0.578  1.00 12.17 ? 101  PHE A CE2   1 
ATOM   785  C  CZ    . PHE A 1 101 ? -2.685  -14.170 -0.927  1.00 12.59 ? 101  PHE A CZ    1 
ATOM   786  N  N     . GLY A 1 102 ? 1.208   -12.395 -4.734  1.00 12.56 ? 102  GLY A N     1 
ATOM   787  C  CA    . GLY A 1 102 ? 1.923   -13.419 -5.542  1.00 15.26 ? 102  GLY A CA    1 
ATOM   788  C  C     . GLY A 1 102 ? 1.890   -12.897 -6.983  1.00 16.84 ? 102  GLY A C     1 
ATOM   789  O  O     . GLY A 1 102 ? 2.036   -11.690 -7.216  1.00 16.47 ? 102  GLY A O     1 
ATOM   790  N  N     . ASN A 1 103 ? 1.622   -13.752 -7.951  1.00 17.68 ? 103  ASN A N     1 
ATOM   791  C  CA    . ASN A 1 103 ? 1.451   -13.339 -9.333  1.00 18.97 ? 103  ASN A CA    1 
ATOM   792  C  C     . ASN A 1 103 ? 0.001   -13.427 -9.795  1.00 19.10 ? 103  ASN A C     1 
ATOM   793  O  O     . ASN A 1 103 ? -0.249  -13.527 -11.006 1.00 20.57 ? 103  ASN A O     1 
ATOM   794  C  CB    . ASN A 1 103 ? 2.283   -14.171 -10.325 1.00 32.20 ? 103  ASN A CB    1 
ATOM   795  C  CG    . ASN A 1 103 ? 3.583   -13.446 -10.618 1.00 40.18 ? 103  ASN A CG    1 
ATOM   796  O  OD1   . ASN A 1 103 ? 3.536   -12.318 -11.132 1.00 44.60 ? 103  ASN A OD1   1 
ATOM   797  N  ND2   . ASN A 1 103 ? 4.696   -14.076 -10.303 1.00 44.79 ? 103  ASN A ND2   1 
ATOM   798  N  N     . GLU A 1 104 ? -0.932  -13.397 -8.885  1.00 18.16 ? 104  GLU A N     1 
ATOM   799  C  CA    . GLU A 1 104 ? -2.338  -13.472 -9.153  1.00 17.12 ? 104  GLU A CA    1 
ATOM   800  C  C     . GLU A 1 104 ? -2.901  -12.205 -9.795  1.00 18.21 ? 104  GLU A C     1 
ATOM   801  O  O     . GLU A 1 104 ? -2.479  -11.090 -9.461  1.00 16.83 ? 104  GLU A O     1 
ATOM   802  C  CB    . GLU A 1 104 ? -3.091  -13.634 -7.837  1.00 22.26 ? 104  GLU A CB    1 
ATOM   803  C  CG    . GLU A 1 104 ? -2.588  -14.730 -6.925  1.00 34.83 ? 104  GLU A CG    1 
ATOM   804  C  CD    . GLU A 1 104 ? -3.290  -16.052 -7.097  1.00 40.01 ? 104  GLU A CD    1 
ATOM   805  O  OE1   . GLU A 1 104 ? -3.166  -16.663 -8.170  1.00 42.98 ? 104  GLU A OE1   1 
ATOM   806  O  OE2   . GLU A 1 104 ? -3.991  -16.438 -6.129  1.00 44.49 ? 104  GLU A OE2   1 
ATOM   807  N  N     . VAL A 1 105 ? -3.858  -12.418 -10.679 1.00 16.24 ? 105  VAL A N     1 
ATOM   808  C  CA    . VAL A 1 105 ? -4.623  -11.363 -11.321 1.00 17.64 ? 105  VAL A CA    1 
ATOM   809  C  C     . VAL A 1 105 ? -6.040  -11.578 -10.758 1.00 19.44 ? 105  VAL A C     1 
ATOM   810  O  O     . VAL A 1 105 ? -6.609  -12.656 -10.994 1.00 18.45 ? 105  VAL A O     1 
ATOM   811  C  CB    . VAL A 1 105 ? -4.615  -11.358 -12.829 1.00 20.94 ? 105  VAL A CB    1 
ATOM   812  C  CG1   . VAL A 1 105 ? -5.613  -10.379 -13.436 1.00 22.30 ? 105  VAL A CG1   1 
ATOM   813  C  CG2   . VAL A 1 105 ? -3.209  -10.979 -13.345 1.00 19.22 ? 105  VAL A CG2   1 
ATOM   814  N  N     . ILE A 1 106 ? -6.512  -10.629 -9.959  1.00 17.35 ? 106  ILE A N     1 
ATOM   815  C  CA    . ILE A 1 106 ? -7.820  -10.785 -9.321  1.00 18.23 ? 106  ILE A CA    1 
ATOM   816  C  C     . ILE A 1 106 ? -8.745  -9.650  -9.690  1.00 17.53 ? 106  ILE A C     1 
ATOM   817  O  O     . ILE A 1 106 ? -8.375  -8.478  -9.659  1.00 14.66 ? 106  ILE A O     1 
ATOM   818  C  CB    . ILE A 1 106 ? -7.650  -10.901 -7.774  1.00 22.79 ? 106  ILE A CB    1 
ATOM   819  C  CG1   . ILE A 1 106 ? -6.663  -12.008 -7.393  1.00 22.44 ? 106  ILE A CG1   1 
ATOM   820  C  CG2   . ILE A 1 106 ? -9.003  -11.146 -7.143  1.00 15.25 ? 106  ILE A CG2   1 
ATOM   821  C  CD1   . ILE A 1 106 ? -6.270  -12.073 -5.932  1.00 25.80 ? 106  ILE A CD1   1 
ATOM   822  N  N     . ASN A 1 107 ? -9.972  -9.945  -10.144 1.00 18.09 ? 107  ASN A N     1 
ATOM   823  C  CA    . ASN A 1 107 ? -10.933 -8.931  -10.535 1.00 18.63 ? 107  ASN A CA    1 
ATOM   824  C  C     . ASN A 1 107 ? -12.342 -9.235  -10.005 1.00 19.40 ? 107  ASN A C     1 
ATOM   825  O  O     . ASN A 1 107 ? -13.234 -9.672  -10.749 1.00 17.80 ? 107  ASN A O     1 
ATOM   826  C  CB    . ASN A 1 107 ? -11.041 -8.754  -12.061 1.00 20.33 ? 107  ASN A CB    1 
ATOM   827  C  CG    . ASN A 1 107 ? -9.782  -8.350  -12.773 1.00 25.22 ? 107  ASN A CG    1 
ATOM   828  O  OD1   . ASN A 1 107 ? -9.147  -9.154  -13.471 1.00 27.45 ? 107  ASN A OD1   1 
ATOM   829  N  ND2   . ASN A 1 107 ? -9.331  -7.102  -12.639 1.00 24.65 ? 107  ASN A ND2   1 
ATOM   830  N  N     . THR A 1 108 ? -12.571 -8.941  -8.735  1.00 19.04 ? 108  THR A N     1 
ATOM   831  C  CA    . THR A 1 108 ? -13.873 -9.156  -8.113  1.00 19.78 ? 108  THR A CA    1 
ATOM   832  C  C     . THR A 1 108 ? -14.404 -7.834  -7.574  1.00 20.10 ? 108  THR A C     1 
ATOM   833  O  O     . THR A 1 108 ? -13.672 -6.856  -7.557  1.00 20.06 ? 108  THR A O     1 
ATOM   834  C  CB    . THR A 1 108 ? -13.809 -10.171 -6.976  1.00 18.90 ? 108  THR A CB    1 
ATOM   835  O  OG1   . THR A 1 108 ? -12.920 -9.650  -5.952  1.00 21.59 ? 108  THR A OG1   1 
ATOM   836  C  CG2   . THR A 1 108 ? -13.267 -11.525 -7.404  1.00 19.35 ? 108  THR A CG2   1 
ATOM   837  N  N     . GLU A 1 109 ? -15.635 -7.822  -7.068  1.00 21.09 ? 109  GLU A N     1 
ATOM   838  C  CA    . GLU A 1 109 ? -16.215 -6.582  -6.528  1.00 21.08 ? 109  GLU A CA    1 
ATOM   839  C  C     . GLU A 1 109 ? -15.473 -6.134  -5.292  1.00 20.41 ? 109  GLU A C     1 
ATOM   840  O  O     . GLU A 1 109 ? -15.332 -4.929  -5.031  1.00 23.78 ? 109  GLU A O     1 
ATOM   841  C  CB    . GLU A 1 109 ? -17.700 -6.856  -6.298  1.00 33.60 ? 109  GLU A CB    1 
ATOM   842  C  CG    . GLU A 1 109 ? -18.639 -5.689  -6.192  1.00 37.19 ? 109  GLU A CG    1 
ATOM   843  C  CD    . GLU A 1 109 ? -20.074 -6.099  -5.887  1.00 40.29 ? 109  GLU A CD    1 
ATOM   844  O  OE1   . GLU A 1 109 ? -20.569 -7.106  -6.427  1.00 44.04 ? 109  GLU A OE1   1 
ATOM   845  O  OE2   . GLU A 1 109 ? -20.700 -5.383  -5.069  1.00 41.59 ? 109  GLU A OE2   1 
ATOM   846  N  N     . ARG A 1 110 ? -14.908 -7.073  -4.502  1.00 17.88 ? 110  ARG A N     1 
ATOM   847  C  CA    . ARG A 1 110 ? -14.167 -6.684  -3.322  1.00 17.81 ? 110  ARG A CA    1 
ATOM   848  C  C     . ARG A 1 110 ? -12.680 -6.438  -3.604  1.00 17.68 ? 110  ARG A C     1 
ATOM   849  O  O     . ARG A 1 110 ? -12.035 -5.677  -2.889  1.00 18.36 ? 110  ARG A O     1 
ATOM   850  C  CB    . ARG A 1 110 ? -14.181 -7.740  -2.214  1.00 17.14 ? 110  ARG A CB    1 
ATOM   851  C  CG    . ARG A 1 110 ? -15.532 -8.119  -1.625  1.00 22.76 ? 110  ARG A CG    1 
ATOM   852  C  CD    . ARG A 1 110 ? -15.251 -8.973  -0.361  1.00 22.48 ? 110  ARG A CD    1 
ATOM   853  N  NE    . ARG A 1 110 ? -14.637 -8.136  0.693   1.00 24.24 ? 110  ARG A NE    1 
ATOM   854  C  CZ    . ARG A 1 110 ? -14.031 -8.664  1.753   1.00 22.39 ? 110  ARG A CZ    1 
ATOM   855  N  NH1   . ARG A 1 110 ? -13.944 -9.985  1.830   1.00 23.21 ? 110  ARG A NH1   1 
ATOM   856  N  NH2   . ARG A 1 110 ? -13.461 -7.939  2.705   1.00 25.59 ? 110  ARG A NH2   1 
ATOM   857  N  N     . LEU A 1 111 ? -12.150 -7.150  -4.591  1.00 18.01 ? 111  LEU A N     1 
ATOM   858  C  CA    . LEU A 1 111 ? -10.698 -7.055  -4.791  1.00 18.84 ? 111  LEU A CA    1 
ATOM   859  C  C     . LEU A 1 111 ? -10.219 -7.048  -6.215  1.00 18.29 ? 111  LEU A C     1 
ATOM   860  O  O     . LEU A 1 111 ? -10.543 -7.909  -7.041  1.00 17.36 ? 111  LEU A O     1 
ATOM   861  C  CB    . LEU A 1 111 ? -10.193 -8.271  -3.985  1.00 21.34 ? 111  LEU A CB    1 
ATOM   862  C  CG    . LEU A 1 111 ? -8.751  -8.427  -3.614  1.00 21.15 ? 111  LEU A CG    1 
ATOM   863  C  CD1   . LEU A 1 111 ? -8.220  -7.197  -2.870  1.00 20.23 ? 111  LEU A CD1   1 
ATOM   864  C  CD2   . LEU A 1 111 ? -8.526  -9.661  -2.731  1.00 21.27 ? 111  LEU A CD2   1 
ATOM   865  N  N     . THR A 1 112 ? -9.471  -5.987  -6.528  1.00 15.90 ? 112  THR A N     1 
ATOM   866  C  CA    . THR A 1 112 ? -8.857  -5.803  -7.851  1.00 13.95 ? 112  THR A CA    1 
ATOM   867  C  C     . THR A 1 112 ? -7.352  -5.751  -7.609  1.00 13.09 ? 112  THR A C     1 
ATOM   868  O  O     . THR A 1 112 ? -6.842  -4.899  -6.889  1.00 10.78 ? 112  THR A O     1 
ATOM   869  C  CB    . THR A 1 112 ? -9.389  -4.571  -8.590  1.00 17.73 ? 112  THR A CB    1 
ATOM   870  O  OG1   . THR A 1 112 ? -10.767 -4.787  -8.952  1.00 15.81 ? 112  THR A OG1   1 
ATOM   871  C  CG2   . THR A 1 112 ? -8.625  -4.284  -9.872  1.00 10.77 ? 112  THR A CG2   1 
ATOM   872  N  N     . VAL A 1 113 ? -6.627  -6.757  -8.101  1.00 11.22 ? 113  VAL A N     1 
ATOM   873  C  CA    . VAL A 1 113 ? -5.198  -6.937  -7.976  1.00 13.24 ? 113  VAL A CA    1 
ATOM   874  C  C     . VAL A 1 113 ? -4.583  -7.346  -9.307  1.00 14.82 ? 113  VAL A C     1 
ATOM   875  O  O     . VAL A 1 113 ? -5.144  -8.266  -9.939  1.00 13.36 ? 113  VAL A O     1 
ATOM   876  C  CB    . VAL A 1 113 ? -4.862  -8.050  -6.966  1.00 14.79 ? 113  VAL A CB    1 
ATOM   877  C  CG1   . VAL A 1 113 ? -3.353  -8.298  -6.881  1.00 17.31 ? 113  VAL A CG1   1 
ATOM   878  C  CG2   . VAL A 1 113 ? -5.368  -7.756  -5.556  1.00 12.45 ? 113  VAL A CG2   1 
ATOM   879  N  N     . PRO A 1 114 ? -3.503  -6.737  -9.764  1.00 14.51 ? 114  PRO A N     1 
ATOM   880  C  CA    . PRO A 1 114 ? -2.841  -5.647  -9.129  1.00 13.00 ? 114  PRO A CA    1 
ATOM   881  C  C     . PRO A 1 114 ? -3.747  -4.451  -8.883  1.00 12.10 ? 114  PRO A C     1 
ATOM   882  O  O     . PRO A 1 114 ? -4.732  -4.276  -9.604  1.00 10.42 ? 114  PRO A O     1 
ATOM   883  C  CB    . PRO A 1 114 ? -1.723  -5.228  -10.083 1.00 13.95 ? 114  PRO A CB    1 
ATOM   884  C  CG    . PRO A 1 114 ? -1.489  -6.430  -10.951 1.00 14.35 ? 114  PRO A CG    1 
ATOM   885  C  CD    . PRO A 1 114 ? -2.860  -7.083  -11.069 1.00 15.50 ? 114  PRO A CD    1 
ATOM   886  N  N     . HIS A 1 115 ? -3.410  -3.648  -7.886  1.00 10.72 ? 115  HIS A N     1 
ATOM   887  C  CA    . HIS A 1 115 ? -4.176  -2.451  -7.566  1.00 11.30 ? 115  HIS A CA    1 
ATOM   888  C  C     . HIS A 1 115 ? -4.418  -1.706  -8.870  1.00 12.84 ? 115  HIS A C     1 
ATOM   889  O  O     . HIS A 1 115 ? -3.441  -1.455  -9.593  1.00 12.39 ? 115  HIS A O     1 
ATOM   890  C  CB    . HIS A 1 115 ? -3.437  -1.596  -6.548  1.00 12.72 ? 115  HIS A CB    1 
ATOM   891  C  CG    . HIS A 1 115 ? -4.138  -0.319  -6.201  1.00 18.74 ? 115  HIS A CG    1 
ATOM   892  N  ND1   . HIS A 1 115 ? -4.794  -0.103  -5.013  1.00 19.44 ? 115  HIS A ND1   1 
ATOM   893  C  CD2   . HIS A 1 115 ? -4.302  0.806   -6.955  1.00 11.38 ? 115  HIS A CD2   1 
ATOM   894  C  CE1   . HIS A 1 115 ? -5.292  1.132   -5.019  1.00 15.98 ? 115  HIS A CE1   1 
ATOM   895  N  NE2   . HIS A 1 115 ? -5.030  1.675   -6.188  1.00 19.39 ? 115  HIS A NE2   1 
ATOM   896  N  N     . TYR A 1 116 ? -5.668  -1.330  -9.123  1.00 12.39 ? 116  TYR A N     1 
ATOM   897  C  CA    . TYR A 1 116 ? -6.061  -0.731  -10.385 1.00 15.38 ? 116  TYR A CA    1 
ATOM   898  C  C     . TYR A 1 116 ? -5.332  0.531   -10.789 1.00 15.39 ? 116  TYR A C     1 
ATOM   899  O  O     . TYR A 1 116 ? -5.326  0.769   -12.020 1.00 18.10 ? 116  TYR A O     1 
ATOM   900  C  CB    . TYR A 1 116 ? -7.582  -0.393  -10.354 1.00 15.34 ? 116  TYR A CB    1 
ATOM   901  C  CG    . TYR A 1 116 ? -7.912  0.893   -9.629  1.00 17.03 ? 116  TYR A CG    1 
ATOM   902  C  CD1   . TYR A 1 116 ? -7.859  1.007   -8.256  1.00 16.30 ? 116  TYR A CD1   1 
ATOM   903  C  CD2   . TYR A 1 116 ? -8.333  2.007   -10.380 1.00 19.65 ? 116  TYR A CD2   1 
ATOM   904  C  CE1   . TYR A 1 116 ? -8.185  2.194   -7.618  1.00 17.69 ? 116  TYR A CE1   1 
ATOM   905  C  CE2   . TYR A 1 116 ? -8.660  3.198   -9.746  1.00 19.14 ? 116  TYR A CE2   1 
ATOM   906  C  CZ    . TYR A 1 116 ? -8.586  3.284   -8.383  1.00 18.71 ? 116  TYR A CZ    1 
ATOM   907  O  OH    . TYR A 1 116 ? -8.907  4.460   -7.753  1.00 19.34 ? 116  TYR A OH    1 
ATOM   908  N  N     . ASP A 1 117 ? -4.749  1.322   -9.923  1.00 14.42 ? 117  ASP A N     1 
ATOM   909  C  CA    . ASP A 1 117 ? -4.110  2.556   -10.367 1.00 14.24 ? 117  ASP A CA    1 
ATOM   910  C  C     . ASP A 1 117 ? -2.665  2.685   -9.977  1.00 13.45 ? 117  ASP A C     1 
ATOM   911  O  O     . ASP A 1 117 ? -2.063  3.743   -10.156 1.00 11.93 ? 117  ASP A O     1 
ATOM   912  C  CB    . ASP A 1 117 ? -4.922  3.719   -9.726  1.00 13.25 ? 117  ASP A CB    1 
ATOM   913  C  CG    . ASP A 1 117 ? -4.683  5.052   -10.403 1.00 17.78 ? 117  ASP A CG    1 
ATOM   914  O  OD1   . ASP A 1 117 ? -4.633  5.077   -11.657 1.00 17.49 ? 117  ASP A OD1   1 
ATOM   915  O  OD2   . ASP A 1 117 ? -4.575  6.083   -9.709  1.00 20.83 ? 117  ASP A OD2   1 
ATOM   916  N  N     . MET A 1 118 ? -2.077  1.627   -9.402  1.00 12.43 ? 118  MET A N     1 
ATOM   917  C  CA    . MET A 1 118 ? -0.717  1.730   -8.863  1.00 12.18 ? 118  MET A CA    1 
ATOM   918  C  C     . MET A 1 118 ? 0.321   2.112   -9.910  1.00 12.79 ? 118  MET A C     1 
ATOM   919  O  O     . MET A 1 118 ? 1.265   2.823   -9.505  1.00 11.42 ? 118  MET A O     1 
ATOM   920  C  CB    . MET A 1 118 ? -0.307  0.432   -8.169  1.00 14.13 ? 118  MET A CB    1 
ATOM   921  C  CG    . MET A 1 118 ? -0.222  -0.807  -9.056  1.00 16.87 ? 118  MET A CG    1 
ATOM   922  S  SD    . MET A 1 118 ? 0.331   -2.213  -8.050  1.00 11.57 ? 118  MET A SD    1 
ATOM   923  C  CE    . MET A 1 118 ? 1.986   -1.730  -7.635  1.00 8.71  ? 118  MET A CE    1 
ATOM   924  N  N     . LYS A 1 119 ? 0.178   1.769   -11.182 1.00 11.63 ? 119  LYS A N     1 
ATOM   925  C  CA    . LYS A 1 119 ? 1.200   2.171   -12.148 1.00 14.22 ? 119  LYS A CA    1 
ATOM   926  C  C     . LYS A 1 119 ? 1.191   3.672   -12.412 1.00 14.80 ? 119  LYS A C     1 
ATOM   927  O  O     . LYS A 1 119 ? 2.140   4.182   -13.013 1.00 15.72 ? 119  LYS A O     1 
ATOM   928  C  CB    . LYS A 1 119 ? 1.049   1.420   -13.482 1.00 14.47 ? 119  LYS A CB    1 
ATOM   929  C  CG    . LYS A 1 119 ? 1.235   -0.094  -13.301 1.00 16.64 ? 119  LYS A CG    1 
ATOM   930  C  CD    . LYS A 1 119 ? 1.109   -0.766  -14.690 1.00 19.52 ? 119  LYS A CD    1 
ATOM   931  C  CE    . LYS A 1 119 ? 1.300   -2.267  -14.544 1.00 24.76 ? 119  LYS A CE    1 
ATOM   932  N  NZ    . LYS A 1 119 ? 1.218   -2.956  -15.874 1.00 26.98 ? 119  LYS A NZ    1 
ATOM   933  N  N     . ASN A 1 120 ? 0.203   4.402   -11.934 1.00 14.57 ? 120  ASN A N     1 
ATOM   934  C  CA    . ASN A 1 120 ? 0.125   5.836   -12.090 1.00 13.41 ? 120  ASN A CA    1 
ATOM   935  C  C     . ASN A 1 120 ? 0.492   6.588   -10.824 1.00 13.71 ? 120  ASN A C     1 
ATOM   936  O  O     . ASN A 1 120 ? 0.410   7.822   -10.813 1.00 16.20 ? 120  ASN A O     1 
ATOM   937  C  CB    . ASN A 1 120 ? -1.311  6.212   -12.511 1.00 18.52 ? 120  ASN A CB    1 
ATOM   938  C  CG    . ASN A 1 120 ? -1.712  5.571   -13.827 1.00 23.79 ? 120  ASN A CG    1 
ATOM   939  O  OD1   . ASN A 1 120 ? -0.908  5.542   -14.751 1.00 22.73 ? 120  ASN A OD1   1 
ATOM   940  N  ND2   . ASN A 1 120 ? -2.917  5.021   -13.941 1.00 23.81 ? 120  ASN A ND2   1 
ATOM   941  N  N     . ARG A 1 121 ? 0.863   5.896   -9.742  1.00 12.39 ? 121  ARG A N     1 
ATOM   942  C  CA    . ARG A 1 121 ? 1.121   6.551   -8.470  1.00 11.27 ? 121  ARG A CA    1 
ATOM   943  C  C     . ARG A 1 121 ? 2.538   6.397   -7.973  1.00 10.95 ? 121  ARG A C     1 
ATOM   944  O  O     . ARG A 1 121 ? 2.950   5.341   -7.466  1.00 9.41  ? 121  ARG A O     1 
ATOM   945  C  CB    . ARG A 1 121 ? 0.162   5.971   -7.399  1.00 12.18 ? 121  ARG A CB    1 
ATOM   946  C  CG    . ARG A 1 121 ? -1.311  6.102   -7.793  1.00 12.09 ? 121  ARG A CG    1 
ATOM   947  C  CD    . ARG A 1 121 ? -2.238  5.583   -6.710  1.00 10.97 ? 121  ARG A CD    1 
ATOM   948  N  NE    . ARG A 1 121 ? -3.646  5.699   -7.127  1.00 14.28 ? 121  ARG A NE    1 
ATOM   949  C  CZ    . ARG A 1 121 ? -4.654  5.394   -6.304  1.00 14.38 ? 121  ARG A CZ    1 
ATOM   950  N  NH1   . ARG A 1 121 ? -4.405  4.975   -5.067  1.00 11.49 ? 121  ARG A NH1   1 
ATOM   951  N  NH2   . ARG A 1 121 ? -5.908  5.497   -6.742  1.00 11.56 ? 121  ARG A NH2   1 
ATOM   952  N  N     . GLY A 1 122 ? 3.306   7.492   -8.047  1.00 9.92  ? 122  GLY A N     1 
ATOM   953  C  CA    . GLY A 1 122 ? 4.696   7.420   -7.573  1.00 11.15 ? 122  GLY A CA    1 
ATOM   954  C  C     . GLY A 1 122 ? 4.779   7.063   -6.106  1.00 10.37 ? 122  GLY A C     1 
ATOM   955  O  O     . GLY A 1 122 ? 5.771   6.469   -5.667  1.00 10.27 ? 122  GLY A O     1 
ATOM   956  N  N     . PHE A 1 123 ? 3.764   7.461   -5.309  1.00 10.47 ? 123  PHE A N     1 
ATOM   957  C  CA    . PHE A 1 123 ? 3.812   7.176   -3.862  1.00 11.47 ? 123  PHE A CA    1 
ATOM   958  C  C     . PHE A 1 123 ? 3.604   5.696   -3.574  1.00 10.51 ? 123  PHE A C     1 
ATOM   959  O  O     . PHE A 1 123 ? 3.845   5.267   -2.428  1.00 10.99 ? 123  PHE A O     1 
ATOM   960  C  CB    . PHE A 1 123 ? 2.800   8.033   -3.085  1.00 11.12 ? 123  PHE A CB    1 
ATOM   961  C  CG    . PHE A 1 123 ? 1.347   7.826   -3.458  1.00 10.54 ? 123  PHE A CG    1 
ATOM   962  C  CD1   . PHE A 1 123 ? 0.631   6.781   -2.922  1.00 11.71 ? 123  PHE A CD1   1 
ATOM   963  C  CD2   . PHE A 1 123 ? 0.697   8.720   -4.290  1.00 12.44 ? 123  PHE A CD2   1 
ATOM   964  C  CE1   . PHE A 1 123 ? -0.708  6.586   -3.247  1.00 16.05 ? 123  PHE A CE1   1 
ATOM   965  C  CE2   . PHE A 1 123 ? -0.639  8.549   -4.612  1.00 12.83 ? 123  PHE A CE2   1 
ATOM   966  C  CZ    . PHE A 1 123 ? -1.331  7.482   -4.092  1.00 13.47 ? 123  PHE A CZ    1 
ATOM   967  N  N     . MET A 1 124 ? 3.168   4.896   -4.535  1.00 10.38 ? 124  MET A N     1 
ATOM   968  C  CA    . MET A 1 124 ? 3.102   3.452   -4.369  1.00 12.37 ? 124  MET A CA    1 
ATOM   969  C  C     . MET A 1 124 ? 4.338   2.784   -4.991  1.00 11.96 ? 124  MET A C     1 
ATOM   970  O  O     . MET A 1 124 ? 4.977   1.916   -4.418  1.00 13.45 ? 124  MET A O     1 
ATOM   971  C  CB    . MET A 1 124 ? 1.858   2.833   -5.021  1.00 13.00 ? 124  MET A CB    1 
ATOM   972  C  CG    . MET A 1 124 ? 0.607   3.060   -4.182  1.00 16.12 ? 124  MET A CG    1 
ATOM   973  S  SD    . MET A 1 124 ? -0.866  2.405   -5.006  1.00 14.31 ? 124  MET A SD    1 
ATOM   974  C  CE    . MET A 1 124 ? -1.814  1.904   -3.582  1.00 15.73 ? 124  MET A CE    1 
ATOM   975  N  N     . LEU A 1 125 ? 4.686   3.239   -6.196  1.00 12.25 ? 125  LEU A N     1 
ATOM   976  C  CA    . LEU A 1 125 ? 5.811   2.631   -6.924  1.00 12.68 ? 125  LEU A CA    1 
ATOM   977  C  C     . LEU A 1 125 ? 7.176   2.899   -6.334  1.00 12.69 ? 125  LEU A C     1 
ATOM   978  O  O     . LEU A 1 125 ? 7.993   1.948   -6.333  1.00 13.61 ? 125  LEU A O     1 
ATOM   979  C  CB    . LEU A 1 125 ? 5.783   3.116   -8.392  1.00 13.26 ? 125  LEU A CB    1 
ATOM   980  C  CG    . LEU A 1 125 ? 4.551   2.760   -9.217  1.00 15.89 ? 125  LEU A CG    1 
ATOM   981  C  CD1   . LEU A 1 125 ? 4.742   3.232   -10.650 1.00 17.74 ? 125  LEU A CD1   1 
ATOM   982  C  CD2   . LEU A 1 125 ? 4.261   1.269   -9.212  1.00 16.21 ? 125  LEU A CD2   1 
ATOM   983  N  N     . TRP A 1 126 ? 7.509   4.095   -5.831  1.00 11.50 ? 126  TRP A N     1 
ATOM   984  C  CA    . TRP A 1 126 ? 8.867   4.274   -5.285  1.00 12.34 ? 126  TRP A CA    1 
ATOM   985  C  C     . TRP A 1 126 ? 9.161   3.424   -4.048  1.00 12.39 ? 126  TRP A C     1 
ATOM   986  O  O     . TRP A 1 126 ? 10.238  2.818   -3.992  1.00 9.66  ? 126  TRP A O     1 
ATOM   987  C  CB    . TRP A 1 126 ? 9.191   5.720   -4.914  1.00 14.27 ? 126  TRP A CB    1 
ATOM   988  C  CG    . TRP A 1 126 ? 9.434   6.579   -6.114  1.00 16.10 ? 126  TRP A CG    1 
ATOM   989  C  CD1   . TRP A 1 126 ? 8.661   7.582   -6.618  1.00 20.22 ? 126  TRP A CD1   1 
ATOM   990  C  CD2   . TRP A 1 126 ? 10.556  6.441   -6.998  1.00 19.59 ? 126  TRP A CD2   1 
ATOM   991  N  NE1   . TRP A 1 126 ? 9.249   8.109   -7.739  1.00 18.45 ? 126  TRP A NE1   1 
ATOM   992  C  CE2   . TRP A 1 126 ? 10.411  7.429   -7.994  1.00 22.93 ? 126  TRP A CE2   1 
ATOM   993  C  CE3   . TRP A 1 126 ? 11.667  5.599   -7.026  1.00 22.95 ? 126  TRP A CE3   1 
ATOM   994  C  CZ2   . TRP A 1 126 ? 11.347  7.588   -9.008  1.00 28.55 ? 126  TRP A CZ2   1 
ATOM   995  C  CZ3   . TRP A 1 126 ? 12.603  5.769   -8.038  1.00 29.04 ? 126  TRP A CZ3   1 
ATOM   996  C  CH2   . TRP A 1 126 ? 12.429  6.758   -9.017  1.00 24.79 ? 126  TRP A CH2   1 
ATOM   997  N  N     . PRO A 1 127 ? 8.291   3.410   -3.064  1.00 11.82 ? 127  PRO A N     1 
ATOM   998  C  CA    . PRO A 1 127 ? 8.473   2.591   -1.873  1.00 11.94 ? 127  PRO A CA    1 
ATOM   999  C  C     . PRO A 1 127 ? 8.570   1.118   -2.230  1.00 11.47 ? 127  PRO A C     1 
ATOM   1000 O  O     . PRO A 1 127 ? 9.333   0.339   -1.649  1.00 12.49 ? 127  PRO A O     1 
ATOM   1001 C  CB    . PRO A 1 127 ? 7.275   2.914   -1.010  1.00 12.50 ? 127  PRO A CB    1 
ATOM   1002 C  CG    . PRO A 1 127 ? 6.797   4.259   -1.511  1.00 13.83 ? 127  PRO A CG    1 
ATOM   1003 C  CD    . PRO A 1 127 ? 7.020   4.178   -3.017  1.00 11.74 ? 127  PRO A CD    1 
ATOM   1004 N  N     . LEU A 1 128 ? 7.772   0.665   -3.188  1.00 10.81 ? 128  LEU A N     1 
ATOM   1005 C  CA    . LEU A 1 128 ? 7.774   -0.720  -3.650  1.00 11.62 ? 128  LEU A CA    1 
ATOM   1006 C  C     . LEU A 1 128 ? 9.132   -1.045  -4.286  1.00 13.39 ? 128  LEU A C     1 
ATOM   1007 O  O     . LEU A 1 128 ? 9.762   -2.071  -4.018  1.00 13.57 ? 128  LEU A O     1 
ATOM   1008 C  CB    . LEU A 1 128 ? 6.634   -0.973  -4.622  1.00 7.29  ? 128  LEU A CB    1 
ATOM   1009 C  CG    . LEU A 1 128 ? 6.523   -2.361  -5.263  1.00 14.41 ? 128  LEU A CG    1 
ATOM   1010 C  CD1   . LEU A 1 128 ? 6.357   -3.458  -4.216  1.00 11.82 ? 128  LEU A CD1   1 
ATOM   1011 C  CD2   . LEU A 1 128 ? 5.361   -2.412  -6.257  1.00 12.51 ? 128  LEU A CD2   1 
ATOM   1012 N  N     . PHE A 1 129 ? 9.630   -0.126  -5.100  1.00 12.68 ? 129  PHE A N     1 
ATOM   1013 C  CA    . PHE A 1 129 ? 10.904  -0.280  -5.790  1.00 13.42 ? 129  PHE A CA    1 
ATOM   1014 C  C     . PHE A 1 129 ? 12.066  -0.414  -4.829  1.00 14.65 ? 129  PHE A C     1 
ATOM   1015 O  O     . PHE A 1 129 ? 13.043  -1.145  -5.065  1.00 14.64 ? 129  PHE A O     1 
ATOM   1016 C  CB    . PHE A 1 129 ? 11.091  0.919   -6.751  1.00 14.76 ? 129  PHE A CB    1 
ATOM   1017 C  CG    . PHE A 1 129 ? 12.389  0.821   -7.513  1.00 18.86 ? 129  PHE A CG    1 
ATOM   1018 C  CD1   . PHE A 1 129 ? 12.519  -0.144  -8.510  1.00 19.97 ? 129  PHE A CD1   1 
ATOM   1019 C  CD2   . PHE A 1 129 ? 13.415  1.715   -7.292  1.00 20.15 ? 129  PHE A CD2   1 
ATOM   1020 C  CE1   . PHE A 1 129 ? 13.702  -0.243  -9.228  1.00 25.10 ? 129  PHE A CE1   1 
ATOM   1021 C  CE2   . PHE A 1 129 ? 14.595  1.620   -8.011  1.00 25.47 ? 129  PHE A CE2   1 
ATOM   1022 C  CZ    . PHE A 1 129 ? 14.737  0.639   -8.984  1.00 23.07 ? 129  PHE A CZ    1 
ATOM   1023 N  N     . GLU A 1 130 ? 11.993  0.291   -3.698  1.00 12.56 ? 130  GLU A N     1 
ATOM   1024 C  CA    . GLU A 1 130 ? 13.023  0.239   -2.689  1.00 13.97 ? 130  GLU A CA    1 
ATOM   1025 C  C     . GLU A 1 130 ? 13.142  -1.161  -2.101  1.00 13.28 ? 130  GLU A C     1 
ATOM   1026 O  O     . GLU A 1 130 ? 14.243  -1.586  -1.759  1.00 11.91 ? 130  GLU A O     1 
ATOM   1027 C  CB    . GLU A 1 130 ? 12.701  1.263   -1.580  1.00 15.67 ? 130  GLU A CB    1 
ATOM   1028 C  CG    . GLU A 1 130 ? 13.679  1.275   -0.427  1.00 15.60 ? 130  GLU A CG    1 
ATOM   1029 C  CD    . GLU A 1 130 ? 13.300  2.221   0.694   1.00 19.43 ? 130  GLU A CD    1 
ATOM   1030 O  OE1   . GLU A 1 130 ? 12.198  2.803   0.686   1.00 15.42 ? 130  GLU A OE1   1 
ATOM   1031 O  OE2   . GLU A 1 130 ? 14.092  2.364   1.642   1.00 20.06 ? 130  GLU A OE2   1 
ATOM   1032 N  N     . ILE A 1 131 ? 12.007  -1.848  -1.925  1.00 11.04 ? 131  ILE A N     1 
ATOM   1033 C  CA    . ILE A 1 131 ? 12.067  -3.185  -1.344  1.00 13.09 ? 131  ILE A CA    1 
ATOM   1034 C  C     . ILE A 1 131 ? 12.077  -4.309  -2.380  1.00 12.52 ? 131  ILE A C     1 
ATOM   1035 O  O     . ILE A 1 131 ? 12.382  -5.433  -1.955  1.00 14.97 ? 131  ILE A O     1 
ATOM   1036 C  CB    . ILE A 1 131 ? 10.892  -3.422  -0.358  1.00 12.84 ? 131  ILE A CB    1 
ATOM   1037 C  CG1   . ILE A 1 131 ? 9.522   -3.333  -0.994  1.00 14.10 ? 131  ILE A CG1   1 
ATOM   1038 C  CG2   . ILE A 1 131 ? 11.036  -2.380  0.777   1.00 18.51 ? 131  ILE A CG2   1 
ATOM   1039 C  CD1   . ILE A 1 131 ? 8.365   -3.701  -0.034  1.00 13.56 ? 131  ILE A CD1   1 
ATOM   1040 N  N     . ALA A 1 132 ? 11.758  -4.088  -3.622  1.00 10.95 ? 132  ALA A N     1 
ATOM   1041 C  CA    . ALA A 1 132 ? 11.689  -5.117  -4.657  1.00 13.52 ? 132  ALA A CA    1 
ATOM   1042 C  C     . ALA A 1 132 ? 11.991  -4.497  -6.012  1.00 13.44 ? 132  ALA A C     1 
ATOM   1043 O  O     . ALA A 1 132 ? 11.146  -4.352  -6.903  1.00 14.68 ? 132  ALA A O     1 
ATOM   1044 C  CB    . ALA A 1 132 ? 10.317  -5.779  -4.691  1.00 14.18 ? 132  ALA A CB    1 
ATOM   1045 N  N     . PRO A 1 133 ? 13.253  -4.110  -6.195  1.00 14.37 ? 133  PRO A N     1 
ATOM   1046 C  CA    . PRO A 1 133 ? 13.671  -3.434  -7.404  1.00 15.87 ? 133  PRO A CA    1 
ATOM   1047 C  C     . PRO A 1 133 ? 13.548  -4.255  -8.667  1.00 16.44 ? 133  PRO A C     1 
ATOM   1048 O  O     . PRO A 1 133 ? 13.327  -3.655  -9.740  1.00 17.19 ? 133  PRO A O     1 
ATOM   1049 C  CB    . PRO A 1 133 ? 15.115  -3.030  -7.123  1.00 16.17 ? 133  PRO A CB    1 
ATOM   1050 C  CG    . PRO A 1 133 ? 15.559  -3.747  -5.912  1.00 17.49 ? 133  PRO A CG    1 
ATOM   1051 C  CD    . PRO A 1 133 ? 14.332  -4.220  -5.186  1.00 14.88 ? 133  PRO A CD    1 
ATOM   1052 N  N     . GLU A 1 134 ? 13.623  -5.599  -8.572  1.00 14.98 ? 134  GLU A N     1 
ATOM   1053 C  CA    . GLU A 1 134 ? 13.517  -6.392  -9.800  1.00 15.52 ? 134  GLU A CA    1 
ATOM   1054 C  C     . GLU A 1 134 ? 12.127  -6.960  -10.002 1.00 16.11 ? 134  GLU A C     1 
ATOM   1055 O  O     . GLU A 1 134 ? 11.915  -7.830  -10.853 1.00 17.34 ? 134  GLU A O     1 
ATOM   1056 C  CB    . GLU A 1 134 ? 14.554  -7.528  -9.799  1.00 20.69 ? 134  GLU A CB    1 
ATOM   1057 C  CG    . GLU A 1 134 ? 15.978  -7.060  -9.567  1.00 25.36 ? 134  GLU A CG    1 
ATOM   1058 C  CD    . GLU A 1 134 ? 16.457  -5.968  -10.489 1.00 27.14 ? 134  GLU A CD    1 
ATOM   1059 O  OE1   . GLU A 1 134 ? 15.978  -5.815  -11.631 1.00 36.22 ? 134  GLU A OE1   1 
ATOM   1060 O  OE2   . GLU A 1 134 ? 17.352  -5.202  -10.059 1.00 37.87 ? 134  GLU A OE2   1 
ATOM   1061 N  N     . LEU A 1 135 ? 11.141  -6.449  -9.259  1.00 13.69 ? 135  LEU A N     1 
ATOM   1062 C  CA    . LEU A 1 135 ? 9.774   -6.905  -9.412  1.00 12.69 ? 135  LEU A CA    1 
ATOM   1063 C  C     . LEU A 1 135 ? 9.267   -6.772  -10.835 1.00 13.26 ? 135  LEU A C     1 
ATOM   1064 O  O     . LEU A 1 135 ? 9.500   -5.789  -11.558 1.00 12.90 ? 135  LEU A O     1 
ATOM   1065 C  CB    . LEU A 1 135 ? 8.873   -6.104  -8.446  1.00 15.92 ? 135  LEU A CB    1 
ATOM   1066 C  CG    . LEU A 1 135 ? 7.447   -6.567  -8.197  1.00 25.93 ? 135  LEU A CG    1 
ATOM   1067 C  CD1   . LEU A 1 135 ? 7.409   -8.032  -7.758  1.00 32.45 ? 135  LEU A CD1   1 
ATOM   1068 C  CD2   . LEU A 1 135 ? 6.807   -5.754  -7.055  1.00 28.77 ? 135  LEU A CD2   1 
ATOM   1069 N  N     . VAL A 1 136 ? 8.524   -7.781  -11.264 1.00 11.65 ? 136  VAL A N     1 
ATOM   1070 C  CA    . VAL A 1 136 ? 7.873   -7.842  -12.556 1.00 13.30 ? 136  VAL A CA    1 
ATOM   1071 C  C     . VAL A 1 136 ? 6.372   -8.015  -12.302 1.00 15.00 ? 136  VAL A C     1 
ATOM   1072 O  O     . VAL A 1 136 ? 6.054   -8.836  -11.437 1.00 15.32 ? 136  VAL A O     1 
ATOM   1073 C  CB    . VAL A 1 136 ? 8.380   -8.976  -13.452 1.00 15.09 ? 136  VAL A CB    1 
ATOM   1074 C  CG1   . VAL A 1 136 ? 7.676   -8.967  -14.812 1.00 17.42 ? 136  VAL A CG1   1 
ATOM   1075 C  CG2   . VAL A 1 136 ? 9.889   -8.881  -13.670 1.00 19.37 ? 136  VAL A CG2   1 
ATOM   1076 N  N     . PHE A 1 137 ? 5.505   -7.268  -12.949 1.00 14.88 ? 137  PHE A N     1 
ATOM   1077 C  CA    . PHE A 1 137 ? 4.066   -7.401  -12.781 1.00 15.50 ? 137  PHE A CA    1 
ATOM   1078 C  C     . PHE A 1 137 ? 3.546   -8.645  -13.455 1.00 16.84 ? 137  PHE A C     1 
ATOM   1079 O  O     . PHE A 1 137 ? 4.177   -9.156  -14.390 1.00 17.08 ? 137  PHE A O     1 
ATOM   1080 C  CB    . PHE A 1 137 ? 3.352   -6.177  -13.376 1.00 12.94 ? 137  PHE A CB    1 
ATOM   1081 C  CG    . PHE A 1 137 ? 3.487   -4.925  -12.545 1.00 18.85 ? 137  PHE A CG    1 
ATOM   1082 C  CD1   . PHE A 1 137 ? 4.571   -4.076  -12.684 1.00 20.17 ? 137  PHE A CD1   1 
ATOM   1083 C  CD2   . PHE A 1 137 ? 2.500   -4.600  -11.629 1.00 20.34 ? 137  PHE A CD2   1 
ATOM   1084 C  CE1   . PHE A 1 137 ? 4.694   -2.929  -11.923 1.00 19.05 ? 137  PHE A CE1   1 
ATOM   1085 C  CE2   . PHE A 1 137 ? 2.608   -3.448  -10.862 1.00 21.06 ? 137  PHE A CE2   1 
ATOM   1086 C  CZ    . PHE A 1 137 ? 3.698   -2.618  -11.004 1.00 22.91 ? 137  PHE A CZ    1 
ATOM   1087 N  N     . PRO A 1 138 ? 2.349   -9.126  -13.107 1.00 17.24 ? 138  PRO A N     1 
ATOM   1088 C  CA    . PRO A 1 138 ? 1.781   -10.296 -13.757 1.00 18.56 ? 138  PRO A CA    1 
ATOM   1089 C  C     . PRO A 1 138 ? 1.677   -10.134 -15.256 1.00 19.71 ? 138  PRO A C     1 
ATOM   1090 O  O     . PRO A 1 138 ? 1.722   -11.138 -15.979 1.00 21.73 ? 138  PRO A O     1 
ATOM   1091 C  CB    . PRO A 1 138 ? 0.415   -10.472 -13.105 1.00 17.03 ? 138  PRO A CB    1 
ATOM   1092 C  CG    . PRO A 1 138 ? 0.611   -9.849  -11.752 1.00 18.23 ? 138  PRO A CG    1 
ATOM   1093 C  CD    . PRO A 1 138 ? 1.491   -8.622  -12.019 1.00 16.89 ? 138  PRO A CD    1 
ATOM   1094 N  N     . ASP A 1 139 ? 1.540   -8.908  -15.773 1.00 18.70 ? 139  ASP A N     1 
ATOM   1095 C  CA    . ASP A 1 139 ? 1.453   -8.681  -17.206 1.00 21.07 ? 139  ASP A CA    1 
ATOM   1096 C  C     . ASP A 1 139 ? 2.823   -8.641  -17.891 1.00 21.95 ? 139  ASP A C     1 
ATOM   1097 O  O     . ASP A 1 139 ? 2.858   -8.374  -19.098 1.00 22.57 ? 139  ASP A O     1 
ATOM   1098 C  CB    . ASP A 1 139 ? 0.706   -7.375  -17.524 1.00 27.54 ? 139  ASP A CB    1 
ATOM   1099 C  CG    . ASP A 1 139 ? 1.347   -6.132  -16.951 1.00 29.33 ? 139  ASP A CG    1 
ATOM   1100 O  OD1   . ASP A 1 139 ? 2.560   -6.112  -16.680 1.00 28.36 ? 139  ASP A OD1   1 
ATOM   1101 O  OD2   . ASP A 1 139 ? 0.623   -5.137  -16.740 1.00 34.42 ? 139  ASP A OD2   1 
ATOM   1102 N  N     . GLY A 1 140 ? 3.915   -8.852  -17.176 1.00 20.33 ? 140  GLY A N     1 
ATOM   1103 C  CA    . GLY A 1 140 ? 5.234   -8.838  -17.759 1.00 20.90 ? 140  GLY A CA    1 
ATOM   1104 C  C     . GLY A 1 140 ? 5.950   -7.502  -17.702 1.00 20.38 ? 140  GLY A C     1 
ATOM   1105 O  O     . GLY A 1 140 ? 7.166   -7.493  -17.964 1.00 18.88 ? 140  GLY A O     1 
ATOM   1106 N  N     . GLU A 1 141 ? 5.258   -6.409  -17.359 1.00 18.17 ? 141  GLU A N     1 
ATOM   1107 C  CA    . GLU A 1 141 ? 5.976   -5.132  -17.270 1.00 18.63 ? 141  GLU A CA    1 
ATOM   1108 C  C     . GLU A 1 141 ? 6.898   -5.136  -16.052 1.00 17.22 ? 141  GLU A C     1 
ATOM   1109 O  O     . GLU A 1 141 ? 6.553   -5.641  -14.982 1.00 18.02 ? 141  GLU A O     1 
ATOM   1110 C  CB    . GLU A 1 141 ? 5.091   -3.909  -17.154 1.00 22.35 ? 141  GLU A CB    1 
ATOM   1111 C  CG    . GLU A 1 141 ? 4.238   -3.494  -18.321 1.00 32.42 ? 141  GLU A CG    1 
ATOM   1112 C  CD    . GLU A 1 141 ? 3.688   -2.084  -18.081 1.00 35.34 ? 141  GLU A CD    1 
ATOM   1113 O  OE1   . GLU A 1 141 ? 4.423   -1.109  -18.367 1.00 42.97 ? 141  GLU A OE1   1 
ATOM   1114 O  OE2   . GLU A 1 141 ? 2.564   -1.965  -17.583 1.00 35.78 ? 141  GLU A OE2   1 
ATOM   1115 N  N     . MET A 1 142 ? 8.080   -4.527  -16.222 1.00 15.26 ? 142  MET A N     1 
ATOM   1116 C  CA    . MET A 1 142 ? 9.032   -4.477  -15.120 1.00 12.93 ? 142  MET A CA    1 
ATOM   1117 C  C     . MET A 1 142 ? 8.825   -3.185  -14.342 1.00 12.30 ? 142  MET A C     1 
ATOM   1118 O  O     . MET A 1 142 ? 8.664   -2.147  -15.010 1.00 12.99 ? 142  MET A O     1 
ATOM   1119 C  CB    . MET A 1 142 ? 10.469  -4.552  -15.612 1.00 15.23 ? 142  MET A CB    1 
ATOM   1120 C  CG    . MET A 1 142 ? 10.773  -5.819  -16.433 1.00 20.77 ? 142  MET A CG    1 
ATOM   1121 S  SD    . MET A 1 142 ? 12.478  -5.748  -17.067 1.00 22.72 ? 142  MET A SD    1 
ATOM   1122 C  CE    . MET A 1 142 ? 12.418  -4.365  -18.140 1.00 18.13 ? 142  MET A CE    1 
ATOM   1123 N  N     . LEU A 1 143 ? 8.856   -3.226  -13.035 1.00 10.72 ? 143  LEU A N     1 
ATOM   1124 C  CA    . LEU A 1 143 ? 8.694   -2.032  -12.207 1.00 9.90  ? 143  LEU A CA    1 
ATOM   1125 C  C     . LEU A 1 143 ? 9.739   -0.968  -12.517 1.00 12.84 ? 143  LEU A C     1 
ATOM   1126 O  O     . LEU A 1 143 ? 9.459   0.233   -12.646 1.00 13.92 ? 143  LEU A O     1 
ATOM   1127 C  CB    . LEU A 1 143 ? 8.792   -2.437  -10.729 1.00 10.86 ? 143  LEU A CB    1 
ATOM   1128 C  CG    . LEU A 1 143 ? 8.752   -1.265  -9.708  1.00 14.97 ? 143  LEU A CG    1 
ATOM   1129 C  CD1   . LEU A 1 143 ? 7.457   -0.482  -9.835  1.00 10.76 ? 143  LEU A CD1   1 
ATOM   1130 C  CD2   . LEU A 1 143 ? 8.947   -1.798  -8.302  1.00 13.11 ? 143  LEU A CD2   1 
ATOM   1131 N  N     . ARG A 1 144 ? 10.998  -1.377  -12.618 1.00 12.34 ? 144  ARG A N     1 
ATOM   1132 C  CA    . ARG A 1 144 ? 12.117  -0.488  -12.925 1.00 15.91 ? 144  ARG A CA    1 
ATOM   1133 C  C     . ARG A 1 144 ? 11.902  0.268   -14.222 1.00 16.39 ? 144  ARG A C     1 
ATOM   1134 O  O     . ARG A 1 144 ? 12.170  1.483   -14.336 1.00 17.41 ? 144  ARG A O     1 
ATOM   1135 C  CB    . ARG A 1 144 ? 13.428  -1.323  -12.931 1.00 20.90 ? 144  ARG A CB    1 
ATOM   1136 C  CG    . ARG A 1 144 ? 14.598  -0.539  -13.454 1.00 29.55 ? 144  ARG A CG    1 
ATOM   1137 C  CD    . ARG A 1 144 ? 15.983  -1.088  -13.407 1.00 35.84 ? 144  ARG A CD    1 
ATOM   1138 N  NE    . ARG A 1 144 ? 16.689  -1.121  -12.211 1.00 40.74 ? 144  ARG A NE    1 
ATOM   1139 C  CZ    . ARG A 1 144 ? 17.050  -1.552  -11.066 1.00 39.84 ? 144  ARG A CZ    1 
ATOM   1140 N  NH1   . ARG A 1 144 ? 16.654  -2.744  -10.626 1.00 43.50 ? 144  ARG A NH1   1 
ATOM   1141 N  NH2   . ARG A 1 144 ? 17.887  -0.863  -10.273 1.00 45.22 ? 144  ARG A NH2   1 
ATOM   1142 N  N     . GLN A 1 145 ? 11.378  -0.388  -15.242 1.00 17.00 ? 145  GLN A N     1 
ATOM   1143 C  CA    . GLN A 1 145 ? 11.042  0.197   -16.525 1.00 19.60 ? 145  GLN A CA    1 
ATOM   1144 C  C     . GLN A 1 145 ? 9.928   1.222   -16.407 1.00 20.35 ? 145  GLN A C     1 
ATOM   1145 O  O     . GLN A 1 145 ? 10.015  2.300   -17.030 1.00 21.21 ? 145  GLN A O     1 
ATOM   1146 C  CB    . GLN A 1 145 ? 10.612  -0.902  -17.493 1.00 24.24 ? 145  GLN A CB    1 
ATOM   1147 C  CG    . GLN A 1 145 ? 9.741   -0.556  -18.642 1.00 36.54 ? 145  GLN A CG    1 
ATOM   1148 C  CD    . GLN A 1 145 ? 10.264  0.193   -19.814 1.00 42.22 ? 145  GLN A CD    1 
ATOM   1149 O  OE1   . GLN A 1 145 ? 9.642   0.198   -20.900 1.00 47.50 ? 145  GLN A OE1   1 
ATOM   1150 N  NE2   . GLN A 1 145 ? 11.422  0.832   -19.697 1.00 43.99 ? 145  GLN A NE2   1 
ATOM   1151 N  N     . ILE A 1 146 ? 8.877   0.913   -15.656 1.00 19.29 ? 146  ILE A N     1 
ATOM   1152 C  CA    . ILE A 1 146 ? 7.772   1.864   -15.480 1.00 18.50 ? 146  ILE A CA    1 
ATOM   1153 C  C     . ILE A 1 146 ? 8.276   3.173   -14.879 1.00 19.20 ? 146  ILE A C     1 
ATOM   1154 O  O     . ILE A 1 146 ? 7.947   4.264   -15.380 1.00 19.78 ? 146  ILE A O     1 
ATOM   1155 C  CB    . ILE A 1 146 ? 6.654   1.252   -14.616 1.00 16.08 ? 146  ILE A CB    1 
ATOM   1156 C  CG1   . ILE A 1 146 ? 5.965   0.111   -15.382 1.00 20.27 ? 146  ILE A CG1   1 
ATOM   1157 C  CG2   . ILE A 1 146 ? 5.644   2.308   -14.202 1.00 21.41 ? 146  ILE A CG2   1 
ATOM   1158 C  CD1   . ILE A 1 146 ? 5.018   -0.679  -14.486 1.00 23.03 ? 146  ILE A CD1   1 
ATOM   1159 N  N     . LEU A 1 147 ? 9.106   3.112   -13.847 1.00 18.97 ? 147  LEU A N     1 
ATOM   1160 C  CA    . LEU A 1 147 ? 9.668   4.303   -13.208 1.00 20.38 ? 147  LEU A CA    1 
ATOM   1161 C  C     . LEU A 1 147 ? 10.624  5.084   -14.094 1.00 23.17 ? 147  LEU A C     1 
ATOM   1162 O  O     . LEU A 1 147 ? 10.571  6.316   -14.153 1.00 22.05 ? 147  LEU A O     1 
ATOM   1163 C  CB    . LEU A 1 147 ? 10.388  3.896   -11.913 1.00 19.34 ? 147  LEU A CB    1 
ATOM   1164 C  CG    . LEU A 1 147 ? 9.456   3.534   -10.751 1.00 19.30 ? 147  LEU A CG    1 
ATOM   1165 C  CD1   . LEU A 1 147 ? 10.198  2.769   -9.678  1.00 18.47 ? 147  LEU A CD1   1 
ATOM   1166 C  CD2   . LEU A 1 147 ? 8.833   4.796   -10.169 1.00 15.33 ? 147  LEU A CD2   1 
ATOM   1167 N  N     . HIS A 1 148 ? 11.526  4.406   -14.788 1.00 23.45 ? 148  HIS A N     1 
ATOM   1168 C  CA    . HIS A 1 148 ? 12.498  5.012   -15.689 1.00 25.07 ? 148  HIS A CA    1 
ATOM   1169 C  C     . HIS A 1 148 ? 11.841  5.721   -16.853 1.00 25.44 ? 148  HIS A C     1 
ATOM   1170 O  O     . HIS A 1 148 ? 12.281  6.788   -17.295 1.00 26.74 ? 148  HIS A O     1 
ATOM   1171 C  CB    . HIS A 1 148 ? 13.425  3.882   -16.173 1.00 23.60 ? 148  HIS A CB    1 
ATOM   1172 C  CG    . HIS A 1 148 ? 14.560  3.563   -15.262 1.00 21.00 ? 148  HIS A CG    1 
ATOM   1173 N  ND1   . HIS A 1 148 ? 14.532  3.757   -13.903 1.00 28.01 ? 148  HIS A ND1   1 
ATOM   1174 C  CD2   . HIS A 1 148 ? 15.664  2.799   -15.493 1.00 22.67 ? 148  HIS A CD2   1 
ATOM   1175 C  CE1   . HIS A 1 148 ? 15.649  3.302   -13.357 1.00 20.28 ? 148  HIS A CE1   1 
ATOM   1176 N  NE2   . HIS A 1 148 ? 16.330  2.689   -14.292 1.00 21.18 ? 148  HIS A NE2   1 
ATOM   1177 N  N     . THR A 1 149 ? 10.767  5.167   -17.367 1.00 24.87 ? 149  THR A N     1 
ATOM   1178 C  CA    . THR A 1 149 ? 9.986   5.638   -18.476 1.00 27.48 ? 149  THR A CA    1 
ATOM   1179 C  C     . THR A 1 149 ? 9.074   6.819   -18.183 1.00 28.97 ? 149  THR A C     1 
ATOM   1180 O  O     . THR A 1 149 ? 9.002   7.746   -19.012 1.00 30.57 ? 149  THR A O     1 
ATOM   1181 C  CB    . THR A 1 149 ? 9.083   4.477   -19.007 1.00 26.42 ? 149  THR A CB    1 
ATOM   1182 O  OG1   . THR A 1 149 ? 9.936   3.491   -19.605 1.00 32.52 ? 149  THR A OG1   1 
ATOM   1183 C  CG2   . THR A 1 149 ? 8.066   4.941   -20.023 1.00 32.65 ? 149  THR A CG2   1 
ATOM   1184 N  N     . ARG A 1 150 ? 8.358   6.795   -17.087 1.00 28.24 ? 150  ARG A N     1 
ATOM   1185 C  CA    . ARG A 1 150 ? 7.404   7.813   -16.706 1.00 28.66 ? 150  ARG A CA    1 
ATOM   1186 C  C     . ARG A 1 150 ? 8.033   9.032   -16.063 1.00 26.62 ? 150  ARG A C     1 
ATOM   1187 O  O     . ARG A 1 150 ? 7.382   10.081  -16.001 1.00 26.51 ? 150  ARG A O     1 
ATOM   1188 C  CB    . ARG A 1 150 ? 6.387   7.155   -15.732 1.00 31.74 ? 150  ARG A CB    1 
ATOM   1189 C  CG    . ARG A 1 150 ? 5.551   6.082   -16.436 1.00 40.56 ? 150  ARG A CG    1 
ATOM   1190 C  CD    . ARG A 1 150 ? 4.244   6.641   -16.969 1.00 43.51 ? 150  ARG A CD    1 
ATOM   1191 N  NE    . ARG A 1 150 ? 3.136   6.412   -16.044 1.00 46.90 ? 150  ARG A NE    1 
ATOM   1192 C  CZ    . ARG A 1 150 ? 2.019   7.124   -16.016 1.00 48.79 ? 150  ARG A CZ    1 
ATOM   1193 N  NH1   . ARG A 1 150 ? 1.888   8.192   -16.794 1.00 51.84 ? 150  ARG A NH1   1 
ATOM   1194 N  NH2   . ARG A 1 150 ? 1.051   6.825   -15.172 1.00 49.89 ? 150  ARG A NH2   1 
ATOM   1195 N  N     . ALA A 1 151 ? 9.257   8.922   -15.557 1.00 24.74 ? 151  ALA A N     1 
ATOM   1196 C  CA    . ALA A 1 151 ? 9.890   10.084  -14.924 1.00 25.85 ? 151  ALA A CA    1 
ATOM   1197 C  C     . ALA A 1 151 ? 9.107   10.641  -13.750 1.00 25.61 ? 151  ALA A C     1 
ATOM   1198 O  O     . ALA A 1 151 ? 8.860   11.861  -13.677 1.00 25.57 ? 151  ALA A O     1 
ATOM   1199 C  CB    . ALA A 1 151 ? 10.075  11.168  -15.992 1.00 24.21 ? 151  ALA A CB    1 
ATOM   1200 N  N     . PHE A 1 152 ? 8.660   9.786   -12.834 1.00 24.78 ? 152  PHE A N     1 
ATOM   1201 C  CA    . PHE A 1 152 ? 7.958   10.228  -11.650 1.00 24.22 ? 152  PHE A CA    1 
ATOM   1202 C  C     . PHE A 1 152 ? 8.941   10.992  -10.760 1.00 25.15 ? 152  PHE A C     1 
ATOM   1203 O  O     . PHE A 1 152 ? 10.077  10.509  -10.639 1.00 25.67 ? 152  PHE A O     1 
ATOM   1204 C  CB    . PHE A 1 152 ? 7.393   9.095   -10.813 1.00 27.88 ? 152  PHE A CB    1 
ATOM   1205 C  CG    . PHE A 1 152 ? 6.328   8.244   -11.420 1.00 23.29 ? 152  PHE A CG    1 
ATOM   1206 C  CD1   . PHE A 1 152 ? 5.006   8.621   -11.369 1.00 26.74 ? 152  PHE A CD1   1 
ATOM   1207 C  CD2   . PHE A 1 152 ? 6.657   7.042   -12.038 1.00 28.05 ? 152  PHE A CD2   1 
ATOM   1208 C  CE1   . PHE A 1 152 ? 4.016   7.820   -11.926 1.00 29.59 ? 152  PHE A CE1   1 
ATOM   1209 C  CE2   . PHE A 1 152 ? 5.676   6.244   -12.581 1.00 26.46 ? 152  PHE A CE2   1 
ATOM   1210 C  CZ    . PHE A 1 152 ? 4.350   6.630   -12.532 1.00 24.96 ? 152  PHE A CZ    1 
ATOM   1211 N  N     . ASP A 1 153 ? 8.542   12.084  -10.150 1.00 26.18 ? 153  ASP A N     1 
ATOM   1212 C  CA    . ASP A 1 153 ? 9.502   12.766  -9.251  1.00 27.91 ? 153  ASP A CA    1 
ATOM   1213 C  C     . ASP A 1 153 ? 9.892   11.847  -8.097  1.00 27.07 ? 153  ASP A C     1 
ATOM   1214 O  O     . ASP A 1 153 ? 9.112   10.966  -7.701  1.00 25.05 ? 153  ASP A O     1 
ATOM   1215 C  CB    . ASP A 1 153 ? 8.923   14.076  -8.745  1.00 34.82 ? 153  ASP A CB    1 
ATOM   1216 C  CG    . ASP A 1 153 ? 8.639   15.068  -9.861  1.00 41.24 ? 153  ASP A CG    1 
ATOM   1217 O  OD1   . ASP A 1 153 ? 9.592   15.643  -10.430 1.00 42.63 ? 153  ASP A OD1   1 
ATOM   1218 O  OD2   . ASP A 1 153 ? 7.450   15.286  -10.175 1.00 43.01 ? 153  ASP A OD2   1 
ATOM   1219 N  N     . LYS A 1 154 ? 11.092  12.031  -7.558  1.00 26.75 ? 154  LYS A N     1 
ATOM   1220 C  CA    . LYS A 1 154 ? 11.525  11.214  -6.414  1.00 27.74 ? 154  LYS A CA    1 
ATOM   1221 C  C     . LYS A 1 154 ? 10.847  11.737  -5.158  1.00 25.64 ? 154  LYS A C     1 
ATOM   1222 O  O     . LYS A 1 154 ? 10.453  12.908  -5.117  1.00 26.92 ? 154  LYS A O     1 
ATOM   1223 C  CB    . LYS A 1 154 ? 13.049  11.192  -6.297  1.00 34.11 ? 154  LYS A CB    1 
ATOM   1224 C  CG    . LYS A 1 154 ? 13.647  10.496  -7.520  1.00 40.69 ? 154  LYS A CG    1 
ATOM   1225 C  CD    . LYS A 1 154 ? 15.107  10.143  -7.325  1.00 41.63 ? 154  LYS A CD    1 
ATOM   1226 C  CE    . LYS A 1 154 ? 15.605  9.351   -8.532  1.00 44.88 ? 154  LYS A CE    1 
ATOM   1227 N  NZ    . LYS A 1 154 ? 17.017  8.911   -8.349  1.00 46.59 ? 154  LYS A NZ    1 
ATOM   1228 N  N     . LEU A 1 155 ? 10.682  10.899  -4.141  1.00 23.46 ? 155  LEU A N     1 
ATOM   1229 C  CA    . LEU A 1 155 ? 9.970   11.324  -2.947  1.00 20.39 ? 155  LEU A CA    1 
ATOM   1230 C  C     . LEU A 1 155 ? 10.884  11.763  -1.810  1.00 18.39 ? 155  LEU A C     1 
ATOM   1231 O  O     . LEU A 1 155 ? 11.986  11.272  -1.668  1.00 18.59 ? 155  LEU A O     1 
ATOM   1232 C  CB    . LEU A 1 155 ? 9.077   10.166  -2.464  1.00 17.90 ? 155  LEU A CB    1 
ATOM   1233 C  CG    . LEU A 1 155 ? 8.110   9.521   -3.454  1.00 18.46 ? 155  LEU A CG    1 
ATOM   1234 C  CD1   . LEU A 1 155 ? 7.347   8.379   -2.757  1.00 17.54 ? 155  LEU A CD1   1 
ATOM   1235 C  CD2   . LEU A 1 155 ? 7.130   10.507  -4.065  1.00 19.60 ? 155  LEU A CD2   1 
ATOM   1236 N  N     . ASN A 1 156 ? 10.405  12.675  -0.982  1.00 17.31 ? 156  ASN A N     1 
ATOM   1237 C  CA    . ASN A 1 156 ? 11.087  13.128  0.207   1.00 16.88 ? 156  ASN A CA    1 
ATOM   1238 C  C     . ASN A 1 156 ? 10.776  12.164  1.351   1.00 15.48 ? 156  ASN A C     1 
ATOM   1239 O  O     . ASN A 1 156 ? 9.733   11.507  1.280   1.00 11.99 ? 156  ASN A O     1 
ATOM   1240 C  CB    . ASN A 1 156 ? 10.641  14.505  0.674   1.00 25.26 ? 156  ASN A CB    1 
ATOM   1241 C  CG    . ASN A 1 156 ? 10.998  15.607  -0.303  1.00 32.73 ? 156  ASN A CG    1 
ATOM   1242 O  OD1   . ASN A 1 156 ? 12.172  15.735  -0.638  1.00 33.56 ? 156  ASN A OD1   1 
ATOM   1243 N  ND2   . ASN A 1 156 ? 10.017  16.374  -0.749  1.00 31.32 ? 156  ASN A ND2   1 
ATOM   1244 N  N     . LYS A 1 157 ? 11.609  12.126  2.376   1.00 16.74 ? 157  LYS A N     1 
ATOM   1245 C  CA    . LYS A 1 157 ? 11.315  11.240  3.501   1.00 16.46 ? 157  LYS A CA    1 
ATOM   1246 C  C     . LYS A 1 157 ? 10.619  11.989  4.607   1.00 16.79 ? 157  LYS A C     1 
ATOM   1247 O  O     . LYS A 1 157 ? 10.793  13.193  4.728   1.00 17.53 ? 157  LYS A O     1 
ATOM   1248 C  CB    . LYS A 1 157 ? 12.609  10.575  4.014   1.00 22.71 ? 157  LYS A CB    1 
ATOM   1249 C  CG    . LYS A 1 157 ? 13.025  9.613   2.881   1.00 23.75 ? 157  LYS A CG    1 
ATOM   1250 C  CD    . LYS A 1 157 ? 14.029  8.598   3.309   1.00 31.55 ? 157  LYS A CD    1 
ATOM   1251 C  CE    . LYS A 1 157 ? 14.423  7.756   2.077   1.00 30.14 ? 157  LYS A CE    1 
ATOM   1252 N  NZ    . LYS A 1 157 ? 15.611  6.932   2.425   1.00 33.01 ? 157  LYS A NZ    1 
ATOM   1253 N  N     . TRP A 1 158 ? 9.827   11.257  5.375   1.00 15.87 ? 158  TRP A N     1 
ATOM   1254 C  CA    . TRP A 1 158 ? 9.122   11.786  6.517   1.00 14.85 ? 158  TRP A CA    1 
ATOM   1255 C  C     . TRP A 1 158 ? 10.172  12.162  7.553   1.00 15.17 ? 158  TRP A C     1 
ATOM   1256 O  O     . TRP A 1 158 ? 10.024  13.084  8.366   1.00 17.82 ? 158  TRP A O     1 
ATOM   1257 C  CB    . TRP A 1 158 ? 8.136   10.755  7.063   1.00 15.37 ? 158  TRP A CB    1 
ATOM   1258 C  CG    . TRP A 1 158 ? 7.205   11.297  8.112   1.00 17.10 ? 158  TRP A CG    1 
ATOM   1259 C  CD1   . TRP A 1 158 ? 7.403   11.349  9.465   1.00 13.37 ? 158  TRP A CD1   1 
ATOM   1260 C  CD2   . TRP A 1 158 ? 5.913   11.859  7.868   1.00 12.83 ? 158  TRP A CD2   1 
ATOM   1261 N  NE1   . TRP A 1 158 ? 6.313   11.921  10.070  1.00 15.47 ? 158  TRP A NE1   1 
ATOM   1262 C  CE2   . TRP A 1 158 ? 5.382   12.245  9.107   1.00 12.86 ? 158  TRP A CE2   1 
ATOM   1263 C  CE3   . TRP A 1 158 ? 5.151   12.075  6.699   1.00 13.84 ? 158  TRP A CE3   1 
ATOM   1264 C  CZ2   . TRP A 1 158 ? 4.126   12.844  9.238   1.00 15.34 ? 158  TRP A CZ2   1 
ATOM   1265 C  CZ3   . TRP A 1 158 ? 3.930   12.696  6.821   1.00 14.12 ? 158  TRP A CZ3   1 
ATOM   1266 C  CH2   . TRP A 1 158 ? 3.414   13.047  8.085   1.00 15.48 ? 158  TRP A CH2   1 
ATOM   1267 O  OXT   . TRP A 1 158 ? 11.118  11.357  7.695   1.00 14.47 ? 158  TRP A OXT   1 
HETATM 1268 P  PG    . ATP B 2 .   ? -8.064  3.865   -4.101  1.00 14.98 ? 200  ATP A PG    1 
HETATM 1269 O  O1G   . ATP B 2 .   ? -6.604  3.803   -3.948  1.00 14.01 ? 200  ATP A O1G   1 
HETATM 1270 O  O2G   . ATP B 2 .   ? -8.428  4.507   -5.387  1.00 13.48 ? 200  ATP A O2G   1 
HETATM 1271 O  O3G   . ATP B 2 .   ? -8.605  2.481   -4.070  1.00 16.16 ? 200  ATP A O3G   1 
HETATM 1272 P  PB    . ATP B 2 .   ? -8.878  4.334   -1.394  1.00 17.71 ? 200  ATP A PB    1 
HETATM 1273 O  O1B   . ATP B 2 .   ? -8.960  5.486   -0.494  1.00 20.59 ? 200  ATP A O1B   1 
HETATM 1274 O  O2B   . ATP B 2 .   ? -7.817  3.424   -1.086  1.00 15.08 ? 200  ATP A O2B   1 
HETATM 1275 O  O3B   . ATP B 2 .   ? -8.753  4.725   -2.946  1.00 15.75 ? 200  ATP A O3B   1 
HETATM 1276 P  PA    . ATP B 2 .   ? -10.759 2.609   -0.194  1.00 17.50 ? 200  ATP A PA    1 
HETATM 1277 O  O1A   . ATP B 2 .   ? -9.858  2.318   0.870   1.00 11.54 ? 200  ATP A O1A   1 
HETATM 1278 O  O2A   . ATP B 2 .   ? -11.934 3.206   0.553   1.00 14.20 ? 200  ATP A O2A   1 
HETATM 1279 O  O3A   . ATP B 2 .   ? -10.253 3.507   -1.410  1.00 15.18 ? 200  ATP A O3A   1 
HETATM 1280 O  "O5'" . ATP B 2 .   ? -11.220 1.357   -1.051  1.00 20.50 ? 200  ATP A "O5'" 1 
HETATM 1281 C  "C5'" . ATP B 2 .   ? -11.853 0.294   -0.351  1.00 21.21 ? 200  ATP A "C5'" 1 
HETATM 1282 C  "C4'" . ATP B 2 .   ? -12.665 -0.505  -1.398  1.00 18.74 ? 200  ATP A "C4'" 1 
HETATM 1283 O  "O4'" . ATP B 2 .   ? -11.759 -0.947  -2.418  1.00 20.34 ? 200  ATP A "O4'" 1 
HETATM 1284 C  "C3'" . ATP B 2 .   ? -13.267 -1.720  -0.716  1.00 23.43 ? 200  ATP A "C3'" 1 
HETATM 1285 O  "O3'" . ATP B 2 .   ? -14.608 -1.918  -1.256  1.00 34.49 ? 200  ATP A "O3'" 1 
HETATM 1286 C  "C2'" . ATP B 2 .   ? -12.250 -2.832  -1.164  1.00 20.31 ? 200  ATP A "C2'" 1 
HETATM 1287 O  "O2'" . ATP B 2 .   ? -13.059 -4.030  -1.328  1.00 19.31 ? 200  ATP A "O2'" 1 
HETATM 1288 C  "C1'" . ATP B 2 .   ? -11.863 -2.324  -2.580  1.00 18.98 ? 200  ATP A "C1'" 1 
HETATM 1289 N  N9    . ATP B 2 .   ? -10.622 -2.875  -3.090  1.00 15.97 ? 200  ATP A N9    1 
HETATM 1290 C  C8    . ATP B 2 .   ? -10.413 -3.353  -4.339  1.00 11.82 ? 200  ATP A C8    1 
HETATM 1291 N  N7    . ATP B 2 .   ? -9.197  -3.698  -4.630  1.00 15.86 ? 200  ATP A N7    1 
HETATM 1292 C  C5    . ATP B 2 .   ? -8.535  -3.458  -3.523  1.00 12.19 ? 200  ATP A C5    1 
HETATM 1293 C  C6    . ATP B 2 .   ? -7.197  -3.631  -3.252  1.00 15.01 ? 200  ATP A C6    1 
HETATM 1294 N  N6    . ATP B 2 .   ? -6.280  -4.105  -4.092  1.00 14.58 ? 200  ATP A N6    1 
HETATM 1295 N  N1    . ATP B 2 .   ? -6.774  -3.302  -2.009  1.00 15.16 ? 200  ATP A N1    1 
HETATM 1296 C  C2    . ATP B 2 .   ? -7.683  -2.803  -1.101  1.00 15.27 ? 200  ATP A C2    1 
HETATM 1297 N  N3    . ATP B 2 .   ? -8.974  -2.595  -1.289  1.00 14.89 ? 200  ATP A N3    1 
HETATM 1298 C  C4    . ATP B 2 .   ? -9.349  -2.940  -2.532  1.00 13.97 ? 200  ATP A C4    1 
HETATM 1299 N  N2    . 87Y C 3 .   ? -0.742  9.381   -0.832  1.00 7.79  ? 201  87Y A N2    1 
HETATM 1300 C  C3    . 87Y C 3 .   ? -1.787  8.524   -0.750  1.00 10.29 ? 201  87Y A C3    1 
HETATM 1301 O  O8    . 87Y C 3 .   ? -1.616  7.470   -0.061  1.00 9.92  ? 201  87Y A O8    1 
HETATM 1302 C  C7    . 87Y C 3 .   ? -2.939  8.874   -1.574  1.00 10.87 ? 201  87Y A C7    1 
HETATM 1303 N  N10   . 87Y C 3 .   ? -4.051  7.997   -1.628  1.00 12.74 ? 201  87Y A N10   1 
HETATM 1304 C  C12   . 87Y C 3 .   ? -5.132  8.328   -2.221  1.00 13.48 ? 201  87Y A C12   1 
HETATM 1305 C  C15   . 87Y C 3 .   ? -6.435  7.575   -2.207  1.00 16.76 ? 201  87Y A C15   1 
HETATM 1306 O  O16   . 87Y C 3 .   ? -5.963  6.267   -1.965  1.00 19.97 ? 201  87Y A O16   1 
HETATM 1307 C  C11   . 87Y C 3 .   ? -5.353  9.666   -2.885  1.00 14.39 ? 201  87Y A C11   1 
HETATM 1308 C  C14   . 87Y C 3 .   ? -6.200  9.744   -4.127  1.00 14.42 ? 201  87Y A C14   1 
HETATM 1309 C  C13   . 87Y C 3 .   ? -6.209  10.354  -1.708  1.00 10.34 ? 201  87Y A C13   1 
HETATM 1310 N  N9    . 87Y C 3 .   ? -4.147  10.510  -2.870  1.00 13.18 ? 201  87Y A N9    1 
HETATM 1311 C  C6    . 87Y C 3 .   ? -3.061  10.062  -2.219  1.00 11.45 ? 201  87Y A C6    1 
HETATM 1312 N  N4    . 87Y C 3 .   ? -1.894  10.865  -2.179  1.00 10.33 ? 201  87Y A N4    1 
HETATM 1313 C  C1    . 87Y C 3 .   ? -0.797  10.497  -1.562  1.00 9.31  ? 201  87Y A C1    1 
HETATM 1314 N  N5    . 87Y C 3 .   ? 0.269   11.279  -1.639  1.00 8.19  ? 201  87Y A N5    1 
HETATM 1315 C  C17   . 87Y C 3 .   ? -5.335  8.991   -5.202  1.00 17.14 ? 201  87Y A C17   1 
HETATM 1316 C  C18   . 87Y C 3 .   ? -5.913  9.410   -6.529  1.00 21.01 ? 201  87Y A C18   1 
HETATM 1317 C  C19   . 87Y C 3 .   ? -7.200  9.106   -6.935  1.00 22.71 ? 201  87Y A C19   1 
HETATM 1318 C  C20   . 87Y C 3 .   ? -7.774  9.445   -8.163  1.00 24.35 ? 201  87Y A C20   1 
HETATM 1319 C  C21   . 87Y C 3 .   ? -6.968  10.156  -9.064  1.00 25.10 ? 201  87Y A C21   1 
HETATM 1320 C  C22   . 87Y C 3 .   ? -5.664  10.457  -8.655  1.00 23.39 ? 201  87Y A C22   1 
HETATM 1321 C  C23   . 87Y C 3 .   ? -5.082  10.113  -7.429  1.00 22.62 ? 201  87Y A C23   1 
HETATM 1322 MG MG    . MG  D 4 .   ? -5.469  3.709   -1.608  1.00 17.30 ? 202  MG  A MG    1 
HETATM 1323 MG MG    . MG  E 4 .   ? -7.638  1.485   0.248   1.00 23.64 ? 203  MG  A MG    1 
HETATM 1324 O  O     . HOH F 5 .   ? -1.879  -17.652 -0.122  1.00 22.09 ? 2001 HOH A O     1 
HETATM 1325 O  O     . HOH F 5 .   ? 4.667   -15.308 -3.802  1.00 25.68 ? 2002 HOH A O     1 
HETATM 1326 O  O     . HOH F 5 .   ? -2.708  18.489  9.263   1.00 48.28 ? 2003 HOH A O     1 
HETATM 1327 O  O     . HOH F 5 .   ? -5.451  17.255  10.290  1.00 46.62 ? 2004 HOH A O     1 
HETATM 1328 O  O     . HOH F 5 .   ? 2.412   14.595  12.276  1.00 33.84 ? 2005 HOH A O     1 
HETATM 1329 O  O     . HOH F 5 .   ? -2.238  15.207  9.412   1.00 29.18 ? 2006 HOH A O     1 
HETATM 1330 O  O     . HOH F 5 .   ? -5.423  15.280  12.202  1.00 30.02 ? 2007 HOH A O     1 
HETATM 1331 O  O     . HOH F 5 .   ? -1.793  14.543  12.284  1.00 25.25 ? 2008 HOH A O     1 
HETATM 1332 O  O     . HOH F 5 .   ? -2.958  13.171  16.744  1.00 45.64 ? 2009 HOH A O     1 
HETATM 1333 O  O     . HOH F 5 .   ? -6.241  -24.228 8.878   1.00 46.06 ? 2010 HOH A O     1 
HETATM 1334 O  O     . HOH F 5 .   ? 3.134   11.933  12.914  1.00 16.26 ? 2011 HOH A O     1 
HETATM 1335 O  O     . HOH F 5 .   ? 0.260   8.847   21.406  1.00 40.22 ? 2012 HOH A O     1 
HETATM 1336 O  O     . HOH F 5 .   ? 0.430   12.289  19.601  1.00 57.64 ? 2013 HOH A O     1 
HETATM 1337 O  O     . HOH F 5 .   ? 1.176   3.672   17.148  1.00 44.47 ? 2014 HOH A O     1 
HETATM 1338 O  O     . HOH F 5 .   ? 5.109   12.905  -5.369  1.00 40.89 ? 2015 HOH A O     1 
HETATM 1339 O  O     . HOH F 5 .   ? 8.488   0.079   14.132  1.00 37.91 ? 2016 HOH A O     1 
HETATM 1340 O  O     . HOH F 5 .   ? 5.983   -0.596  14.789  1.00 28.17 ? 2017 HOH A O     1 
HETATM 1341 O  O     . HOH F 5 .   ? -1.389  -1.987  16.549  1.00 20.50 ? 2018 HOH A O     1 
HETATM 1342 O  O     . HOH F 5 .   ? 5.751   -5.450  13.050  1.00 36.87 ? 2019 HOH A O     1 
HETATM 1343 O  O     . HOH F 5 .   ? 4.911   -6.666  18.498  1.00 63.03 ? 2020 HOH A O     1 
HETATM 1344 O  O     . HOH F 5 .   ? 7.127   -3.275  14.138  1.00 41.53 ? 2021 HOH A O     1 
HETATM 1345 O  O     . HOH F 5 .   ? 3.428   -7.565  15.538  1.00 42.02 ? 2022 HOH A O     1 
HETATM 1346 O  O     . HOH F 5 .   ? -3.715  -7.903  13.380  1.00 23.60 ? 2023 HOH A O     1 
HETATM 1347 O  O     . HOH F 5 .   ? 1.550   -13.467 12.459  1.00 29.17 ? 2024 HOH A O     1 
HETATM 1348 O  O     . HOH F 5 .   ? 3.166   -17.977 5.880   1.00 29.80 ? 2025 HOH A O     1 
HETATM 1349 O  O     . HOH F 5 .   ? -3.967  -23.087 9.044   1.00 50.50 ? 2026 HOH A O     1 
HETATM 1350 O  O     . HOH F 5 .   ? -0.788  -17.820 12.764  1.00 38.86 ? 2027 HOH A O     1 
HETATM 1351 O  O     . HOH F 5 .   ? -4.034  0.563   17.270  1.00 44.73 ? 2028 HOH A O     1 
HETATM 1352 O  O     . HOH F 5 .   ? 5.987   -10.183 11.125  1.00 26.80 ? 2029 HOH A O     1 
HETATM 1353 O  O     . HOH F 5 .   ? 11.593  1.507   7.604   1.00 34.60 ? 2030 HOH A O     1 
HETATM 1354 O  O     . HOH F 5 .   ? 14.704  5.454   6.239   1.00 35.11 ? 2031 HOH A O     1 
HETATM 1355 O  O     . HOH F 5 .   ? 15.717  2.307   5.971   1.00 58.75 ? 2032 HOH A O     1 
HETATM 1356 O  O     . HOH F 5 .   ? 12.377  6.119   6.986   1.00 10.94 ? 2033 HOH A O     1 
HETATM 1357 O  O     . HOH F 5 .   ? 4.371   17.343  5.865   1.00 49.48 ? 2034 HOH A O     1 
HETATM 1358 O  O     . HOH F 5 .   ? 7.743   13.515  -1.618  1.00 21.04 ? 2035 HOH A O     1 
HETATM 1359 O  O     . HOH F 5 .   ? -7.386  -3.103  -13.435 1.00 37.47 ? 2036 HOH A O     1 
HETATM 1360 O  O     . HOH F 5 .   ? -14.901 -13.571 -4.335  1.00 51.31 ? 2037 HOH A O     1 
HETATM 1361 O  O     . HOH F 5 .   ? -13.630 -12.873 -2.038  1.00 45.51 ? 2038 HOH A O     1 
HETATM 1362 O  O     . HOH F 5 .   ? 2.666   12.481  -4.546  1.00 30.24 ? 2039 HOH A O     1 
HETATM 1363 O  O     . HOH F 5 .   ? -2.525  -3.858  -13.709 1.00 43.48 ? 2040 HOH A O     1 
HETATM 1364 O  O     . HOH F 5 .   ? -3.452  15.490  -8.391  1.00 47.18 ? 2041 HOH A O     1 
HETATM 1365 O  O     . HOH F 5 .   ? -2.236  1.065   -15.677 1.00 46.52 ? 2042 HOH A O     1 
HETATM 1366 O  O     . HOH F 5 .   ? -1.988  20.600  -0.395  1.00 18.31 ? 2043 HOH A O     1 
HETATM 1367 O  O     . HOH F 5 .   ? 0.274   19.968  -2.243  1.00 43.38 ? 2044 HOH A O     1 
HETATM 1368 O  O     . HOH F 5 .   ? -7.541  22.538  -2.464  1.00 33.24 ? 2045 HOH A O     1 
HETATM 1369 O  O     . HOH F 5 .   ? -12.024 18.130  -1.232  1.00 42.44 ? 2046 HOH A O     1 
HETATM 1370 O  O     . HOH F 5 .   ? -10.204 16.331  0.132   1.00 42.61 ? 2047 HOH A O     1 
HETATM 1371 O  O     . HOH F 5 .   ? -1.028  19.142  1.793   1.00 16.08 ? 2048 HOH A O     1 
HETATM 1372 O  O     . HOH F 5 .   ? 13.678  -3.341  -15.555 1.00 64.24 ? 2049 HOH A O     1 
HETATM 1373 O  O     . HOH F 5 .   ? 2.370   20.485  4.541   1.00 60.47 ? 2050 HOH A O     1 
HETATM 1374 O  O     . HOH F 5 .   ? 0.448   15.320  7.351   1.00 23.97 ? 2051 HOH A O     1 
HETATM 1375 O  O     . HOH F 5 .   ? 0.522   18.784  5.460   1.00 21.61 ? 2052 HOH A O     1 
HETATM 1376 O  O     . HOH F 5 .   ? 2.061   19.555  0.135   1.00 25.58 ? 2053 HOH A O     1 
HETATM 1377 O  O     . HOH F 5 .   ? 5.595   17.426  1.220   1.00 53.14 ? 2054 HOH A O     1 
HETATM 1378 O  O     . HOH F 5 .   ? -0.914  4.196   -0.605  1.00 17.43 ? 2055 HOH A O     1 
HETATM 1379 O  O     . HOH F 5 .   ? 9.602   17.201  2.893   1.00 44.59 ? 2056 HOH A O     1 
HETATM 1380 O  O     . HOH F 5 .   ? 5.932   -17.372 -1.603  1.00 41.76 ? 2057 HOH A O     1 
HETATM 1381 O  O     . HOH F 5 .   ? 3.531   -19.037 3.222   1.00 38.23 ? 2058 HOH A O     1 
HETATM 1382 O  O     . HOH F 5 .   ? -4.501  -20.555 4.872   1.00 34.41 ? 2059 HOH A O     1 
HETATM 1383 O  O     . HOH F 5 .   ? 1.679   -20.424 7.136   1.00 30.28 ? 2060 HOH A O     1 
HETATM 1384 O  O     . HOH F 5 .   ? -10.232 -19.053 -1.545  1.00 41.03 ? 2061 HOH A O     1 
HETATM 1385 O  O     . HOH F 5 .   ? -10.419 -13.613 -4.311  1.00 51.02 ? 2062 HOH A O     1 
HETATM 1386 O  O     . HOH F 5 .   ? -6.728  -20.077 3.824   1.00 45.86 ? 2063 HOH A O     1 
HETATM 1387 O  O     . HOH F 5 .   ? -13.759 -14.601 3.083   1.00 54.57 ? 2064 HOH A O     1 
HETATM 1388 O  O     . HOH F 5 .   ? -13.010 -7.177  8.307   1.00 25.15 ? 2065 HOH A O     1 
HETATM 1389 O  O     . HOH F 5 .   ? -11.941 -0.967  7.064   1.00 35.12 ? 2066 HOH A O     1 
HETATM 1390 O  O     . HOH F 5 .   ? -14.179 -6.388  6.201   1.00 35.80 ? 2067 HOH A O     1 
HETATM 1391 O  O     . HOH F 5 .   ? -7.913  -0.263  1.896   1.00 9.90  ? 2068 HOH A O     1 
HETATM 1392 O  O     . HOH F 5 .   ? -13.376 2.762   12.468  1.00 36.19 ? 2069 HOH A O     1 
HETATM 1393 O  O     . HOH F 5 .   ? -3.819  -1.346  14.974  1.00 27.87 ? 2070 HOH A O     1 
HETATM 1394 O  O     . HOH F 5 .   ? -6.814  6.495   14.947  1.00 28.78 ? 2071 HOH A O     1 
HETATM 1395 O  O     . HOH F 5 .   ? -11.483 8.830   10.488  1.00 26.52 ? 2072 HOH A O     1 
HETATM 1396 O  O     . HOH F 5 .   ? -12.225 6.954   3.971   1.00 43.14 ? 2073 HOH A O     1 
HETATM 1397 O  O     . HOH F 5 .   ? -13.657 1.222   7.737   1.00 38.15 ? 2074 HOH A O     1 
HETATM 1398 O  O     . HOH F 5 .   ? -13.277 8.404   8.754   1.00 43.85 ? 2075 HOH A O     1 
HETATM 1399 O  O     . HOH F 5 .   ? -20.207 6.916   5.892   1.00 47.59 ? 2076 HOH A O     1 
HETATM 1400 O  O     . HOH F 5 .   ? -15.945 2.342   7.306   1.00 55.91 ? 2077 HOH A O     1 
HETATM 1401 O  O     . HOH F 5 .   ? -14.489 6.882   1.899   1.00 43.67 ? 2078 HOH A O     1 
HETATM 1402 O  O     . HOH F 5 .   ? -13.269 10.438  1.592   1.00 45.75 ? 2079 HOH A O     1 
HETATM 1403 O  O     . HOH F 5 .   ? -13.344 11.259  -2.979  1.00 51.93 ? 2080 HOH A O     1 
HETATM 1404 O  O     . HOH F 5 .   ? -12.046 10.548  4.150   1.00 39.41 ? 2081 HOH A O     1 
HETATM 1405 O  O     . HOH F 5 .   ? -11.566 8.516   6.310   1.00 30.51 ? 2082 HOH A O     1 
HETATM 1406 O  O     . HOH F 5 .   ? -10.084 8.068   8.545   1.00 21.99 ? 2083 HOH A O     1 
HETATM 1407 O  O     . HOH F 5 .   ? -3.909  6.276   1.329   1.00 11.78 ? 2084 HOH A O     1 
HETATM 1408 O  O     . HOH F 5 .   ? -2.413  2.472   0.797   1.00 9.97  ? 2085 HOH A O     1 
HETATM 1409 O  O     . HOH F 5 .   ? -7.672  -2.968  3.478   1.00 14.33 ? 2086 HOH A O     1 
HETATM 1410 O  O     . HOH F 5 .   ? 0.979   -16.504 -7.467  1.00 48.47 ? 2087 HOH A O     1 
HETATM 1411 O  O     . HOH F 5 .   ? -6.444  -15.888 -6.419  1.00 64.75 ? 2088 HOH A O     1 
HETATM 1412 O  O     . HOH F 5 .   ? -0.481  -9.899  -8.042  1.00 13.97 ? 2089 HOH A O     1 
HETATM 1413 O  O     . HOH F 5 .   ? -4.374  -15.179 -11.580 1.00 36.50 ? 2090 HOH A O     1 
HETATM 1414 O  O     . HOH F 5 .   ? -14.002 -11.171 -12.812 1.00 29.65 ? 2091 HOH A O     1 
HETATM 1415 O  O     . HOH F 5 .   ? -9.997  -4.684  -13.465 1.00 40.96 ? 2092 HOH A O     1 
HETATM 1416 O  O     . HOH F 5 .   ? -10.879 -12.825 -10.495 1.00 25.52 ? 2093 HOH A O     1 
HETATM 1417 O  O     . HOH F 5 .   ? -6.827  -6.991  -12.115 1.00 23.42 ? 2094 HOH A O     1 
HETATM 1418 O  O     . HOH F 5 .   ? -12.430 -11.361 -4.177  1.00 35.15 ? 2095 HOH A O     1 
HETATM 1419 O  O     . HOH F 5 .   ? -16.806 -9.865  -4.735  1.00 49.44 ? 2096 HOH A O     1 
HETATM 1420 O  O     . HOH F 5 .   ? -21.707 -8.935  -8.169  1.00 45.63 ? 2097 HOH A O     1 
HETATM 1421 O  O     . HOH F 5 .   ? -11.714 -4.932  -11.483 1.00 35.04 ? 2098 HOH A O     1 
HETATM 1422 O  O     . HOH F 5 .   ? -7.614  -2.130  -6.953  1.00 14.07 ? 2099 HOH A O     1 
HETATM 1423 O  O     . HOH F 5 .   ? -12.592 -4.421  -7.161  1.00 34.80 ? 2100 HOH A O     1 
HETATM 1424 O  O     . HOH F 5 .   ? -5.549  -4.568  -12.097 1.00 19.19 ? 2101 HOH A O     1 
HETATM 1425 O  O     . HOH F 5 .   ? -2.249  -1.861  -12.106 1.00 30.20 ? 2102 HOH A O     1 
HETATM 1426 O  O     . HOH F 5 .   ? -7.567  6.529   -8.887  1.00 43.43 ? 2103 HOH A O     1 
HETATM 1427 O  O     . HOH F 5 .   ? -6.010  3.662   -13.562 1.00 33.75 ? 2104 HOH A O     1 
HETATM 1428 O  O     . HOH F 5 .   ? -2.170  0.556   -12.657 1.00 20.67 ? 2105 HOH A O     1 
HETATM 1429 O  O     . HOH F 5 .   ? -1.719  6.662   -17.581 1.00 59.15 ? 2106 HOH A O     1 
HETATM 1430 O  O     . HOH F 5 .   ? 2.593   10.127  -8.986  1.00 26.16 ? 2107 HOH A O     1 
HETATM 1431 O  O     . HOH F 5 .   ? 3.222   10.348  -6.137  1.00 31.20 ? 2108 HOH A O     1 
HETATM 1432 O  O     . HOH F 5 .   ? 2.237   3.725   -0.567  1.00 17.90 ? 2109 HOH A O     1 
HETATM 1433 O  O     . HOH F 5 .   ? 15.843  -0.342  -5.034  1.00 24.53 ? 2110 HOH A O     1 
HETATM 1434 O  O     . HOH F 5 .   ? 13.883  -6.142  0.054   1.00 47.96 ? 2111 HOH A O     1 
HETATM 1435 O  O     . HOH F 5 .   ? 11.875  -4.074  -11.887 1.00 18.91 ? 2112 HOH A O     1 
HETATM 1436 O  O     . HOH F 5 .   ? 13.830  -5.061  -13.874 1.00 35.00 ? 2113 HOH A O     1 
HETATM 1437 O  O     . HOH F 5 .   ? 13.703  -7.324  -6.324  1.00 30.08 ? 2114 HOH A O     1 
HETATM 1438 O  O     . HOH F 5 .   ? 8.843   -10.228 -9.602  1.00 33.08 ? 2115 HOH A O     1 
HETATM 1439 O  O     . HOH F 5 .   ? 4.206   -9.997  -9.948  1.00 41.18 ? 2116 HOH A O     1 
HETATM 1440 O  O     . HOH F 5 .   ? 5.470   -12.023 -13.979 1.00 40.67 ? 2117 HOH A O     1 
HETATM 1441 O  O     . HOH F 5 .   ? -0.261  -6.390  -14.437 1.00 33.19 ? 2118 HOH A O     1 
HETATM 1442 O  O     . HOH F 5 .   ? 8.771   -3.627  -18.921 1.00 26.04 ? 2119 HOH A O     1 
HETATM 1443 O  O     . HOH F 5 .   ? 17.759  -0.507  -6.753  1.00 44.07 ? 2120 HOH A O     1 
HETATM 1444 O  O     . HOH F 5 .   ? 17.557  2.194   -11.289 1.00 50.04 ? 2121 HOH A O     1 
HETATM 1445 O  O     . HOH F 5 .   ? 13.656  0.039   -18.953 1.00 48.48 ? 2122 HOH A O     1 
HETATM 1446 O  O     . HOH F 5 .   ? 12.728  8.166   -12.962 1.00 43.81 ? 2123 HOH A O     1 
HETATM 1447 O  O     . HOH F 5 .   ? 0.515   9.605   -13.714 1.00 52.66 ? 2124 HOH A O     1 
HETATM 1448 O  O     . HOH F 5 .   ? 8.758   17.529  -12.247 1.00 59.31 ? 2125 HOH A O     1 
HETATM 1449 O  O     . HOH F 5 .   ? 6.153   10.880  -7.556  1.00 30.62 ? 2126 HOH A O     1 
HETATM 1450 O  O     . HOH F 5 .   ? 5.438   12.301  -10.211 1.00 36.11 ? 2127 HOH A O     1 
HETATM 1451 O  O     . HOH F 5 .   ? 12.806  13.987  -9.074  1.00 48.49 ? 2128 HOH A O     1 
HETATM 1452 O  O     . HOH F 5 .   ? 13.742  8.826   -2.585  1.00 49.81 ? 2129 HOH A O     1 
HETATM 1453 O  O     . HOH F 5 .   ? 11.781  8.408   -4.467  1.00 31.33 ? 2130 HOH A O     1 
HETATM 1454 O  O     . HOH F 5 .   ? 14.065  13.898  2.014   1.00 42.34 ? 2131 HOH A O     1 
HETATM 1455 O  O     . HOH F 5 .   ? 10.026  15.526  5.167   1.00 41.60 ? 2132 HOH A O     1 
HETATM 1456 O  O     . HOH F 5 .   ? 13.488  12.025  8.603   1.00 25.90 ? 2133 HOH A O     1 
HETATM 1457 O  O     . HOH F 5 .   ? 10.740  13.184  10.966  1.00 21.41 ? 2134 HOH A O     1 
HETATM 1458 O  O     . HOH F 5 .   ? 11.553  8.677   6.974   1.00 14.38 ? 2135 HOH A O     1 
HETATM 1459 O  O     . HOH F 5 .   ? -8.751  0.375   -1.744  1.00 18.28 ? 2136 HOH A O     1 
HETATM 1460 O  O     . HOH F 5 .   ? -8.426  -0.497  -5.108  1.00 25.71 ? 2137 HOH A O     1 
HETATM 1461 O  O     . HOH F 5 .   ? -12.277 5.873   0.956   1.00 30.41 ? 2138 HOH A O     1 
HETATM 1462 O  O     . HOH F 5 .   ? -14.558 -5.085  0.771   1.00 26.31 ? 2139 HOH A O     1 
HETATM 1463 O  O     . HOH F 5 .   ? -9.883  -2.018  1.537   1.00 16.16 ? 2140 HOH A O     1 
HETATM 1464 O  O     . HOH F 5 .   ? -3.283  5.059   -1.907  1.00 14.81 ? 2141 HOH A O     1 
# 
